data_1LI1
#
_entry.id   1LI1
#
_cell.length_a   234.589
_cell.length_b   234.589
_cell.length_c   99.492
_cell.angle_alpha   90.00
_cell.angle_beta   90.00
_cell.angle_gamma   120.00
#
_symmetry.space_group_name_H-M   'H 3'
#
loop_
_entity.id
_entity.type
_entity.pdbx_description
1 polymer 'Collagen alpha 1(IV)'
2 polymer 'Collagen alpha 2(IV)'
3 non-polymer 'ACETATE ION'
4 water water
#
loop_
_entity_poly.entity_id
_entity_poly.type
_entity_poly.pdbx_seq_one_letter_code
_entity_poly.pdbx_strand_id
1 'polypeptide(L)'
;SVDHGFLVTRHSQTIDDPQCPSGTKILYHGYSLLYVQGNERAHGQDLGTAGSCLRKFSTMPFLFCNINNVCNFASRNDYS
YWLSTPEPMPMSMAPITGENIRPFISRCAVCEAPAMVMAVHSQTIQIPPCPSGWSSLWIGYSFVMHTSAGAEGSGQALAS
PGSCLEEFRSAPFIECHGRGTCNYYANAYSFWLATIERSEMFKKPTPSTLKAGELRTHVSRCQVCMRRT
;
A,B,D,E
2 'polypeptide(L)'
;SVSIGYLLVKHSQTDQEPMCPVGMNKLWSGYSLLYFEGQEKAHNQDLGLAGSCLARFSTMPFLYCNPGDVCYYASRNDKS
YWLSTTAPLPMMPVAEDEIKPYISRCSVCEAPAIAIAVHSQDVSIPHCPAGWRSLWIGYSFLMHTAAGDEGGGQSLVSPG
SCLEDFRATPFIECNGGRGTCHYYANKYSFWLTTIPEQSFQGSPSADTLKAGLIRTHISRCQVCMKNL
;
C,F
#
loop_
_chem_comp.id
_chem_comp.type
_chem_comp.name
_chem_comp.formula
ACT non-polymer 'ACETATE ION' 'C2 H3 O2 -1'
#
# COMPACT_ATOMS: atom_id res chain seq x y z
N VAL A 2 -28.92 -25.01 -28.58
CA VAL A 2 -27.43 -25.09 -28.52
C VAL A 2 -26.89 -23.95 -27.65
N ASP A 3 -27.61 -23.67 -26.56
CA ASP A 3 -27.24 -22.62 -25.62
C ASP A 3 -26.30 -23.21 -24.56
N HIS A 4 -25.07 -22.71 -24.52
CA HIS A 4 -24.05 -23.19 -23.59
C HIS A 4 -24.01 -22.50 -22.23
N GLY A 5 -24.77 -21.41 -22.09
CA GLY A 5 -24.82 -20.70 -20.83
C GLY A 5 -24.01 -19.42 -20.75
N PHE A 6 -23.94 -18.68 -21.84
CA PHE A 6 -23.18 -17.44 -21.84
C PHE A 6 -24.01 -16.40 -21.12
N LEU A 7 -23.33 -15.59 -20.32
CA LEU A 7 -24.03 -14.56 -19.55
C LEU A 7 -23.52 -13.17 -19.83
N VAL A 8 -24.41 -12.19 -19.77
CA VAL A 8 -24.02 -10.80 -19.93
C VAL A 8 -24.82 -10.00 -18.91
N THR A 9 -24.14 -9.15 -18.17
CA THR A 9 -24.79 -8.34 -17.16
C THR A 9 -24.86 -6.92 -17.67
N ARG A 10 -26.01 -6.28 -17.47
CA ARG A 10 -26.21 -4.92 -17.91
C ARG A 10 -26.60 -4.06 -16.71
N HIS A 11 -26.15 -2.81 -16.70
CA HIS A 11 -26.43 -1.90 -15.60
C HIS A 11 -27.18 -0.69 -16.13
N SER A 12 -28.29 -0.35 -15.50
CA SER A 12 -29.07 0.77 -15.97
C SER A 12 -28.49 2.11 -15.56
N GLN A 13 -27.74 2.13 -14.47
CA GLN A 13 -27.21 3.37 -13.94
C GLN A 13 -28.37 4.28 -13.52
N THR A 14 -29.51 3.67 -13.21
CA THR A 14 -30.69 4.40 -12.72
C THR A 14 -31.38 3.48 -11.73
N ILE A 15 -32.47 3.95 -11.10
CA ILE A 15 -33.17 3.08 -10.17
C ILE A 15 -34.14 2.13 -10.88
N ASP A 16 -34.24 2.20 -12.20
CA ASP A 16 -35.09 1.26 -12.92
C ASP A 16 -34.26 0.08 -13.39
N ASP A 17 -34.89 -1.08 -13.52
CA ASP A 17 -34.16 -2.25 -14.01
C ASP A 17 -33.84 -2.09 -15.49
N PRO A 18 -32.61 -2.42 -15.91
CA PRO A 18 -32.27 -2.30 -17.34
C PRO A 18 -32.91 -3.52 -18.03
N GLN A 19 -33.23 -3.39 -19.31
CA GLN A 19 -33.82 -4.52 -20.04
C GLN A 19 -32.68 -5.37 -20.59
N CYS A 20 -32.88 -6.66 -20.72
CA CYS A 20 -31.85 -7.48 -21.31
C CYS A 20 -31.86 -7.07 -22.78
N PRO A 21 -30.68 -7.01 -23.42
CA PRO A 21 -30.61 -6.61 -24.83
C PRO A 21 -31.24 -7.62 -25.77
N SER A 22 -31.67 -7.16 -26.94
CA SER A 22 -32.31 -8.04 -27.90
C SER A 22 -31.43 -9.26 -28.18
N GLY A 23 -32.08 -10.42 -28.22
CA GLY A 23 -31.37 -11.64 -28.49
C GLY A 23 -30.96 -12.33 -27.20
N THR A 24 -31.18 -11.69 -26.06
CA THR A 24 -30.82 -12.31 -24.78
C THR A 24 -32.03 -12.54 -23.89
N LYS A 25 -31.87 -13.41 -22.91
CA LYS A 25 -32.96 -13.76 -22.01
C LYS A 25 -32.68 -13.32 -20.59
N ILE A 26 -33.64 -12.65 -19.96
CA ILE A 26 -33.45 -12.22 -18.59
C ILE A 26 -33.45 -13.39 -17.61
N LEU A 27 -32.50 -13.40 -16.67
CA LEU A 27 -32.45 -14.45 -15.63
C LEU A 27 -32.93 -13.81 -14.32
N TYR A 28 -32.34 -12.69 -13.94
CA TYR A 28 -32.76 -11.98 -12.73
C TYR A 28 -32.17 -10.57 -12.70
N HIS A 29 -32.62 -9.77 -11.74
CA HIS A 29 -32.15 -8.40 -11.62
C HIS A 29 -31.54 -8.21 -10.23
N GLY A 30 -30.92 -7.07 -10.02
CA GLY A 30 -30.34 -6.80 -8.72
C GLY A 30 -29.78 -5.39 -8.66
N TYR A 31 -28.86 -5.16 -7.73
CA TYR A 31 -28.21 -3.85 -7.54
C TYR A 31 -26.77 -3.94 -8.04
N SER A 32 -26.30 -2.85 -8.66
CA SER A 32 -24.98 -2.78 -9.24
C SER A 32 -23.79 -2.62 -8.27
N LEU A 33 -23.14 -3.72 -7.93
CA LEU A 33 -21.98 -3.67 -7.03
C LEU A 33 -20.70 -3.47 -7.85
N LEU A 34 -19.90 -2.48 -7.50
CA LEU A 34 -18.64 -2.20 -8.21
C LEU A 34 -17.47 -2.89 -7.49
N TYR A 35 -17.35 -2.64 -6.20
CA TYR A 35 -16.31 -3.28 -5.38
C TYR A 35 -16.53 -3.06 -3.90
N VAL A 36 -15.73 -3.77 -3.10
CA VAL A 36 -15.81 -3.65 -1.65
C VAL A 36 -14.39 -3.44 -1.15
N GLN A 37 -14.26 -2.93 0.07
CA GLN A 37 -12.96 -2.69 0.65
C GLN A 37 -13.07 -3.20 2.08
N GLY A 38 -12.29 -4.23 2.40
CA GLY A 38 -12.31 -4.80 3.75
C GLY A 38 -10.87 -4.81 4.28
N ASN A 39 -10.70 -4.37 5.52
CA ASN A 39 -9.36 -4.29 6.13
C ASN A 39 -8.44 -3.53 5.18
N GLU A 40 -8.99 -2.47 4.58
CA GLU A 40 -8.31 -1.55 3.69
C GLU A 40 -7.90 -2.09 2.33
N ARG A 41 -8.39 -3.25 1.98
CA ARG A 41 -8.06 -3.80 0.67
C ARG A 41 -9.29 -3.85 -0.22
N ALA A 42 -9.14 -3.38 -1.44
CA ALA A 42 -10.26 -3.39 -2.40
C ALA A 42 -10.33 -4.71 -3.18
N HIS A 43 -11.55 -5.16 -3.43
CA HIS A 43 -11.77 -6.34 -4.25
C HIS A 43 -13.01 -6.00 -5.11
N GLY A 44 -12.83 -5.97 -6.42
CA GLY A 44 -13.93 -5.63 -7.31
C GLY A 44 -14.61 -6.79 -8.02
N GLN A 45 -15.72 -6.46 -8.69
CA GLN A 45 -16.47 -7.44 -9.45
C GLN A 45 -16.56 -6.86 -10.85
N ASP A 46 -16.20 -7.62 -11.86
CA ASP A 46 -16.25 -7.11 -13.23
C ASP A 46 -17.70 -6.81 -13.57
N LEU A 47 -17.96 -5.58 -14.00
CA LEU A 47 -19.32 -5.16 -14.31
C LEU A 47 -20.02 -5.94 -15.41
N GLY A 48 -19.26 -6.70 -16.18
CA GLY A 48 -19.87 -7.49 -17.23
C GLY A 48 -20.30 -8.86 -16.70
N THR A 49 -19.97 -9.16 -15.44
CA THR A 49 -20.33 -10.46 -14.85
C THR A 49 -21.44 -10.36 -13.81
N ALA A 50 -22.10 -11.48 -13.57
CA ALA A 50 -23.22 -11.54 -12.64
C ALA A 50 -22.78 -11.20 -11.22
N GLY A 51 -21.48 -11.26 -10.96
CA GLY A 51 -20.96 -10.97 -9.64
C GLY A 51 -21.13 -9.51 -9.28
N SER A 52 -21.36 -8.67 -10.30
CA SER A 52 -21.57 -7.25 -10.05
C SER A 52 -23.06 -6.97 -9.90
N CYS A 53 -23.89 -8.01 -9.87
CA CYS A 53 -25.33 -7.82 -9.75
C CYS A 53 -25.87 -8.62 -8.56
N LEU A 54 -25.98 -7.96 -7.41
CA LEU A 54 -26.45 -8.63 -6.20
C LEU A 54 -27.94 -8.41 -5.96
N ARG A 55 -28.61 -9.45 -5.49
CA ARG A 55 -30.04 -9.36 -5.24
C ARG A 55 -30.38 -8.38 -4.11
N LYS A 56 -29.48 -8.24 -3.14
CA LYS A 56 -29.75 -7.33 -2.03
C LYS A 56 -28.70 -6.25 -1.85
N PHE A 57 -29.16 -5.04 -1.54
CA PHE A 57 -28.24 -3.95 -1.31
C PHE A 57 -28.01 -3.80 0.18
N SER A 58 -26.84 -3.28 0.54
CA SER A 58 -26.51 -2.93 1.91
C SER A 58 -25.25 -2.09 1.87
N THR A 59 -25.10 -1.12 2.76
CA THR A 59 -23.87 -0.34 2.77
C THR A 59 -22.76 -1.30 3.27
N MET A 60 -23.15 -2.40 3.93
CA MET A 60 -22.17 -3.38 4.42
C MET A 60 -22.69 -4.77 4.04
N PRO A 61 -22.39 -5.20 2.81
CA PRO A 61 -22.84 -6.49 2.32
C PRO A 61 -22.00 -7.69 2.74
N PHE A 62 -20.97 -7.46 3.56
CA PHE A 62 -20.13 -8.57 3.97
C PHE A 62 -19.76 -8.49 5.45
N LEU A 63 -19.19 -9.57 5.95
CA LEU A 63 -18.69 -9.64 7.33
C LEU A 63 -17.34 -10.33 7.26
N PHE A 64 -16.55 -10.30 8.34
CA PHE A 64 -15.27 -10.99 8.30
C PHE A 64 -15.11 -11.86 9.54
N CYS A 65 -14.33 -12.92 9.40
CA CYS A 65 -14.13 -13.90 10.48
C CYS A 65 -12.66 -14.17 10.66
N ASN A 66 -12.28 -14.63 11.85
CA ASN A 66 -10.87 -14.89 12.15
C ASN A 66 -10.66 -16.33 12.60
N ILE A 67 -9.41 -16.69 12.80
CA ILE A 67 -9.09 -18.06 13.20
C ILE A 67 -9.59 -18.40 14.61
N ASN A 68 -10.06 -17.41 15.35
CA ASN A 68 -10.56 -17.65 16.70
C ASN A 68 -12.06 -17.93 16.69
N ASN A 69 -12.61 -18.17 15.50
CA ASN A 69 -14.04 -18.44 15.34
C ASN A 69 -14.92 -17.32 15.84
N VAL A 70 -14.54 -16.10 15.49
CA VAL A 70 -15.30 -14.91 15.82
C VAL A 70 -15.51 -14.21 14.49
N CYS A 71 -16.74 -13.78 14.23
CA CYS A 71 -17.01 -13.03 13.00
C CYS A 71 -17.58 -11.69 13.46
N ASN A 72 -17.27 -10.65 12.70
CA ASN A 72 -17.72 -9.30 13.02
C ASN A 72 -18.42 -8.74 11.79
N PHE A 73 -19.61 -8.20 12.01
CA PHE A 73 -20.38 -7.61 10.91
C PHE A 73 -20.57 -6.13 11.23
N ALA A 74 -20.19 -5.27 10.28
CA ALA A 74 -20.33 -3.82 10.42
C ALA A 74 -19.72 -3.37 11.74
N SER A 75 -18.63 -4.00 12.12
CA SER A 75 -17.99 -3.69 13.39
C SER A 75 -16.54 -3.22 13.28
N ARG A 76 -16.23 -2.54 12.18
CA ARG A 76 -14.90 -1.95 12.01
C ARG A 76 -15.02 -0.70 11.15
N ASN A 77 -14.32 -0.62 10.03
CA ASN A 77 -14.33 0.61 9.20
C ASN A 77 -14.20 0.19 7.75
N ASP A 78 -15.19 -0.51 7.22
CA ASP A 78 -15.10 -0.99 5.85
C ASP A 78 -16.04 -0.29 4.87
N TYR A 79 -15.85 -0.58 3.60
CA TYR A 79 -16.59 0.10 2.53
C TYR A 79 -17.23 -0.82 1.49
N SER A 80 -18.23 -0.26 0.80
CA SER A 80 -18.85 -0.93 -0.34
C SER A 80 -19.06 0.19 -1.38
N TYR A 81 -18.88 -0.15 -2.65
CA TYR A 81 -19.02 0.84 -3.73
C TYR A 81 -20.01 0.29 -4.74
N TRP A 82 -20.94 1.15 -5.17
CA TRP A 82 -21.99 0.71 -6.07
C TRP A 82 -22.11 1.69 -7.23
N LEU A 83 -22.47 1.21 -8.42
CA LEU A 83 -22.68 2.11 -9.54
C LEU A 83 -23.85 2.98 -9.10
N SER A 84 -23.84 4.24 -9.49
CA SER A 84 -24.88 5.13 -9.04
C SER A 84 -25.77 5.65 -10.17
N THR A 85 -26.77 6.40 -9.76
CA THR A 85 -27.76 6.97 -10.67
C THR A 85 -27.47 8.44 -10.87
N PRO A 86 -28.31 9.14 -11.66
CA PRO A 86 -28.11 10.57 -11.91
C PRO A 86 -28.52 11.44 -10.71
N GLU A 87 -29.04 10.81 -9.66
CA GLU A 87 -29.50 11.56 -8.49
C GLU A 87 -28.43 12.53 -7.99
N PRO A 88 -28.77 13.83 -7.90
CA PRO A 88 -27.77 14.80 -7.44
C PRO A 88 -27.38 14.68 -5.99
N MET A 89 -26.14 15.02 -5.70
CA MET A 89 -25.63 14.98 -4.34
C MET A 89 -26.40 16.05 -3.56
N PRO A 90 -26.82 15.73 -2.33
CA PRO A 90 -27.57 16.69 -1.51
C PRO A 90 -26.81 18.03 -1.42
N MET A 91 -27.56 19.13 -1.35
CA MET A 91 -26.95 20.45 -1.28
C MET A 91 -25.97 20.57 -0.10
N SER A 92 -26.27 19.91 1.00
CA SER A 92 -25.39 19.96 2.17
C SER A 92 -24.06 19.29 1.87
N MET A 93 -24.07 18.38 0.91
CA MET A 93 -22.88 17.63 0.54
C MET A 93 -22.46 16.69 1.68
N ALA A 94 -23.36 16.47 2.64
CA ALA A 94 -23.06 15.57 3.75
C ALA A 94 -23.51 14.15 3.41
N PRO A 95 -22.99 13.15 4.13
CA PRO A 95 -23.34 11.74 3.88
C PRO A 95 -24.85 11.45 3.86
N ILE A 96 -25.24 10.54 2.97
CA ILE A 96 -26.61 10.13 2.78
C ILE A 96 -26.79 8.85 3.61
N THR A 97 -27.94 8.68 4.25
CA THR A 97 -28.16 7.48 5.06
C THR A 97 -29.55 6.89 4.91
N GLY A 98 -29.67 5.62 5.28
CA GLY A 98 -30.96 4.97 5.27
C GLY A 98 -31.72 4.96 3.96
N GLU A 99 -33.00 5.28 4.06
CA GLU A 99 -33.86 5.29 2.88
C GLU A 99 -33.41 6.30 1.85
N ASN A 100 -32.71 7.32 2.32
CA ASN A 100 -32.25 8.34 1.38
C ASN A 100 -31.22 7.82 0.40
N ILE A 101 -30.67 6.64 0.68
CA ILE A 101 -29.69 6.05 -0.21
C ILE A 101 -30.35 5.44 -1.46
N ARG A 102 -31.57 4.92 -1.29
CA ARG A 102 -32.26 4.23 -2.39
C ARG A 102 -32.19 4.89 -3.78
N PRO A 103 -32.47 6.19 -3.87
CA PRO A 103 -32.44 6.88 -5.17
C PRO A 103 -31.08 6.89 -5.87
N PHE A 104 -30.02 6.60 -5.11
CA PHE A 104 -28.67 6.65 -5.65
C PHE A 104 -28.06 5.37 -6.21
N ILE A 105 -28.66 4.22 -5.91
CA ILE A 105 -28.11 2.94 -6.33
C ILE A 105 -28.65 2.40 -7.65
N SER A 106 -27.73 2.13 -8.56
CA SER A 106 -28.04 1.58 -9.88
C SER A 106 -28.55 0.14 -9.82
N ARG A 107 -29.36 -0.24 -10.81
CA ARG A 107 -29.90 -1.61 -10.91
C ARG A 107 -29.22 -2.32 -12.07
N CYS A 108 -29.31 -3.64 -12.09
CA CYS A 108 -28.69 -4.43 -13.14
C CYS A 108 -29.56 -5.61 -13.50
N ALA A 109 -29.25 -6.21 -14.65
CA ALA A 109 -29.95 -7.39 -15.12
C ALA A 109 -28.89 -8.40 -15.51
N VAL A 110 -29.09 -9.65 -15.12
CA VAL A 110 -28.19 -10.73 -15.52
C VAL A 110 -28.97 -11.42 -16.64
N CYS A 111 -28.37 -11.45 -17.83
CA CYS A 111 -29.03 -12.01 -19.00
C CYS A 111 -28.24 -13.18 -19.62
N GLU A 112 -28.95 -14.16 -20.17
CA GLU A 112 -28.29 -15.29 -20.81
C GLU A 112 -28.28 -15.03 -22.30
N ALA A 113 -27.11 -15.17 -22.91
CA ALA A 113 -26.92 -14.93 -24.34
C ALA A 113 -26.73 -16.25 -25.06
N PRO A 114 -27.22 -16.36 -26.31
CA PRO A 114 -27.06 -17.62 -27.04
C PRO A 114 -25.63 -17.83 -27.50
N ALA A 115 -24.86 -16.75 -27.54
CA ALA A 115 -23.47 -16.84 -27.95
C ALA A 115 -22.56 -15.96 -27.10
N MET A 116 -21.27 -16.04 -27.34
CA MET A 116 -20.27 -15.25 -26.62
C MET A 116 -20.55 -13.75 -26.78
N VAL A 117 -20.36 -12.99 -25.70
CA VAL A 117 -20.57 -11.56 -25.74
C VAL A 117 -19.27 -10.85 -25.42
N MET A 118 -18.99 -9.74 -26.10
CA MET A 118 -17.74 -9.01 -25.84
C MET A 118 -17.92 -7.55 -26.09
N ALA A 119 -16.94 -6.76 -25.66
CA ALA A 119 -16.94 -5.34 -25.87
C ALA A 119 -15.77 -5.06 -26.79
N VAL A 120 -15.91 -4.03 -27.61
CA VAL A 120 -14.86 -3.58 -28.50
C VAL A 120 -14.81 -2.08 -28.28
N HIS A 121 -13.61 -1.52 -28.34
CA HIS A 121 -13.41 -0.10 -28.12
C HIS A 121 -12.80 0.51 -29.35
N SER A 122 -13.17 1.75 -29.63
CA SER A 122 -12.64 2.43 -30.81
C SER A 122 -11.38 3.26 -30.52
N GLN A 123 -11.27 3.77 -29.31
CA GLN A 123 -10.18 4.65 -28.93
C GLN A 123 -10.31 5.95 -29.72
N THR A 124 -11.54 6.25 -30.13
CA THR A 124 -11.84 7.50 -30.83
C THR A 124 -13.23 7.88 -30.38
N ILE A 125 -13.71 9.04 -30.83
CA ILE A 125 -15.05 9.45 -30.44
C ILE A 125 -16.12 8.73 -31.29
N GLN A 126 -15.68 7.88 -32.21
CA GLN A 126 -16.61 7.15 -33.07
C GLN A 126 -16.97 5.79 -32.44
N ILE A 127 -18.19 5.32 -32.69
CA ILE A 127 -18.58 4.01 -32.16
C ILE A 127 -17.85 2.93 -32.95
N PRO A 128 -17.19 2.00 -32.26
CA PRO A 128 -16.48 0.94 -33.01
C PRO A 128 -17.51 -0.05 -33.52
N PRO A 129 -17.35 -0.52 -34.77
CA PRO A 129 -18.33 -1.48 -35.27
C PRO A 129 -18.11 -2.86 -34.65
N CYS A 130 -19.15 -3.66 -34.59
CA CYS A 130 -19.01 -5.00 -34.05
C CYS A 130 -18.27 -5.83 -35.09
N PRO A 131 -17.54 -6.87 -34.65
CA PRO A 131 -16.82 -7.70 -35.62
C PRO A 131 -17.80 -8.28 -36.65
N SER A 132 -17.30 -8.61 -37.83
CA SER A 132 -18.15 -9.17 -38.88
C SER A 132 -18.81 -10.42 -38.33
N GLY A 133 -20.13 -10.52 -38.47
CA GLY A 133 -20.84 -11.69 -37.99
C GLY A 133 -21.35 -11.56 -36.56
N TRP A 134 -21.08 -10.42 -35.95
CA TRP A 134 -21.54 -10.16 -34.57
C TRP A 134 -22.58 -9.06 -34.61
N SER A 135 -23.55 -9.13 -33.71
CA SER A 135 -24.60 -8.11 -33.65
C SER A 135 -24.47 -7.25 -32.39
N SER A 136 -25.05 -6.05 -32.44
CA SER A 136 -24.97 -5.11 -31.33
C SER A 136 -25.94 -5.32 -30.17
N LEU A 137 -25.43 -5.20 -28.94
CA LEU A 137 -26.29 -5.30 -27.77
C LEU A 137 -26.48 -3.87 -27.25
N TRP A 138 -25.39 -3.10 -27.16
CA TRP A 138 -25.48 -1.70 -26.74
C TRP A 138 -24.19 -0.99 -27.03
N ILE A 139 -24.23 0.34 -26.98
CA ILE A 139 -23.04 1.16 -27.20
C ILE A 139 -22.79 1.95 -25.92
N GLY A 140 -21.58 2.44 -25.75
CA GLY A 140 -21.29 3.20 -24.54
C GLY A 140 -19.94 3.88 -24.55
N TYR A 141 -19.40 4.09 -23.35
CA TYR A 141 -18.13 4.74 -23.15
C TYR A 141 -17.17 3.77 -22.49
N SER A 142 -15.91 3.83 -22.88
CA SER A 142 -14.87 2.92 -22.43
C SER A 142 -14.40 3.18 -21.00
N PHE A 143 -14.97 2.43 -20.07
CA PHE A 143 -14.70 2.53 -18.64
C PHE A 143 -13.68 1.43 -18.24
N VAL A 144 -12.51 1.83 -17.75
CA VAL A 144 -11.50 0.83 -17.44
C VAL A 144 -11.10 0.57 -15.98
N MET A 145 -11.00 1.62 -15.17
CA MET A 145 -10.70 1.38 -13.75
C MET A 145 -11.14 2.56 -12.90
N HIS A 146 -10.97 2.44 -11.59
CA HIS A 146 -11.41 3.48 -10.70
C HIS A 146 -10.66 3.33 -9.38
N THR A 147 -10.60 4.42 -8.63
CA THR A 147 -9.97 4.40 -7.31
C THR A 147 -10.77 5.35 -6.42
N SER A 148 -10.67 5.16 -5.10
CA SER A 148 -11.35 6.05 -4.20
C SER A 148 -10.55 6.11 -2.91
N ALA A 149 -11.18 5.81 -1.79
CA ALA A 149 -10.47 5.88 -0.52
C ALA A 149 -9.15 5.10 -0.54
N GLY A 150 -8.09 5.75 -0.06
CA GLY A 150 -6.76 5.12 0.00
C GLY A 150 -6.20 4.83 -1.38
N ALA A 151 -6.81 5.37 -2.42
CA ALA A 151 -6.39 5.14 -3.80
C ALA A 151 -6.53 3.64 -4.11
N GLU A 152 -7.46 2.99 -3.43
CA GLU A 152 -7.72 1.58 -3.66
C GLU A 152 -8.86 1.56 -4.69
N GLY A 153 -8.99 0.45 -5.41
CA GLY A 153 -10.07 0.35 -6.38
C GLY A 153 -9.95 -0.93 -7.16
N SER A 154 -10.47 -0.94 -8.37
CA SER A 154 -10.41 -2.12 -9.22
C SER A 154 -10.75 -1.64 -10.62
N GLY A 155 -10.95 -2.58 -11.53
CA GLY A 155 -11.25 -2.16 -12.89
C GLY A 155 -11.97 -3.20 -13.71
N GLN A 156 -12.06 -2.92 -15.00
CA GLN A 156 -12.78 -3.79 -15.92
C GLN A 156 -11.84 -4.42 -16.95
N ALA A 157 -12.21 -5.60 -17.44
CA ALA A 157 -11.46 -6.31 -18.49
C ALA A 157 -11.91 -5.58 -19.76
N LEU A 158 -10.96 -5.17 -20.59
CA LEU A 158 -11.34 -4.40 -21.78
C LEU A 158 -12.17 -5.11 -22.86
N ALA A 159 -12.31 -6.43 -22.77
CA ALA A 159 -13.16 -7.14 -23.73
C ALA A 159 -14.48 -7.56 -23.04
N SER A 160 -14.63 -7.17 -21.77
CA SER A 160 -15.86 -7.48 -21.03
C SER A 160 -16.88 -6.38 -21.24
N PRO A 161 -18.18 -6.73 -21.28
CA PRO A 161 -19.23 -5.72 -21.48
C PRO A 161 -19.14 -4.71 -20.33
N GLY A 162 -18.51 -5.11 -19.24
CA GLY A 162 -18.37 -4.21 -18.10
C GLY A 162 -17.52 -2.99 -18.38
N SER A 163 -16.67 -3.07 -19.40
CA SER A 163 -15.84 -1.92 -19.74
C SER A 163 -16.61 -0.95 -20.65
N CYS A 164 -17.86 -1.24 -20.89
CA CYS A 164 -18.65 -0.37 -21.78
C CYS A 164 -19.89 0.14 -21.05
N LEU A 165 -19.77 1.27 -20.37
CA LEU A 165 -20.89 1.87 -19.64
C LEU A 165 -21.73 2.70 -20.61
N GLU A 166 -23.03 2.46 -20.60
CA GLU A 166 -23.93 3.15 -21.52
C GLU A 166 -24.08 4.64 -21.28
N GLU A 167 -23.96 5.06 -20.03
CA GLU A 167 -24.08 6.49 -19.71
C GLU A 167 -22.78 6.97 -19.13
N PHE A 168 -22.17 7.96 -19.77
CA PHE A 168 -20.93 8.50 -19.24
C PHE A 168 -21.31 9.32 -17.99
N ARG A 169 -20.51 9.18 -16.94
CA ARG A 169 -20.74 9.91 -15.68
C ARG A 169 -19.35 10.21 -15.15
N SER A 170 -19.09 11.44 -14.69
CA SER A 170 -17.77 11.75 -14.13
C SER A 170 -17.65 11.04 -12.77
N ALA A 171 -18.81 10.71 -12.19
CA ALA A 171 -18.88 10.02 -10.89
C ALA A 171 -19.86 8.87 -11.08
N PRO A 172 -19.41 7.79 -11.73
CA PRO A 172 -20.30 6.65 -11.96
C PRO A 172 -20.60 5.75 -10.79
N PHE A 173 -19.91 5.98 -9.69
CA PHE A 173 -20.12 5.15 -8.50
C PHE A 173 -20.15 5.95 -7.21
N ILE A 174 -20.82 5.40 -6.21
CA ILE A 174 -20.93 6.07 -4.93
C ILE A 174 -20.23 5.21 -3.87
N GLU A 175 -19.69 5.87 -2.85
CA GLU A 175 -18.96 5.17 -1.79
C GLU A 175 -19.82 5.04 -0.55
N CYS A 176 -19.94 3.82 0.00
CA CYS A 176 -20.73 3.63 1.20
C CYS A 176 -19.84 3.02 2.26
N HIS A 177 -20.29 3.17 3.51
CA HIS A 177 -19.53 2.69 4.66
C HIS A 177 -20.35 1.76 5.55
N GLY A 178 -19.64 0.89 6.27
CA GLY A 178 -20.32 -0.04 7.16
C GLY A 178 -21.23 0.66 8.16
N ARG A 179 -20.90 1.90 8.49
CA ARG A 179 -21.73 2.60 9.47
C ARG A 179 -23.08 3.04 8.89
N GLY A 180 -23.27 2.85 7.59
CA GLY A 180 -24.56 3.17 6.97
C GLY A 180 -24.64 4.44 6.14
N THR A 181 -23.52 5.10 5.93
CA THR A 181 -23.48 6.33 5.15
C THR A 181 -22.97 6.07 3.73
N CYS A 182 -23.26 6.98 2.81
CA CYS A 182 -22.75 6.89 1.44
C CYS A 182 -22.54 8.33 1.02
N ASN A 183 -21.58 8.55 0.12
CA ASN A 183 -21.35 9.90 -0.39
C ASN A 183 -20.41 9.82 -1.55
N TYR A 184 -20.30 10.94 -2.26
CA TYR A 184 -19.35 11.08 -3.34
C TYR A 184 -18.18 11.82 -2.70
N TYR A 185 -16.96 11.44 -3.04
CA TYR A 185 -15.78 12.11 -2.50
C TYR A 185 -14.93 12.65 -3.66
N ALA A 186 -14.18 13.71 -3.38
CA ALA A 186 -13.33 14.34 -4.38
C ALA A 186 -12.29 13.42 -4.98
N ASN A 187 -11.85 12.39 -4.23
CA ASN A 187 -10.85 11.46 -4.77
C ASN A 187 -11.43 10.21 -5.41
N ALA A 188 -12.73 10.22 -5.71
CA ALA A 188 -13.37 9.08 -6.37
C ALA A 188 -13.05 9.32 -7.84
N TYR A 189 -12.04 8.64 -8.34
CA TYR A 189 -11.60 8.82 -9.70
C TYR A 189 -12.05 7.72 -10.62
N SER A 190 -12.59 8.09 -11.78
CA SER A 190 -13.01 7.11 -12.77
C SER A 190 -12.03 7.26 -13.95
N PHE A 191 -11.51 6.13 -14.43
CA PHE A 191 -10.54 6.13 -15.52
C PHE A 191 -11.19 5.56 -16.76
N TRP A 192 -11.00 6.25 -17.87
CA TRP A 192 -11.61 5.84 -19.14
C TRP A 192 -10.55 5.73 -20.22
N LEU A 193 -10.77 4.86 -21.21
CA LEU A 193 -9.83 4.80 -22.33
C LEU A 193 -9.96 6.15 -23.02
N ALA A 194 -8.83 6.71 -23.45
CA ALA A 194 -8.82 8.02 -24.11
C ALA A 194 -8.82 7.87 -25.63
N THR A 195 -9.10 8.97 -26.32
CA THR A 195 -9.09 8.95 -27.77
C THR A 195 -7.64 9.07 -28.18
N ILE A 196 -7.19 8.16 -29.04
CA ILE A 196 -5.81 8.17 -29.51
C ILE A 196 -5.84 8.17 -31.05
N GLU A 197 -5.17 9.14 -31.67
CA GLU A 197 -5.09 9.19 -33.14
C GLU A 197 -3.98 8.25 -33.57
N ARG A 198 -4.22 7.44 -34.59
CA ARG A 198 -3.20 6.50 -35.07
C ARG A 198 -1.85 7.18 -35.32
N SER A 199 -1.88 8.38 -35.87
CA SER A 199 -0.63 9.08 -36.15
C SER A 199 0.12 9.49 -34.89
N GLU A 200 -0.59 9.58 -33.77
CA GLU A 200 0.05 9.99 -32.54
C GLU A 200 0.32 8.86 -31.55
N MET A 201 0.13 7.62 -31.98
CA MET A 201 0.36 6.49 -31.09
C MET A 201 1.74 6.53 -30.43
N PHE A 202 2.78 6.83 -31.22
CA PHE A 202 4.12 6.87 -30.67
C PHE A 202 4.68 8.27 -30.54
N LYS A 203 3.81 9.20 -30.17
CA LYS A 203 4.20 10.58 -29.96
C LYS A 203 3.91 10.86 -28.49
N LYS A 204 4.59 11.84 -27.93
CA LYS A 204 4.36 12.23 -26.55
C LYS A 204 2.91 12.71 -26.50
N PRO A 205 2.12 12.20 -25.54
CA PRO A 205 0.72 12.63 -25.47
C PRO A 205 0.55 14.14 -25.26
N THR A 206 -0.50 14.70 -25.85
CA THR A 206 -0.81 16.11 -25.67
C THR A 206 -1.73 16.21 -24.45
N PRO A 207 -1.28 16.86 -23.36
CA PRO A 207 -2.09 17.00 -22.14
C PRO A 207 -3.36 17.77 -22.43
N SER A 208 -4.43 17.43 -21.74
CA SER A 208 -5.71 18.09 -21.92
C SER A 208 -6.50 18.15 -20.61
N THR A 209 -7.10 19.30 -20.31
CA THR A 209 -7.91 19.49 -19.11
C THR A 209 -9.32 19.77 -19.63
N LEU A 210 -10.28 18.94 -19.23
CA LEU A 210 -11.66 19.10 -19.70
C LEU A 210 -12.61 19.45 -18.56
N LYS A 211 -13.58 20.30 -18.85
CA LYS A 211 -14.56 20.71 -17.85
C LYS A 211 -15.97 20.37 -18.32
N ALA A 212 -16.95 20.55 -17.43
CA ALA A 212 -18.33 20.21 -17.74
C ALA A 212 -18.73 20.64 -19.14
N GLY A 213 -19.30 19.70 -19.88
CA GLY A 213 -19.73 20.01 -21.23
C GLY A 213 -18.83 19.44 -22.29
N GLU A 214 -17.54 19.30 -21.98
CA GLU A 214 -16.56 18.78 -22.93
C GLU A 214 -15.88 17.50 -22.45
N LEU A 215 -16.35 16.95 -21.34
CA LEU A 215 -15.73 15.76 -20.77
C LEU A 215 -15.58 14.59 -21.73
N ARG A 216 -16.63 14.32 -22.50
CA ARG A 216 -16.58 13.20 -23.42
C ARG A 216 -15.76 13.40 -24.68
N THR A 217 -15.26 14.60 -24.91
CA THR A 217 -14.49 14.84 -26.13
C THR A 217 -13.22 13.99 -26.25
N HIS A 218 -12.74 13.45 -25.14
CA HIS A 218 -11.55 12.61 -25.23
C HIS A 218 -11.81 11.19 -24.74
N VAL A 219 -13.08 10.84 -24.59
CA VAL A 219 -13.42 9.50 -24.10
C VAL A 219 -13.69 8.53 -25.23
N SER A 220 -12.97 7.41 -25.23
CA SER A 220 -13.15 6.36 -26.22
C SER A 220 -14.58 5.80 -26.13
N ARG A 221 -15.11 5.37 -27.27
CA ARG A 221 -16.44 4.78 -27.34
C ARG A 221 -16.31 3.27 -27.49
N CYS A 222 -17.40 2.56 -27.22
CA CYS A 222 -17.38 1.13 -27.31
C CYS A 222 -18.74 0.58 -27.71
N GLN A 223 -18.74 -0.67 -28.12
CA GLN A 223 -19.97 -1.34 -28.47
C GLN A 223 -19.86 -2.74 -27.89
N VAL A 224 -20.96 -3.26 -27.36
CA VAL A 224 -21.01 -4.61 -26.80
C VAL A 224 -21.68 -5.42 -27.88
N CYS A 225 -21.02 -6.53 -28.23
CA CYS A 225 -21.49 -7.37 -29.33
C CYS A 225 -21.64 -8.84 -28.98
N MET A 226 -22.51 -9.50 -29.72
CA MET A 226 -22.77 -10.92 -29.51
C MET A 226 -22.72 -11.65 -30.85
N ARG A 227 -22.08 -12.81 -30.85
CA ARG A 227 -21.96 -13.63 -32.05
C ARG A 227 -23.35 -14.04 -32.53
N ARG A 228 -23.63 -13.85 -33.82
CA ARG A 228 -24.93 -14.22 -34.39
C ARG A 228 -25.08 -15.74 -34.45
N THR A 229 -26.31 -16.21 -34.28
CA THR A 229 -26.63 -17.65 -34.30
C THR A 229 -25.63 -18.50 -33.53
N ASP B 3 -19.58 -30.34 -26.41
CA ASP B 3 -18.66 -29.88 -25.32
C ASP B 3 -17.58 -28.99 -25.92
N HIS B 4 -17.69 -27.68 -25.71
CA HIS B 4 -16.71 -26.75 -26.25
C HIS B 4 -15.49 -26.48 -25.39
N GLY B 5 -15.34 -27.24 -24.31
CA GLY B 5 -14.20 -27.07 -23.44
C GLY B 5 -14.44 -26.34 -22.13
N PHE B 6 -15.57 -26.60 -21.48
CA PHE B 6 -15.85 -25.91 -20.21
C PHE B 6 -15.27 -26.67 -19.02
N LEU B 7 -14.67 -25.94 -18.09
CA LEU B 7 -14.08 -26.55 -16.90
C LEU B 7 -14.78 -26.09 -15.62
N VAL B 8 -14.82 -26.97 -14.63
CA VAL B 8 -15.39 -26.63 -13.34
C VAL B 8 -14.37 -27.14 -12.34
N THR B 9 -14.03 -26.31 -11.36
CA THR B 9 -13.06 -26.68 -10.34
C THR B 9 -13.78 -26.79 -9.02
N ARG B 10 -13.47 -27.84 -8.26
CA ARG B 10 -14.11 -28.07 -6.98
C ARG B 10 -13.04 -28.31 -5.92
N HIS B 11 -13.27 -27.83 -4.70
CA HIS B 11 -12.33 -27.96 -3.61
C HIS B 11 -12.97 -28.72 -2.47
N SER B 12 -12.33 -29.79 -2.01
CA SER B 12 -12.87 -30.58 -0.92
C SER B 12 -12.73 -29.90 0.43
N GLN B 13 -11.70 -29.08 0.58
CA GLN B 13 -11.44 -28.45 1.86
C GLN B 13 -11.10 -29.55 2.89
N THR B 14 -10.57 -30.66 2.39
CA THR B 14 -10.14 -31.80 3.25
C THR B 14 -8.96 -32.44 2.55
N ILE B 15 -8.37 -33.46 3.17
CA ILE B 15 -7.23 -34.13 2.55
C ILE B 15 -7.65 -35.08 1.44
N ASP B 16 -8.95 -35.29 1.30
CA ASP B 16 -9.49 -36.18 0.28
C ASP B 16 -9.84 -35.46 -1.02
N ASP B 17 -9.57 -36.10 -2.15
CA ASP B 17 -9.89 -35.50 -3.44
C ASP B 17 -11.40 -35.34 -3.52
N PRO B 18 -11.88 -34.20 -4.06
CA PRO B 18 -13.32 -34.06 -4.16
C PRO B 18 -13.76 -34.82 -5.40
N GLN B 19 -15.03 -35.20 -5.48
CA GLN B 19 -15.54 -35.91 -6.65
C GLN B 19 -16.09 -34.86 -7.60
N CYS B 20 -15.98 -35.11 -8.91
CA CYS B 20 -16.54 -34.18 -9.89
C CYS B 20 -18.05 -34.16 -9.72
N PRO B 21 -18.66 -32.98 -9.89
CA PRO B 21 -20.11 -32.95 -9.74
C PRO B 21 -20.80 -33.70 -10.86
N SER B 22 -22.07 -34.00 -10.66
CA SER B 22 -22.88 -34.73 -11.62
C SER B 22 -22.81 -34.12 -13.02
N GLY B 23 -22.60 -34.95 -14.02
CA GLY B 23 -22.55 -34.46 -15.39
C GLY B 23 -21.22 -33.96 -15.89
N THR B 24 -20.17 -34.03 -15.07
CA THR B 24 -18.86 -33.57 -15.49
C THR B 24 -17.84 -34.71 -15.34
N LYS B 25 -16.72 -34.60 -16.05
CA LYS B 25 -15.70 -35.66 -16.00
C LYS B 25 -14.36 -35.16 -15.50
N ILE B 26 -13.71 -35.98 -14.68
CA ILE B 26 -12.43 -35.64 -14.08
C ILE B 26 -11.30 -35.45 -15.07
N LEU B 27 -10.52 -34.40 -14.87
CA LEU B 27 -9.35 -34.12 -15.71
C LEU B 27 -8.13 -34.37 -14.84
N TYR B 28 -8.12 -33.83 -13.62
CA TYR B 28 -7.01 -34.06 -12.70
C TYR B 28 -7.30 -33.55 -11.30
N HIS B 29 -6.55 -34.03 -10.31
CA HIS B 29 -6.72 -33.60 -8.93
C HIS B 29 -5.43 -32.88 -8.52
N GLY B 30 -5.55 -31.97 -7.56
CA GLY B 30 -4.38 -31.24 -7.12
C GLY B 30 -4.61 -30.68 -5.73
N TYR B 31 -3.85 -29.63 -5.42
CA TYR B 31 -3.92 -28.95 -4.14
C TYR B 31 -4.52 -27.57 -4.40
N SER B 32 -5.33 -27.11 -3.45
CA SER B 32 -6.05 -25.85 -3.54
C SER B 32 -5.21 -24.62 -3.23
N LEU B 33 -4.73 -23.96 -4.27
CA LEU B 33 -3.95 -22.74 -4.12
C LEU B 33 -4.92 -21.55 -4.06
N LEU B 34 -4.81 -20.74 -3.00
CA LEU B 34 -5.70 -19.57 -2.85
C LEU B 34 -5.06 -18.35 -3.50
N TYR B 35 -3.82 -18.05 -3.10
CA TYR B 35 -3.07 -16.95 -3.69
C TYR B 35 -1.60 -17.01 -3.31
N VAL B 36 -0.81 -16.17 -3.96
CA VAL B 36 0.60 -16.09 -3.64
C VAL B 36 0.88 -14.62 -3.37
N GLN B 37 2.02 -14.36 -2.75
CA GLN B 37 2.40 -13.00 -2.46
C GLN B 37 3.89 -12.93 -2.76
N GLY B 38 4.24 -12.18 -3.80
CA GLY B 38 5.62 -12.04 -4.22
C GLY B 38 6.04 -10.59 -4.19
N ASN B 39 7.19 -10.32 -3.59
CA ASN B 39 7.68 -8.95 -3.44
C ASN B 39 6.56 -8.05 -2.88
N GLU B 40 5.82 -8.59 -1.91
CA GLU B 40 4.76 -7.89 -1.22
C GLU B 40 3.52 -7.58 -2.04
N ARG B 41 3.34 -8.27 -3.16
CA ARG B 41 2.13 -8.07 -3.94
C ARG B 41 1.36 -9.39 -3.98
N ALA B 42 0.10 -9.37 -3.57
CA ALA B 42 -0.69 -10.58 -3.58
C ALA B 42 -1.26 -10.78 -4.97
N HIS B 43 -1.39 -12.04 -5.38
CA HIS B 43 -1.97 -12.36 -6.69
C HIS B 43 -2.73 -13.66 -6.49
N GLY B 44 -4.03 -13.62 -6.66
CA GLY B 44 -4.80 -14.83 -6.45
C GLY B 44 -5.16 -15.58 -7.71
N GLN B 45 -5.61 -16.81 -7.51
CA GLN B 45 -6.08 -17.68 -8.58
C GLN B 45 -7.54 -17.92 -8.19
N ASP B 46 -8.48 -17.41 -8.98
CA ASP B 46 -9.89 -17.60 -8.65
C ASP B 46 -10.19 -19.08 -8.36
N LEU B 47 -10.77 -19.34 -7.20
CA LEU B 47 -11.08 -20.70 -6.78
C LEU B 47 -12.04 -21.46 -7.71
N GLY B 48 -12.69 -20.73 -8.61
CA GLY B 48 -13.61 -21.38 -9.53
C GLY B 48 -12.88 -21.79 -10.82
N THR B 49 -11.60 -21.46 -10.91
CA THR B 49 -10.79 -21.77 -12.09
C THR B 49 -9.71 -22.82 -11.80
N ALA B 50 -9.24 -23.49 -12.86
CA ALA B 50 -8.22 -24.53 -12.74
C ALA B 50 -6.91 -24.00 -12.17
N GLY B 51 -6.70 -22.69 -12.31
CA GLY B 51 -5.49 -22.07 -11.78
C GLY B 51 -5.37 -22.22 -10.27
N SER B 52 -6.49 -22.50 -9.59
CA SER B 52 -6.46 -22.67 -8.13
C SER B 52 -6.24 -24.13 -7.77
N CYS B 53 -5.97 -24.96 -8.77
CA CYS B 53 -5.75 -26.37 -8.51
C CYS B 53 -4.41 -26.78 -9.12
N LEU B 54 -3.38 -26.86 -8.26
CA LEU B 54 -2.04 -27.21 -8.72
C LEU B 54 -1.71 -28.67 -8.44
N ARG B 55 -1.13 -29.31 -9.44
CA ARG B 55 -0.76 -30.72 -9.35
C ARG B 55 0.24 -30.95 -8.23
N LYS B 56 1.13 -30.00 -8.04
CA LYS B 56 2.14 -30.13 -7.00
C LYS B 56 2.12 -29.02 -5.97
N PHE B 57 2.25 -29.41 -4.72
CA PHE B 57 2.28 -28.47 -3.62
C PHE B 57 3.69 -28.06 -3.26
N SER B 58 3.83 -26.80 -2.89
CA SER B 58 5.10 -26.29 -2.41
C SER B 58 4.80 -25.02 -1.63
N THR B 59 5.55 -24.79 -0.57
CA THR B 59 5.36 -23.57 0.20
C THR B 59 5.87 -22.41 -0.63
N MET B 60 6.67 -22.71 -1.65
CA MET B 60 7.17 -21.66 -2.53
C MET B 60 7.18 -22.22 -3.95
N PRO B 61 6.00 -22.21 -4.60
CA PRO B 61 5.79 -22.71 -5.96
C PRO B 61 6.21 -21.82 -7.11
N PHE B 62 6.96 -20.76 -6.80
CA PHE B 62 7.41 -19.84 -7.84
C PHE B 62 8.75 -19.24 -7.48
N LEU B 63 9.35 -18.57 -8.47
CA LEU B 63 10.62 -17.89 -8.32
C LEU B 63 10.48 -16.57 -9.05
N PHE B 64 11.44 -15.68 -8.88
CA PHE B 64 11.38 -14.41 -9.57
C PHE B 64 12.71 -14.08 -10.25
N CYS B 65 12.64 -13.31 -11.31
CA CYS B 65 13.83 -12.96 -12.08
C CYS B 65 13.99 -11.47 -12.24
N ASN B 66 15.23 -10.99 -12.21
CA ASN B 66 15.51 -9.58 -12.31
C ASN B 66 16.04 -9.11 -13.66
N ILE B 67 16.28 -7.81 -13.75
CA ILE B 67 16.75 -7.18 -14.97
C ILE B 67 18.15 -7.64 -15.40
N ASN B 68 18.91 -8.23 -14.47
CA ASN B 68 20.25 -8.71 -14.81
C ASN B 68 20.21 -10.16 -15.28
N ASN B 69 19.01 -10.66 -15.53
CA ASN B 69 18.82 -12.02 -15.98
C ASN B 69 19.32 -13.00 -14.92
N VAL B 70 19.00 -12.68 -13.66
CA VAL B 70 19.34 -13.52 -12.53
C VAL B 70 18.02 -13.81 -11.80
N CYS B 71 17.76 -15.06 -11.49
CA CYS B 71 16.53 -15.40 -10.81
C CYS B 71 16.88 -15.91 -9.44
N ASN B 72 15.98 -15.71 -8.49
CA ASN B 72 16.19 -16.18 -7.13
C ASN B 72 15.01 -17.03 -6.74
N PHE B 73 15.30 -18.15 -6.07
CA PHE B 73 14.27 -19.05 -5.62
C PHE B 73 14.30 -19.17 -4.10
N ALA B 74 13.18 -18.82 -3.47
CA ALA B 74 13.00 -18.94 -2.03
C ALA B 74 13.98 -18.24 -1.10
N SER B 75 14.81 -17.34 -1.60
CA SER B 75 15.78 -16.68 -0.72
C SER B 75 15.17 -15.49 0.03
N ARG B 76 14.09 -14.95 -0.51
CA ARG B 76 13.48 -13.79 0.11
C ARG B 76 12.35 -14.11 1.08
N ASN B 77 11.39 -13.21 1.21
CA ASN B 77 10.29 -13.44 2.14
C ASN B 77 8.95 -13.36 1.44
N ASP B 78 8.70 -14.34 0.57
CA ASP B 78 7.44 -14.39 -0.15
C ASP B 78 6.52 -15.44 0.45
N TYR B 79 5.27 -15.45 -0.01
CA TYR B 79 4.28 -16.35 0.55
C TYR B 79 3.46 -17.10 -0.48
N SER B 80 2.85 -18.18 -0.02
CA SER B 80 1.88 -18.93 -0.82
C SER B 80 0.77 -19.23 0.19
N TYR B 81 -0.48 -19.22 -0.26
CA TYR B 81 -1.60 -19.48 0.64
C TYR B 81 -2.47 -20.55 0.01
N TRP B 82 -2.94 -21.48 0.83
CA TRP B 82 -3.72 -22.60 0.33
C TRP B 82 -4.99 -22.81 1.11
N LEU B 83 -6.06 -23.28 0.46
CA LEU B 83 -7.28 -23.56 1.20
C LEU B 83 -6.87 -24.69 2.13
N SER B 84 -7.44 -24.70 3.33
CA SER B 84 -7.06 -25.72 4.29
C SER B 84 -8.18 -26.69 4.66
N THR B 85 -7.80 -27.68 5.46
CA THR B 85 -8.69 -28.73 5.92
C THR B 85 -9.13 -28.46 7.36
N PRO B 86 -9.95 -29.37 7.92
CA PRO B 86 -10.40 -29.17 9.29
C PRO B 86 -9.30 -29.51 10.29
N GLU B 87 -8.15 -29.93 9.79
CA GLU B 87 -7.03 -30.30 10.66
C GLU B 87 -6.79 -29.23 11.72
N PRO B 88 -6.89 -29.60 13.01
CA PRO B 88 -6.68 -28.62 14.07
C PRO B 88 -5.27 -28.04 14.08
N MET B 89 -5.21 -26.74 14.36
CA MET B 89 -3.95 -26.03 14.43
C MET B 89 -3.21 -26.61 15.65
N PRO B 90 -1.94 -26.99 15.48
CA PRO B 90 -1.12 -27.57 16.57
C PRO B 90 -1.24 -26.82 17.89
N MET B 91 -1.35 -27.55 18.98
CA MET B 91 -1.50 -26.94 20.31
C MET B 91 -0.37 -25.95 20.62
N SER B 92 0.81 -26.23 20.11
CA SER B 92 1.97 -25.37 20.34
C SER B 92 1.82 -24.03 19.62
N MET B 93 1.00 -24.03 18.56
CA MET B 93 0.77 -22.84 17.75
C MET B 93 2.03 -22.41 17.00
N ALA B 94 3.02 -23.30 16.96
CA ALA B 94 4.26 -23.01 16.26
C ALA B 94 4.15 -23.41 14.78
N PRO B 95 4.95 -22.77 13.91
CA PRO B 95 4.91 -23.08 12.48
C PRO B 95 5.07 -24.57 12.16
N ILE B 96 4.36 -25.01 11.14
CA ILE B 96 4.35 -26.39 10.66
C ILE B 96 5.30 -26.50 9.47
N THR B 97 6.06 -27.59 9.38
CA THR B 97 7.01 -27.76 8.28
C THR B 97 7.01 -29.13 7.63
N GLY B 98 7.61 -29.21 6.45
CA GLY B 98 7.71 -30.47 5.73
C GLY B 98 6.47 -31.32 5.59
N GLU B 99 6.64 -32.63 5.78
CA GLU B 99 5.54 -33.56 5.66
C GLU B 99 4.38 -33.26 6.61
N ASN B 100 4.66 -32.55 7.70
CA ASN B 100 3.60 -32.23 8.65
C ASN B 100 2.60 -31.23 8.07
N ILE B 101 2.96 -30.61 6.96
CA ILE B 101 2.07 -29.63 6.32
C ILE B 101 0.94 -30.33 5.55
N ARG B 102 1.23 -31.49 4.98
CA ARG B 102 0.24 -32.19 4.17
C ARG B 102 -1.18 -32.31 4.71
N PRO B 103 -1.37 -32.75 5.96
CA PRO B 103 -2.75 -32.86 6.44
C PRO B 103 -3.54 -31.55 6.50
N PHE B 104 -2.87 -30.42 6.31
CA PHE B 104 -3.55 -29.11 6.38
C PHE B 104 -4.00 -28.58 5.03
N ILE B 105 -3.53 -29.20 3.95
CA ILE B 105 -3.84 -28.70 2.61
C ILE B 105 -5.04 -29.32 1.89
N SER B 106 -5.98 -28.45 1.51
CA SER B 106 -7.16 -28.89 0.80
C SER B 106 -6.83 -29.45 -0.59
N ARG B 107 -7.63 -30.40 -1.04
CA ARG B 107 -7.45 -31.01 -2.36
C ARG B 107 -8.50 -30.45 -3.32
N CYS B 108 -8.27 -30.60 -4.61
CA CYS B 108 -9.22 -30.11 -5.59
C CYS B 108 -9.29 -31.04 -6.78
N ALA B 109 -10.33 -30.83 -7.59
CA ALA B 109 -10.53 -31.59 -8.79
C ALA B 109 -10.88 -30.58 -9.87
N VAL B 110 -10.36 -30.81 -11.07
CA VAL B 110 -10.66 -29.99 -12.22
C VAL B 110 -11.43 -30.97 -13.08
N CYS B 111 -12.62 -30.58 -13.52
CA CYS B 111 -13.49 -31.47 -14.28
C CYS B 111 -13.96 -30.81 -15.57
N GLU B 112 -14.19 -31.60 -16.60
CA GLU B 112 -14.67 -31.04 -17.85
C GLU B 112 -16.19 -31.11 -17.81
N ALA B 113 -16.84 -29.99 -18.15
CA ALA B 113 -18.28 -29.91 -18.12
C ALA B 113 -18.85 -29.69 -19.52
N PRO B 114 -20.09 -30.12 -19.74
CA PRO B 114 -20.74 -29.96 -21.04
C PRO B 114 -21.22 -28.54 -21.31
N ALA B 115 -21.26 -27.71 -20.28
CA ALA B 115 -21.73 -26.34 -20.46
C ALA B 115 -21.17 -25.43 -19.38
N MET B 116 -21.48 -24.14 -19.49
CA MET B 116 -21.02 -23.12 -18.56
C MET B 116 -21.57 -23.33 -17.15
N VAL B 117 -20.82 -22.87 -16.17
CA VAL B 117 -21.23 -22.97 -14.76
C VAL B 117 -21.18 -21.56 -14.15
N MET B 118 -21.93 -21.35 -13.08
CA MET B 118 -21.97 -20.04 -12.45
C MET B 118 -22.46 -20.23 -11.04
N ALA B 119 -22.30 -19.19 -10.24
CA ALA B 119 -22.76 -19.19 -8.85
C ALA B 119 -23.83 -18.11 -8.67
N VAL B 120 -24.78 -18.36 -7.79
CA VAL B 120 -25.79 -17.37 -7.46
C VAL B 120 -25.74 -17.30 -5.93
N HIS B 121 -26.04 -16.14 -5.37
CA HIS B 121 -26.00 -15.96 -3.90
C HIS B 121 -27.33 -15.42 -3.44
N SER B 122 -27.82 -15.92 -2.32
CA SER B 122 -29.11 -15.44 -1.83
C SER B 122 -28.99 -14.25 -0.89
N GLN B 123 -27.85 -14.14 -0.21
CA GLN B 123 -27.65 -13.11 0.79
C GLN B 123 -28.69 -13.30 1.89
N THR B 124 -29.10 -14.56 2.06
CA THR B 124 -30.04 -14.93 3.13
C THR B 124 -29.58 -16.30 3.61
N ILE B 125 -30.23 -16.83 4.64
CA ILE B 125 -29.88 -18.17 5.14
C ILE B 125 -30.47 -19.26 4.26
N GLN B 126 -31.27 -18.89 3.25
CA GLN B 126 -31.86 -19.90 2.38
C GLN B 126 -31.05 -20.05 1.09
N ILE B 127 -31.19 -21.19 0.45
CA ILE B 127 -30.45 -21.49 -0.76
C ILE B 127 -31.07 -20.79 -1.96
N PRO B 128 -30.26 -20.00 -2.69
CA PRO B 128 -30.80 -19.30 -3.86
C PRO B 128 -31.06 -20.33 -4.97
N PRO B 129 -32.19 -20.22 -5.67
CA PRO B 129 -32.45 -21.20 -6.73
C PRO B 129 -31.56 -20.99 -7.94
N CYS B 130 -31.29 -22.05 -8.68
CA CYS B 130 -30.49 -21.93 -9.89
C CYS B 130 -31.33 -21.17 -10.91
N PRO B 131 -30.69 -20.33 -11.74
CA PRO B 131 -31.43 -19.57 -12.74
C PRO B 131 -32.22 -20.48 -13.68
N SER B 132 -33.16 -19.87 -14.37
CA SER B 132 -34.01 -20.54 -15.34
C SER B 132 -33.15 -21.30 -16.36
N GLY B 133 -33.30 -22.62 -16.46
CA GLY B 133 -32.54 -23.41 -17.42
C GLY B 133 -31.19 -23.97 -16.96
N TRP B 134 -30.88 -23.77 -15.69
CA TRP B 134 -29.62 -24.24 -15.11
C TRP B 134 -29.89 -25.24 -13.97
N SER B 135 -29.01 -26.22 -13.78
CA SER B 135 -29.23 -27.19 -12.70
C SER B 135 -28.09 -27.14 -11.70
N SER B 136 -28.40 -27.55 -10.49
CA SER B 136 -27.46 -27.52 -9.37
C SER B 136 -26.26 -28.47 -9.44
N LEU B 137 -25.09 -27.96 -9.08
CA LEU B 137 -23.90 -28.81 -9.00
C LEU B 137 -23.63 -28.97 -7.48
N TRP B 138 -23.75 -27.88 -6.74
CA TRP B 138 -23.58 -27.94 -5.28
C TRP B 138 -24.04 -26.65 -4.60
N ILE B 139 -24.20 -26.70 -3.28
CA ILE B 139 -24.59 -25.51 -2.54
C ILE B 139 -23.47 -25.17 -1.58
N GLY B 140 -23.43 -23.92 -1.14
CA GLY B 140 -22.38 -23.54 -0.21
C GLY B 140 -22.63 -22.22 0.48
N TYR B 141 -21.53 -21.56 0.82
CA TYR B 141 -21.49 -20.29 1.53
C TYR B 141 -20.74 -19.26 0.70
N SER B 142 -21.26 -18.03 0.66
CA SER B 142 -20.70 -16.95 -0.14
C SER B 142 -19.36 -16.39 0.36
N PHE B 143 -18.29 -16.82 -0.28
CA PHE B 143 -16.92 -16.42 0.09
C PHE B 143 -16.49 -15.28 -0.84
N VAL B 144 -16.20 -14.11 -0.28
CA VAL B 144 -15.87 -12.95 -1.09
C VAL B 144 -14.41 -12.59 -1.25
N MET B 145 -13.68 -12.46 -0.14
CA MET B 145 -12.28 -12.09 -0.23
C MET B 145 -11.59 -12.47 1.06
N HIS B 146 -10.32 -12.15 1.13
CA HIS B 146 -9.54 -12.51 2.32
C HIS B 146 -8.30 -11.67 2.38
N THR B 147 -7.69 -11.59 3.57
CA THR B 147 -6.42 -10.88 3.71
C THR B 147 -5.60 -11.64 4.70
N SER B 148 -4.28 -11.48 4.62
CA SER B 148 -3.43 -12.15 5.60
C SER B 148 -2.22 -11.28 5.86
N ALA B 149 -1.01 -11.80 5.66
CA ALA B 149 0.20 -11.01 5.93
C ALA B 149 0.22 -9.66 5.20
N GLY B 150 0.55 -8.61 5.96
CA GLY B 150 0.62 -7.28 5.39
C GLY B 150 -0.73 -6.76 4.93
N ALA B 151 -1.81 -7.43 5.34
CA ALA B 151 -3.17 -7.09 4.94
C ALA B 151 -3.34 -7.19 3.41
N GLU B 152 -2.45 -7.96 2.76
CA GLU B 152 -2.55 -8.20 1.31
C GLU B 152 -3.53 -9.35 1.15
N GLY B 153 -4.13 -9.48 -0.01
CA GLY B 153 -5.06 -10.58 -0.19
C GLY B 153 -5.61 -10.55 -1.59
N SER B 154 -6.70 -11.27 -1.78
CA SER B 154 -7.33 -11.34 -3.08
C SER B 154 -8.76 -11.80 -2.82
N GLY B 155 -9.53 -12.01 -3.89
CA GLY B 155 -10.90 -12.43 -3.68
C GLY B 155 -11.44 -13.27 -4.81
N GLN B 156 -12.74 -13.52 -4.75
CA GLN B 156 -13.39 -14.35 -5.74
C GLN B 156 -14.40 -13.57 -6.58
N ALA B 157 -14.62 -14.05 -7.79
CA ALA B 157 -15.61 -13.44 -8.67
C ALA B 157 -16.93 -14.02 -8.14
N LEU B 158 -17.87 -13.16 -7.76
CA LEU B 158 -19.15 -13.62 -7.23
C LEU B 158 -20.03 -14.38 -8.21
N ALA B 159 -19.68 -14.36 -9.49
CA ALA B 159 -20.44 -15.13 -10.47
C ALA B 159 -19.76 -16.50 -10.66
N SER B 160 -18.58 -16.66 -10.06
CA SER B 160 -17.78 -17.89 -10.17
C SER B 160 -18.02 -18.90 -9.05
N PRO B 161 -17.87 -20.20 -9.36
CA PRO B 161 -18.08 -21.20 -8.31
C PRO B 161 -17.08 -21.01 -7.15
N GLY B 162 -15.99 -20.28 -7.41
CA GLY B 162 -14.96 -20.04 -6.40
C GLY B 162 -15.50 -19.21 -5.23
N SER B 163 -16.58 -18.49 -5.47
CA SER B 163 -17.18 -17.67 -4.41
C SER B 163 -18.22 -18.49 -3.63
N CYS B 164 -18.29 -19.79 -3.90
CA CYS B 164 -19.26 -20.64 -3.21
C CYS B 164 -18.56 -21.87 -2.63
N LEU B 165 -18.04 -21.73 -1.41
CA LEU B 165 -17.34 -22.83 -0.73
C LEU B 165 -18.35 -23.75 -0.07
N GLU B 166 -18.14 -25.06 -0.21
CA GLU B 166 -19.13 -25.99 0.32
C GLU B 166 -19.11 -26.11 1.81
N GLU B 167 -17.97 -25.81 2.41
CA GLU B 167 -17.84 -25.86 3.87
C GLU B 167 -17.47 -24.49 4.42
N PHE B 168 -18.32 -23.93 5.28
CA PHE B 168 -17.98 -22.66 5.88
C PHE B 168 -16.81 -22.91 6.84
N ARG B 169 -15.80 -22.05 6.84
CA ARG B 169 -14.68 -22.18 7.77
C ARG B 169 -14.33 -20.77 8.23
N SER B 170 -14.21 -20.58 9.52
CA SER B 170 -13.83 -19.27 10.03
C SER B 170 -12.41 -18.97 9.50
N ALA B 171 -11.60 -20.03 9.37
CA ALA B 171 -10.22 -19.95 8.87
C ALA B 171 -10.10 -20.93 7.70
N PRO B 172 -10.54 -20.50 6.51
CA PRO B 172 -10.49 -21.36 5.32
C PRO B 172 -9.16 -21.56 4.63
N PHE B 173 -8.14 -20.82 5.04
CA PHE B 173 -6.86 -20.97 4.37
C PHE B 173 -5.69 -20.88 5.34
N ILE B 174 -4.56 -21.41 4.89
CA ILE B 174 -3.36 -21.41 5.70
C ILE B 174 -2.28 -20.62 4.99
N GLU B 175 -1.37 -20.04 5.77
CA GLU B 175 -0.29 -19.21 5.26
C GLU B 175 1.04 -19.95 5.25
N CYS B 176 1.74 -19.94 4.12
CA CYS B 176 3.04 -20.60 4.04
C CYS B 176 4.11 -19.64 3.57
N HIS B 177 5.35 -19.90 3.96
CA HIS B 177 6.47 -19.03 3.60
C HIS B 177 7.54 -19.76 2.78
N GLY B 178 8.31 -18.99 2.02
CA GLY B 178 9.37 -19.56 1.21
C GLY B 178 10.36 -20.38 2.03
N ARG B 179 10.45 -20.08 3.31
CA ARG B 179 11.35 -20.79 4.22
C ARG B 179 10.91 -22.24 4.41
N GLY B 180 9.64 -22.50 4.13
CA GLY B 180 9.10 -23.85 4.29
C GLY B 180 8.16 -24.03 5.47
N THR B 181 7.82 -22.93 6.15
CA THR B 181 6.90 -22.97 7.28
C THR B 181 5.49 -22.56 6.86
N CYS B 182 4.48 -23.05 7.57
CA CYS B 182 3.09 -22.67 7.32
C CYS B 182 2.44 -22.56 8.69
N ASN B 183 1.41 -21.73 8.80
CA ASN B 183 0.72 -21.59 10.08
C ASN B 183 -0.51 -20.76 9.86
N TYR B 184 -1.34 -20.71 10.90
CA TYR B 184 -2.55 -19.89 10.90
C TYR B 184 -2.14 -18.69 11.73
N TYR B 185 -2.44 -17.48 11.27
CA TYR B 185 -2.10 -16.28 12.01
C TYR B 185 -3.38 -15.53 12.35
N ALA B 186 -3.36 -14.80 13.47
CA ALA B 186 -4.53 -14.08 13.94
C ALA B 186 -5.09 -13.06 12.96
N ASN B 187 -4.26 -12.57 12.05
CA ASN B 187 -4.74 -11.58 11.08
C ASN B 187 -5.23 -12.20 9.78
N ALA B 188 -5.39 -13.53 9.75
CA ALA B 188 -5.88 -14.19 8.56
C ALA B 188 -7.40 -13.97 8.57
N TYR B 189 -7.88 -13.07 7.73
CA TYR B 189 -9.29 -12.74 7.70
C TYR B 189 -10.01 -13.28 6.48
N SER B 190 -11.18 -13.88 6.70
CA SER B 190 -11.98 -14.36 5.58
C SER B 190 -13.25 -13.49 5.55
N PHE B 191 -13.61 -13.04 4.36
CA PHE B 191 -14.78 -12.18 4.20
C PHE B 191 -15.86 -12.94 3.44
N TRP B 192 -17.07 -12.92 3.99
CA TRP B 192 -18.21 -13.62 3.42
C TRP B 192 -19.38 -12.67 3.21
N LEU B 193 -20.26 -12.95 2.25
CA LEU B 193 -21.43 -12.08 2.11
C LEU B 193 -22.30 -12.34 3.35
N ALA B 194 -22.90 -11.29 3.88
CA ALA B 194 -23.75 -11.37 5.04
C ALA B 194 -25.20 -11.60 4.62
N THR B 195 -26.03 -12.03 5.55
CA THR B 195 -27.44 -12.23 5.26
C THR B 195 -28.07 -10.86 5.50
N ILE B 196 -28.97 -10.46 4.60
CA ILE B 196 -29.61 -9.15 4.69
C ILE B 196 -31.12 -9.35 4.53
N GLU B 197 -31.91 -8.83 5.45
CA GLU B 197 -33.36 -8.93 5.33
C GLU B 197 -33.78 -7.80 4.39
N ARG B 198 -34.93 -7.92 3.76
CA ARG B 198 -35.40 -6.88 2.83
C ARG B 198 -35.47 -5.54 3.56
N SER B 199 -35.94 -5.55 4.80
CA SER B 199 -36.07 -4.34 5.58
C SER B 199 -34.73 -3.75 6.04
N GLU B 200 -33.64 -4.50 5.89
CA GLU B 200 -32.34 -4.01 6.34
C GLU B 200 -31.50 -3.37 5.22
N MET B 201 -31.91 -3.56 3.97
CA MET B 201 -31.15 -3.02 2.85
C MET B 201 -30.89 -1.52 2.94
N PHE B 202 -31.95 -0.74 3.14
CA PHE B 202 -31.82 0.71 3.23
C PHE B 202 -32.03 1.23 4.64
N LYS B 203 -31.35 0.56 5.58
CA LYS B 203 -31.32 0.91 6.98
C LYS B 203 -29.88 0.74 7.39
N LYS B 204 -29.47 1.49 8.40
CA LYS B 204 -28.12 1.38 8.91
C LYS B 204 -27.88 -0.08 9.30
N PRO B 205 -26.77 -0.66 8.85
CA PRO B 205 -26.52 -2.06 9.23
C PRO B 205 -26.42 -2.17 10.77
N THR B 206 -26.96 -3.24 11.34
CA THR B 206 -26.87 -3.46 12.78
C THR B 206 -25.58 -4.24 13.07
N PRO B 207 -24.60 -3.62 13.74
CA PRO B 207 -23.37 -4.36 14.01
C PRO B 207 -23.60 -5.59 14.87
N SER B 208 -22.81 -6.64 14.66
CA SER B 208 -22.92 -7.81 15.49
C SER B 208 -21.56 -8.52 15.55
N THR B 209 -21.25 -9.11 16.69
CA THR B 209 -20.02 -9.85 16.83
C THR B 209 -20.52 -11.25 17.15
N LEU B 210 -20.19 -12.20 16.29
CA LEU B 210 -20.66 -13.57 16.40
C LEU B 210 -19.59 -14.52 16.88
N LYS B 211 -19.99 -15.52 17.65
CA LYS B 211 -19.05 -16.50 18.18
C LYS B 211 -19.38 -17.92 17.78
N ALA B 212 -18.47 -18.84 18.10
CA ALA B 212 -18.62 -20.24 17.77
C ALA B 212 -20.05 -20.72 17.95
N GLY B 213 -20.60 -21.34 16.91
CA GLY B 213 -21.95 -21.85 16.97
C GLY B 213 -22.99 -20.94 16.36
N GLU B 214 -22.65 -19.69 16.12
CA GLU B 214 -23.62 -18.78 15.51
C GLU B 214 -23.04 -18.06 14.31
N LEU B 215 -21.94 -18.59 13.77
CA LEU B 215 -21.29 -17.98 12.61
C LEU B 215 -22.01 -18.30 11.30
N ARG B 216 -21.99 -19.59 10.97
CA ARG B 216 -22.57 -20.15 9.75
C ARG B 216 -23.98 -19.69 9.43
N THR B 217 -24.76 -19.40 10.47
CA THR B 217 -26.15 -18.97 10.29
C THR B 217 -26.32 -17.50 9.92
N HIS B 218 -25.22 -16.75 9.83
CA HIS B 218 -25.31 -15.34 9.46
C HIS B 218 -24.55 -15.08 8.15
N VAL B 219 -24.22 -16.16 7.48
CA VAL B 219 -23.48 -16.08 6.23
C VAL B 219 -24.40 -16.40 5.06
N SER B 220 -24.29 -15.59 4.02
CA SER B 220 -25.07 -15.79 2.80
C SER B 220 -24.86 -17.18 2.20
N ARG B 221 -25.93 -17.77 1.64
CA ARG B 221 -25.80 -19.08 1.02
C ARG B 221 -25.69 -18.91 -0.49
N CYS B 222 -25.22 -19.94 -1.17
CA CYS B 222 -25.05 -19.86 -2.61
C CYS B 222 -25.26 -21.22 -3.24
N GLN B 223 -25.44 -21.21 -4.56
CA GLN B 223 -25.60 -22.43 -5.28
C GLN B 223 -24.78 -22.31 -6.57
N VAL B 224 -24.10 -23.39 -6.93
CA VAL B 224 -23.31 -23.44 -8.17
C VAL B 224 -24.20 -24.21 -9.11
N CYS B 225 -24.40 -23.65 -10.30
CA CYS B 225 -25.29 -24.22 -11.29
C CYS B 225 -24.64 -24.36 -12.67
N MET B 226 -25.13 -25.34 -13.43
CA MET B 226 -24.61 -25.58 -14.77
C MET B 226 -25.78 -25.49 -15.74
N ARG B 227 -25.56 -24.87 -16.89
CA ARG B 227 -26.61 -24.73 -17.88
C ARG B 227 -27.00 -26.11 -18.42
N ARG B 228 -28.29 -26.38 -18.52
CA ARG B 228 -28.76 -27.66 -19.04
C ARG B 228 -28.59 -27.68 -20.55
N THR B 229 -28.21 -28.82 -21.08
CA THR B 229 -28.04 -28.96 -22.52
C THR B 229 -28.55 -30.31 -23.04
N GLY C 5 -18.06 -18.10 -30.37
CA GLY C 5 -17.28 -16.85 -30.45
C GLY C 5 -16.15 -16.73 -29.43
N TYR C 6 -15.55 -17.86 -29.07
CA TYR C 6 -14.42 -17.82 -28.14
C TYR C 6 -13.34 -16.99 -28.78
N LEU C 7 -12.63 -16.23 -27.96
CA LEU C 7 -11.59 -15.36 -28.46
C LEU C 7 -10.24 -15.90 -28.04
N LEU C 8 -9.40 -16.23 -29.01
CA LEU C 8 -8.06 -16.72 -28.69
C LEU C 8 -7.14 -15.52 -28.86
N VAL C 9 -6.35 -15.24 -27.83
CA VAL C 9 -5.45 -14.11 -27.90
C VAL C 9 -4.01 -14.59 -27.93
N LYS C 10 -3.24 -14.07 -28.87
CA LYS C 10 -1.84 -14.43 -28.99
C LYS C 10 -0.95 -13.21 -28.91
N HIS C 11 0.13 -13.32 -28.14
CA HIS C 11 1.09 -12.23 -28.00
C HIS C 11 2.38 -12.76 -28.61
N SER C 12 2.91 -12.03 -29.59
CA SER C 12 4.11 -12.48 -30.28
C SER C 12 5.42 -12.30 -29.52
N GLN C 13 5.48 -11.28 -28.67
CA GLN C 13 6.70 -10.99 -27.93
C GLN C 13 7.76 -10.55 -28.95
N THR C 14 7.28 -10.04 -30.08
CA THR C 14 8.15 -9.50 -31.14
C THR C 14 7.40 -8.28 -31.66
N ASP C 15 8.01 -7.53 -32.57
CA ASP C 15 7.30 -6.37 -33.09
C ASP C 15 6.45 -6.71 -34.31
N GLN C 16 6.18 -8.00 -34.47
CA GLN C 16 5.36 -8.47 -35.59
C GLN C 16 4.06 -9.03 -35.05
N GLU C 17 2.92 -8.65 -35.62
CA GLU C 17 1.67 -9.19 -35.12
C GLU C 17 1.61 -10.66 -35.45
N PRO C 18 1.15 -11.48 -34.49
CA PRO C 18 1.08 -12.91 -34.74
C PRO C 18 -0.05 -13.30 -35.70
N MET C 19 0.12 -14.47 -36.32
CA MET C 19 -0.89 -14.98 -37.25
C MET C 19 -1.85 -15.83 -36.45
N CYS C 20 -3.13 -15.78 -36.80
CA CYS C 20 -4.12 -16.58 -36.11
C CYS C 20 -4.01 -18.02 -36.58
N PRO C 21 -4.31 -18.98 -35.69
CA PRO C 21 -4.26 -20.39 -36.05
C PRO C 21 -5.24 -20.64 -37.21
N VAL C 22 -4.98 -21.69 -37.97
CA VAL C 22 -5.83 -22.02 -39.11
C VAL C 22 -7.30 -22.19 -38.70
N GLY C 23 -8.20 -21.64 -39.51
CA GLY C 23 -9.62 -21.73 -39.22
C GLY C 23 -10.17 -20.63 -38.32
N MET C 24 -9.27 -19.90 -37.65
CA MET C 24 -9.67 -18.82 -36.76
C MET C 24 -9.57 -17.46 -37.41
N ASN C 25 -10.70 -16.76 -37.46
CA ASN C 25 -10.76 -15.44 -38.09
C ASN C 25 -10.16 -14.36 -37.20
N LYS C 26 -9.27 -13.55 -37.74
CA LYS C 26 -8.65 -12.49 -36.96
C LYS C 26 -9.60 -11.31 -36.80
N LEU C 27 -9.89 -10.94 -35.56
CA LEU C 27 -10.78 -9.81 -35.30
C LEU C 27 -10.01 -8.50 -35.34
N TRP C 28 -8.81 -8.49 -34.79
CA TRP C 28 -7.94 -7.31 -34.84
C TRP C 28 -6.58 -7.67 -34.30
N SER C 29 -5.64 -6.76 -34.53
CA SER C 29 -4.28 -6.92 -34.02
C SER C 29 -4.00 -5.64 -33.26
N GLY C 30 -3.05 -5.71 -32.35
CA GLY C 30 -2.75 -4.51 -31.59
C GLY C 30 -1.45 -4.66 -30.84
N TYR C 31 -1.39 -4.00 -29.69
CA TYR C 31 -0.20 -4.00 -28.84
C TYR C 31 -0.53 -4.67 -27.51
N SER C 32 0.41 -5.48 -27.04
CA SER C 32 0.27 -6.26 -25.82
C SER C 32 0.25 -5.43 -24.55
N LEU C 33 -0.95 -5.15 -24.06
CA LEU C 33 -1.14 -4.36 -22.85
C LEU C 33 -1.10 -5.24 -21.59
N LEU C 34 -0.20 -4.91 -20.66
CA LEU C 34 -0.11 -5.68 -19.42
C LEU C 34 -0.97 -4.99 -18.35
N TYR C 35 -0.71 -3.73 -18.09
CA TYR C 35 -1.53 -2.99 -17.13
C TYR C 35 -1.37 -1.48 -17.19
N PHE C 36 -2.36 -0.80 -16.61
CA PHE C 36 -2.36 0.64 -16.50
C PHE C 36 -2.10 0.91 -15.03
N GLU C 37 -1.47 2.04 -14.73
CA GLU C 37 -1.26 2.42 -13.34
C GLU C 37 -1.77 3.85 -13.22
N GLY C 38 -2.92 4.01 -12.56
CA GLY C 38 -3.51 5.32 -12.34
C GLY C 38 -3.52 5.54 -10.83
N GLN C 39 -3.03 6.69 -10.39
CA GLN C 39 -2.97 6.96 -8.94
C GLN C 39 -2.18 5.87 -8.23
N GLU C 40 -1.14 5.39 -8.89
CA GLU C 40 -0.26 4.36 -8.35
C GLU C 40 -0.97 3.09 -7.93
N LYS C 41 -2.03 2.78 -8.66
CA LYS C 41 -2.79 1.57 -8.43
C LYS C 41 -2.82 0.86 -9.78
N ALA C 42 -2.33 -0.37 -9.81
CA ALA C 42 -2.30 -1.13 -11.05
C ALA C 42 -3.65 -1.74 -11.41
N HIS C 43 -4.04 -1.64 -12.67
CA HIS C 43 -5.23 -2.35 -13.12
C HIS C 43 -4.76 -3.15 -14.35
N ASN C 44 -4.72 -4.47 -14.19
CA ASN C 44 -4.23 -5.38 -15.21
C ASN C 44 -5.25 -5.90 -16.20
N GLN C 45 -4.75 -6.34 -17.35
CA GLN C 45 -5.56 -6.99 -18.38
C GLN C 45 -4.97 -8.41 -18.43
N ASP C 46 -5.83 -9.41 -18.41
CA ASP C 46 -5.42 -10.82 -18.47
C ASP C 46 -4.82 -11.04 -19.86
N LEU C 47 -3.56 -11.50 -19.94
CA LEU C 47 -2.94 -11.70 -21.26
C LEU C 47 -3.65 -12.72 -22.16
N GLY C 48 -4.54 -13.51 -21.56
CA GLY C 48 -5.27 -14.51 -22.33
C GLY C 48 -6.61 -13.96 -22.81
N LEU C 49 -6.93 -12.73 -22.44
CA LEU C 49 -8.20 -12.11 -22.85
C LEU C 49 -7.97 -11.00 -23.87
N ALA C 50 -8.98 -10.75 -24.70
CA ALA C 50 -8.86 -9.73 -25.75
C ALA C 50 -8.59 -8.32 -25.26
N GLY C 51 -8.93 -8.02 -24.01
CA GLY C 51 -8.67 -6.70 -23.47
C GLY C 51 -7.17 -6.42 -23.37
N SER C 52 -6.35 -7.46 -23.38
CA SER C 52 -4.90 -7.26 -23.31
C SER C 52 -4.32 -6.93 -24.70
N CYS C 53 -5.19 -6.84 -25.71
CA CYS C 53 -4.71 -6.52 -27.06
C CYS C 53 -5.37 -5.21 -27.47
N LEU C 54 -4.67 -4.12 -27.27
CA LEU C 54 -5.18 -2.79 -27.56
C LEU C 54 -4.76 -2.38 -28.97
N ALA C 55 -5.74 -2.06 -29.81
CA ALA C 55 -5.49 -1.67 -31.19
C ALA C 55 -4.53 -0.50 -31.37
N ARG C 56 -4.68 0.53 -30.54
CA ARG C 56 -3.80 1.69 -30.65
C ARG C 56 -2.96 1.89 -29.42
N PHE C 57 -1.65 1.96 -29.62
CA PHE C 57 -0.71 2.18 -28.54
C PHE C 57 -0.62 3.66 -28.18
N SER C 58 -0.16 3.92 -26.96
CA SER C 58 0.13 5.25 -26.46
C SER C 58 0.78 5.07 -25.11
N THR C 59 1.72 5.93 -24.75
CA THR C 59 2.32 5.82 -23.43
C THR C 59 1.22 6.15 -22.41
N MET C 60 0.21 6.90 -22.84
CA MET C 60 -0.92 7.22 -21.94
C MET C 60 -2.24 6.98 -22.68
N PRO C 61 -2.73 5.75 -22.63
CA PRO C 61 -3.98 5.40 -23.31
C PRO C 61 -5.26 5.67 -22.53
N PHE C 62 -5.16 6.28 -21.35
CA PHE C 62 -6.35 6.55 -20.57
C PHE C 62 -6.33 7.95 -19.99
N LEU C 63 -7.48 8.36 -19.43
CA LEU C 63 -7.63 9.65 -18.78
C LEU C 63 -8.47 9.36 -17.54
N TYR C 64 -8.65 10.34 -16.69
CA TYR C 64 -9.47 10.15 -15.50
C TYR C 64 -10.26 11.39 -15.15
N CYS C 65 -11.36 11.17 -14.44
CA CYS C 65 -12.25 12.24 -14.02
C CYS C 65 -12.64 12.06 -12.55
N ASN C 66 -13.15 13.13 -11.95
CA ASN C 66 -13.65 13.04 -10.58
C ASN C 66 -15.06 13.64 -10.55
N PRO C 67 -15.75 13.56 -9.40
CA PRO C 67 -17.11 14.07 -9.27
C PRO C 67 -17.32 15.57 -9.50
N GLY C 68 -16.25 16.34 -9.58
CA GLY C 68 -16.39 17.77 -9.82
C GLY C 68 -16.53 18.07 -11.31
N ASP C 69 -16.70 17.05 -12.13
CA ASP C 69 -16.83 17.24 -13.57
C ASP C 69 -15.60 17.85 -14.22
N VAL C 70 -14.46 17.28 -13.88
CA VAL C 70 -13.18 17.69 -14.44
C VAL C 70 -12.49 16.40 -14.84
N CYS C 71 -11.97 16.35 -16.06
CA CYS C 71 -11.22 15.17 -16.49
C CYS C 71 -9.85 15.66 -16.95
N TYR C 72 -8.84 14.86 -16.66
CA TYR C 72 -7.48 15.17 -17.03
C TYR C 72 -6.90 14.07 -17.91
N TYR C 73 -6.40 14.45 -19.08
CA TYR C 73 -5.73 13.49 -19.94
C TYR C 73 -4.24 13.82 -19.94
N ALA C 74 -3.40 12.85 -19.60
CA ALA C 74 -1.96 13.00 -19.58
C ALA C 74 -1.56 14.26 -18.83
N SER C 75 -2.26 14.56 -17.75
CA SER C 75 -1.98 15.77 -17.01
C SER C 75 -1.56 15.51 -15.56
N ARG C 76 -1.00 14.35 -15.30
CA ARG C 76 -0.52 14.05 -13.96
C ARG C 76 0.76 13.20 -14.00
N ASN C 77 0.75 12.01 -13.41
CA ASN C 77 1.98 11.21 -13.35
C ASN C 77 1.71 9.72 -13.52
N ASP C 78 0.71 9.38 -14.33
CA ASP C 78 0.37 7.97 -14.53
C ASP C 78 1.24 7.23 -15.55
N LYS C 79 1.07 5.91 -15.60
CA LYS C 79 1.88 5.05 -16.45
C LYS C 79 1.11 3.93 -17.14
N SER C 80 1.78 3.30 -18.10
CA SER C 80 1.21 2.15 -18.79
C SER C 80 2.35 1.12 -18.91
N TYR C 81 2.00 -0.16 -18.86
CA TYR C 81 2.98 -1.24 -18.94
C TYR C 81 2.56 -2.16 -20.07
N TRP C 82 3.53 -2.58 -20.86
CA TRP C 82 3.25 -3.44 -22.01
C TRP C 82 4.16 -4.64 -22.05
N LEU C 83 3.66 -5.74 -22.62
CA LEU C 83 4.47 -6.95 -22.73
C LEU C 83 5.59 -6.54 -23.71
N SER C 84 6.79 -7.00 -23.40
CA SER C 84 7.98 -6.67 -24.16
C SER C 84 8.35 -7.62 -25.29
N THR C 85 9.14 -7.13 -26.24
CA THR C 85 9.62 -7.99 -27.32
C THR C 85 10.86 -8.61 -26.72
N THR C 86 11.46 -9.56 -27.42
CA THR C 86 12.65 -10.22 -26.91
C THR C 86 13.91 -9.44 -27.26
N ALA C 87 13.71 -8.18 -27.65
CA ALA C 87 14.80 -7.29 -28.03
C ALA C 87 15.74 -7.02 -26.87
N PRO C 88 17.04 -6.81 -27.15
CA PRO C 88 18.00 -6.52 -26.08
C PRO C 88 17.53 -5.24 -25.37
N LEU C 89 17.70 -5.20 -24.05
CA LEU C 89 17.28 -4.05 -23.26
C LEU C 89 18.08 -2.78 -23.52
N PRO C 90 17.38 -1.64 -23.70
CA PRO C 90 18.06 -0.37 -23.96
C PRO C 90 18.79 0.09 -22.71
N MET C 91 19.76 0.98 -22.89
CA MET C 91 20.54 1.49 -21.78
C MET C 91 19.90 2.72 -21.15
N MET C 92 19.09 3.41 -21.93
CA MET C 92 18.39 4.60 -21.48
C MET C 92 16.97 4.53 -22.00
N PRO C 93 16.05 5.34 -21.45
CA PRO C 93 14.66 5.33 -21.91
C PRO C 93 14.57 5.62 -23.42
N VAL C 94 13.60 5.00 -24.09
CA VAL C 94 13.40 5.22 -25.52
C VAL C 94 12.17 6.10 -25.69
N ALA C 95 12.20 6.94 -26.71
CA ALA C 95 11.10 7.87 -26.94
C ALA C 95 10.43 7.74 -28.29
N GLU C 96 9.15 8.06 -28.29
CA GLU C 96 8.33 8.02 -29.48
C GLU C 96 8.65 6.85 -30.40
N ASP C 97 8.98 7.12 -31.66
CA ASP C 97 9.27 6.03 -32.59
C ASP C 97 10.27 4.98 -32.13
N GLU C 98 11.19 5.36 -31.24
CA GLU C 98 12.17 4.40 -30.76
C GLU C 98 11.54 3.37 -29.83
N ILE C 99 10.27 3.58 -29.48
CA ILE C 99 9.57 2.65 -28.61
C ILE C 99 9.09 1.40 -29.37
N LYS C 100 8.60 1.60 -30.59
CA LYS C 100 8.06 0.53 -31.42
C LYS C 100 8.70 -0.86 -31.33
N PRO C 101 10.02 -0.95 -31.54
CA PRO C 101 10.67 -2.26 -31.47
C PRO C 101 10.62 -2.99 -30.12
N TYR C 102 10.18 -2.29 -29.08
CA TYR C 102 10.10 -2.90 -27.75
C TYR C 102 8.73 -3.38 -27.32
N ILE C 103 7.69 -2.99 -28.05
CA ILE C 103 6.33 -3.41 -27.69
C ILE C 103 5.85 -4.67 -28.39
N SER C 104 5.52 -5.70 -27.61
CA SER C 104 5.00 -6.94 -28.18
C SER C 104 3.69 -6.64 -28.92
N ARG C 105 3.43 -7.42 -29.98
CA ARG C 105 2.20 -7.25 -30.75
C ARG C 105 1.30 -8.43 -30.42
N CYS C 106 0.02 -8.32 -30.77
CA CYS C 106 -0.93 -9.38 -30.46
C CYS C 106 -2.02 -9.43 -31.51
N SER C 107 -2.73 -10.55 -31.51
CA SER C 107 -3.85 -10.75 -32.40
C SER C 107 -4.95 -11.43 -31.61
N VAL C 108 -6.19 -11.05 -31.91
CA VAL C 108 -7.37 -11.60 -31.28
C VAL C 108 -8.02 -12.43 -32.36
N CYS C 109 -8.14 -13.73 -32.11
CA CYS C 109 -8.68 -14.66 -33.09
C CYS C 109 -9.99 -15.29 -32.66
N GLU C 110 -10.98 -15.29 -33.54
CA GLU C 110 -12.26 -15.90 -33.22
C GLU C 110 -12.07 -17.41 -33.35
N ALA C 111 -12.23 -18.11 -32.23
CA ALA C 111 -12.04 -19.55 -32.20
C ALA C 111 -13.35 -20.31 -32.05
N PRO C 112 -13.35 -21.59 -32.44
CA PRO C 112 -14.54 -22.44 -32.36
C PRO C 112 -14.77 -23.03 -30.97
N ALA C 113 -13.72 -23.10 -30.17
CA ALA C 113 -13.82 -23.65 -28.84
C ALA C 113 -12.93 -22.88 -27.89
N ILE C 114 -13.08 -23.17 -26.60
CA ILE C 114 -12.31 -22.53 -25.55
C ILE C 114 -10.86 -23.00 -25.50
N ALA C 115 -9.95 -22.10 -25.12
CA ALA C 115 -8.55 -22.46 -24.97
C ALA C 115 -8.20 -22.33 -23.50
N ILE C 116 -7.35 -23.23 -23.01
CA ILE C 116 -6.93 -23.19 -21.62
C ILE C 116 -5.43 -23.42 -21.60
N ALA C 117 -4.83 -23.16 -20.46
CA ALA C 117 -3.42 -23.38 -20.27
C ALA C 117 -3.30 -24.45 -19.21
N VAL C 118 -2.30 -25.32 -19.35
CA VAL C 118 -2.03 -26.36 -18.35
C VAL C 118 -0.55 -26.20 -18.00
N HIS C 119 -0.21 -26.47 -16.75
CA HIS C 119 1.14 -26.30 -16.25
C HIS C 119 1.65 -27.58 -15.58
N SER C 120 2.89 -27.93 -15.86
CA SER C 120 3.49 -29.14 -15.31
C SER C 120 4.17 -28.95 -13.97
N GLN C 121 4.70 -27.75 -13.71
CA GLN C 121 5.46 -27.52 -12.49
C GLN C 121 6.58 -28.56 -12.54
N ASP C 122 7.06 -28.82 -13.76
CA ASP C 122 8.10 -29.83 -13.98
C ASP C 122 8.86 -29.45 -15.25
N VAL C 123 10.01 -30.08 -15.50
CA VAL C 123 10.75 -29.75 -16.72
C VAL C 123 10.01 -30.34 -17.91
N SER C 124 9.21 -31.37 -17.66
CA SER C 124 8.44 -32.01 -18.72
C SER C 124 7.28 -31.14 -19.16
N ILE C 125 6.90 -31.28 -20.42
CA ILE C 125 5.77 -30.53 -20.97
C ILE C 125 4.49 -31.21 -20.49
N PRO C 126 3.55 -30.44 -19.93
CA PRO C 126 2.31 -31.09 -19.46
C PRO C 126 1.43 -31.48 -20.64
N HIS C 127 0.71 -32.59 -20.47
CA HIS C 127 -0.20 -33.07 -21.52
C HIS C 127 -1.43 -32.18 -21.63
N CYS C 128 -1.98 -32.07 -22.83
CA CYS C 128 -3.23 -31.35 -22.95
C CYS C 128 -4.23 -32.43 -22.51
N PRO C 129 -5.38 -32.02 -21.95
CA PRO C 129 -6.31 -33.09 -21.54
C PRO C 129 -6.82 -33.89 -22.75
N ALA C 130 -7.30 -35.10 -22.49
CA ALA C 130 -7.82 -35.95 -23.55
C ALA C 130 -8.87 -35.20 -24.36
N GLY C 131 -8.72 -35.20 -25.68
CA GLY C 131 -9.70 -34.54 -26.51
C GLY C 131 -9.40 -33.08 -26.79
N TRP C 132 -8.24 -32.60 -26.35
CA TRP C 132 -7.83 -31.23 -26.60
C TRP C 132 -6.50 -31.26 -27.32
N ARG C 133 -6.31 -30.32 -28.24
CA ARG C 133 -5.06 -30.26 -28.99
C ARG C 133 -4.23 -29.08 -28.54
N SER C 134 -2.93 -29.20 -28.72
CA SER C 134 -2.00 -28.15 -28.34
C SER C 134 -1.93 -27.02 -29.37
N LEU C 135 -1.98 -25.77 -28.90
CA LEU C 135 -1.85 -24.63 -29.80
C LEU C 135 -0.41 -24.14 -29.70
N TRP C 136 0.16 -24.24 -28.50
CA TRP C 136 1.55 -23.86 -28.30
C TRP C 136 2.08 -24.33 -26.97
N ILE C 137 3.40 -24.28 -26.84
CA ILE C 137 4.10 -24.69 -25.63
C ILE C 137 4.83 -23.45 -25.12
N GLY C 138 4.98 -23.34 -23.80
CA GLY C 138 5.68 -22.19 -23.27
C GLY C 138 6.15 -22.34 -21.84
N TYR C 139 6.36 -21.20 -21.17
CA TYR C 139 6.80 -21.17 -19.78
C TYR C 139 5.71 -20.55 -18.91
N SER C 140 5.58 -21.08 -17.69
CA SER C 140 4.54 -20.66 -16.75
C SER C 140 4.78 -19.27 -16.15
N PHE C 141 4.19 -18.26 -16.78
CA PHE C 141 4.30 -16.87 -16.34
C PHE C 141 3.20 -16.63 -15.28
N LEU C 142 3.61 -16.34 -14.06
CA LEU C 142 2.65 -16.16 -12.95
C LEU C 142 2.28 -14.74 -12.56
N MET C 143 3.27 -13.90 -12.29
CA MET C 143 2.97 -12.53 -11.92
C MET C 143 4.15 -11.61 -12.19
N HIS C 144 3.97 -10.34 -11.83
CA HIS C 144 5.00 -9.34 -12.05
C HIS C 144 4.84 -8.17 -11.10
N THR C 145 5.94 -7.47 -10.85
CA THR C 145 5.88 -6.26 -10.03
C THR C 145 6.85 -5.28 -10.65
N ALA C 146 6.59 -3.99 -10.45
CA ALA C 146 7.46 -2.96 -10.99
C ALA C 146 7.56 -1.82 -9.98
N ALA C 147 7.05 -0.66 -10.36
CA ALA C 147 7.08 0.52 -9.50
C ALA C 147 6.31 0.23 -8.21
N GLY C 148 6.89 0.60 -7.07
CA GLY C 148 6.26 0.36 -5.78
C GLY C 148 5.99 -1.11 -5.56
N ASP C 149 4.80 -1.42 -5.05
CA ASP C 149 4.43 -2.83 -4.86
C ASP C 149 3.34 -3.14 -5.88
N GLU C 150 3.22 -2.27 -6.89
CA GLU C 150 2.23 -2.47 -7.93
C GLU C 150 2.70 -3.50 -8.95
N GLY C 151 1.75 -4.10 -9.66
CA GLY C 151 2.08 -5.11 -10.64
C GLY C 151 0.81 -5.88 -10.91
N GLY C 152 0.91 -7.19 -11.08
CA GLY C 152 -0.28 -7.96 -11.37
C GLY C 152 0.10 -9.39 -11.65
N GLY C 153 -0.82 -10.16 -12.19
CA GLY C 153 -0.52 -11.54 -12.47
C GLY C 153 -1.49 -12.17 -13.42
N GLN C 154 -1.13 -13.36 -13.88
CA GLN C 154 -1.95 -14.09 -14.82
C GLN C 154 -2.74 -15.21 -14.18
N SER C 155 -3.86 -15.56 -14.80
CA SER C 155 -4.68 -16.67 -14.35
C SER C 155 -3.99 -17.91 -14.97
N LEU C 156 -3.71 -18.92 -14.16
CA LEU C 156 -3.03 -20.11 -14.66
C LEU C 156 -3.81 -20.99 -15.63
N VAL C 157 -5.13 -20.78 -15.76
CA VAL C 157 -5.89 -21.58 -16.70
C VAL C 157 -6.06 -20.76 -18.00
N SER C 158 -5.61 -19.51 -17.94
CA SER C 158 -5.67 -18.61 -19.09
C SER C 158 -4.43 -18.76 -19.95
N PRO C 159 -4.58 -18.67 -21.28
CA PRO C 159 -3.42 -18.79 -22.17
C PRO C 159 -2.38 -17.70 -21.82
N GLY C 160 -2.83 -16.65 -21.13
CA GLY C 160 -1.96 -15.55 -20.74
C GLY C 160 -0.84 -15.94 -19.81
N SER C 161 -1.00 -17.05 -19.09
CA SER C 161 0.03 -17.54 -18.16
C SER C 161 1.04 -18.43 -18.87
N CYS C 162 0.93 -18.58 -20.19
CA CYS C 162 1.83 -19.45 -20.93
C CYS C 162 2.50 -18.67 -22.05
N LEU C 163 3.70 -18.16 -21.77
CA LEU C 163 4.43 -17.38 -22.74
C LEU C 163 5.40 -18.29 -23.49
N GLU C 164 5.43 -18.16 -24.82
CA GLU C 164 6.32 -18.98 -25.61
C GLU C 164 7.79 -18.69 -25.33
N ASP C 165 8.11 -17.42 -25.08
CA ASP C 165 9.49 -17.04 -24.81
C ASP C 165 9.69 -16.62 -23.36
N PHE C 166 10.61 -17.26 -22.67
CA PHE C 166 10.93 -16.86 -21.31
C PHE C 166 11.79 -15.60 -21.44
N ARG C 167 11.52 -14.61 -20.60
CA ARG C 167 12.28 -13.35 -20.59
C ARG C 167 12.31 -12.94 -19.12
N ALA C 168 13.50 -12.66 -18.58
CA ALA C 168 13.60 -12.26 -17.18
C ALA C 168 12.85 -10.95 -16.94
N THR C 169 12.81 -10.09 -17.96
CA THR C 169 12.12 -8.81 -17.88
C THR C 169 11.21 -8.77 -19.10
N PRO C 170 10.06 -9.47 -19.01
CA PRO C 170 9.07 -9.57 -20.08
C PRO C 170 8.16 -8.39 -20.37
N PHE C 171 8.37 -7.27 -19.68
CA PHE C 171 7.52 -6.12 -19.92
C PHE C 171 8.28 -4.83 -19.74
N ILE C 172 7.70 -3.76 -20.28
CA ILE C 172 8.32 -2.46 -20.25
C ILE C 172 7.40 -1.41 -19.61
N GLU C 173 8.01 -0.39 -19.03
CA GLU C 173 7.27 0.68 -18.36
C GLU C 173 7.26 1.97 -19.16
N CYS C 174 6.08 2.50 -19.43
CA CYS C 174 5.98 3.76 -20.16
C CYS C 174 5.49 4.90 -19.29
N ASN C 175 6.26 5.99 -19.32
CA ASN C 175 5.99 7.21 -18.59
C ASN C 175 4.94 7.94 -19.42
N GLY C 176 3.71 7.94 -18.92
CA GLY C 176 2.61 8.53 -19.63
C GLY C 176 2.84 9.90 -20.24
N GLY C 177 3.21 10.87 -19.41
CA GLY C 177 3.43 12.21 -19.89
C GLY C 177 4.68 12.47 -20.70
N ARG C 178 5.77 11.78 -20.41
CA ARG C 178 7.00 12.01 -21.16
C ARG C 178 7.00 11.31 -22.51
N GLY C 179 6.12 10.32 -22.68
CA GLY C 179 6.07 9.61 -23.94
C GLY C 179 7.31 8.76 -24.16
N THR C 180 7.89 8.30 -23.05
CA THR C 180 9.07 7.47 -23.08
C THR C 180 8.80 6.17 -22.35
N CYS C 181 9.58 5.14 -22.64
CA CYS C 181 9.43 3.85 -21.97
C CYS C 181 10.81 3.35 -21.62
N HIS C 182 10.90 2.49 -20.61
CA HIS C 182 12.21 2.00 -20.20
C HIS C 182 12.06 0.78 -19.30
N TYR C 183 13.17 0.07 -19.07
CA TYR C 183 13.14 -1.10 -18.19
C TYR C 183 13.96 -0.69 -16.98
N TYR C 184 13.32 -0.69 -15.82
CA TYR C 184 13.99 -0.29 -14.59
C TYR C 184 14.37 -1.50 -13.76
N ALA C 185 15.39 -1.33 -12.94
CA ALA C 185 15.90 -2.42 -12.12
C ALA C 185 14.91 -3.04 -11.16
N ASN C 186 13.84 -2.33 -10.80
CA ASN C 186 12.89 -2.92 -9.87
C ASN C 186 11.85 -3.83 -10.51
N LYS C 187 11.93 -4.01 -11.82
CA LYS C 187 10.98 -4.91 -12.49
C LYS C 187 11.30 -6.36 -12.16
N TYR C 188 10.27 -7.12 -11.80
CA TYR C 188 10.43 -8.54 -11.50
C TYR C 188 9.37 -9.33 -12.24
N SER C 189 9.75 -10.52 -12.70
CA SER C 189 8.82 -11.41 -13.35
C SER C 189 8.84 -12.62 -12.42
N PHE C 190 7.69 -13.25 -12.25
CA PHE C 190 7.58 -14.40 -11.37
C PHE C 190 7.05 -15.55 -12.20
N TRP C 191 7.64 -16.73 -12.00
CA TRP C 191 7.27 -17.91 -12.77
C TRP C 191 7.09 -19.12 -11.87
N LEU C 192 6.20 -20.03 -12.26
CA LEU C 192 6.01 -21.25 -11.49
C LEU C 192 7.34 -21.99 -11.62
N THR C 193 7.73 -22.69 -10.56
CA THR C 193 8.98 -23.44 -10.57
C THR C 193 8.77 -24.89 -10.97
N THR C 194 9.85 -25.55 -11.32
CA THR C 194 9.77 -26.97 -11.62
C THR C 194 10.01 -27.57 -10.24
N ILE C 195 9.25 -28.60 -9.92
CA ILE C 195 9.38 -29.27 -8.63
C ILE C 195 9.73 -30.73 -8.90
N PRO C 196 10.94 -31.16 -8.49
CA PRO C 196 11.39 -32.54 -8.69
C PRO C 196 10.47 -33.59 -8.08
N GLU C 197 9.95 -33.32 -6.89
CA GLU C 197 9.04 -34.26 -6.22
C GLU C 197 7.82 -34.54 -7.09
N GLN C 198 7.17 -35.68 -6.85
CA GLN C 198 5.99 -36.09 -7.59
C GLN C 198 4.81 -35.13 -7.40
N SER C 199 4.56 -34.70 -6.17
CA SER C 199 3.45 -33.79 -5.92
C SER C 199 3.52 -32.93 -4.66
N PHE C 200 4.38 -33.28 -3.71
CA PHE C 200 4.48 -32.50 -2.47
C PHE C 200 5.94 -32.17 -2.19
N GLN C 201 6.29 -30.90 -2.27
CA GLN C 201 7.68 -30.49 -2.05
C GLN C 201 7.98 -30.16 -0.58
N GLY C 202 9.17 -30.56 -0.13
CA GLY C 202 9.58 -30.30 1.23
C GLY C 202 10.09 -28.87 1.33
N SER C 203 10.70 -28.51 2.45
CA SER C 203 11.23 -27.16 2.60
C SER C 203 12.04 -26.84 1.36
N PRO C 204 11.64 -25.79 0.62
CA PRO C 204 12.39 -25.42 -0.59
C PRO C 204 13.84 -25.02 -0.31
N SER C 205 14.73 -25.44 -1.19
CA SER C 205 16.14 -25.12 -1.05
C SER C 205 16.44 -23.87 -1.84
N ALA C 206 16.74 -22.79 -1.13
CA ALA C 206 17.01 -21.50 -1.76
C ALA C 206 18.10 -21.62 -2.82
N ASP C 207 17.98 -20.83 -3.87
CA ASP C 207 18.98 -20.87 -4.94
C ASP C 207 18.96 -19.58 -5.77
N THR C 208 20.08 -19.34 -6.43
CA THR C 208 20.26 -18.19 -7.30
C THR C 208 20.61 -18.79 -8.64
N LEU C 209 19.82 -18.46 -9.66
CA LEU C 209 20.03 -19.00 -10.99
C LEU C 209 20.50 -17.93 -11.94
N LYS C 210 21.57 -18.21 -12.68
CA LYS C 210 22.10 -17.25 -13.63
C LYS C 210 21.93 -17.73 -15.06
N ALA C 211 22.01 -16.79 -16.00
CA ALA C 211 21.85 -17.08 -17.42
C ALA C 211 22.35 -18.49 -17.78
N GLY C 212 21.49 -19.25 -18.46
CA GLY C 212 21.87 -20.59 -18.88
C GLY C 212 21.46 -21.68 -17.90
N LEU C 213 21.22 -21.31 -16.65
CA LEU C 213 20.84 -22.29 -15.65
C LEU C 213 19.45 -21.97 -15.11
N ILE C 214 18.72 -21.14 -15.84
CA ILE C 214 17.39 -20.71 -15.44
C ILE C 214 16.24 -21.54 -15.99
N ARG C 215 16.08 -21.56 -17.31
CA ARG C 215 14.97 -22.28 -17.94
C ARG C 215 14.70 -23.69 -17.46
N THR C 216 15.71 -24.37 -16.94
CA THR C 216 15.51 -25.73 -16.45
C THR C 216 14.74 -25.74 -15.14
N HIS C 217 14.61 -24.58 -14.51
CA HIS C 217 13.88 -24.46 -13.26
C HIS C 217 12.54 -23.75 -13.40
N ILE C 218 12.13 -23.49 -14.64
CA ILE C 218 10.85 -22.83 -14.89
C ILE C 218 9.83 -23.86 -15.35
N SER C 219 8.66 -23.85 -14.73
CA SER C 219 7.59 -24.77 -15.08
C SER C 219 7.20 -24.60 -16.54
N ARG C 220 6.81 -25.68 -17.21
CA ARG C 220 6.41 -25.56 -18.61
C ARG C 220 4.89 -25.64 -18.70
N CYS C 221 4.35 -25.20 -19.83
CA CYS C 221 2.91 -25.20 -20.04
C CYS C 221 2.58 -25.40 -21.49
N GLN C 222 1.31 -25.71 -21.75
CA GLN C 222 0.80 -25.83 -23.10
C GLN C 222 -0.54 -25.11 -23.08
N VAL C 223 -0.87 -24.49 -24.20
CA VAL C 223 -2.15 -23.87 -24.35
C VAL C 223 -2.86 -24.90 -25.23
N CYS C 224 -4.04 -25.32 -24.77
CA CYS C 224 -4.84 -26.34 -25.44
C CYS C 224 -6.22 -25.86 -25.83
N MET C 225 -6.73 -26.42 -26.92
CA MET C 225 -8.06 -26.07 -27.36
C MET C 225 -8.85 -27.34 -27.59
N LYS C 226 -10.09 -27.32 -27.12
CA LYS C 226 -11.00 -28.43 -27.24
C LYS C 226 -11.23 -28.81 -28.69
N ASN C 227 -11.06 -30.10 -29.01
CA ASN C 227 -11.30 -30.59 -30.36
C ASN C 227 -12.80 -30.81 -30.54
N LEU C 228 -13.32 -30.35 -31.67
CA LEU C 228 -14.73 -30.50 -31.98
C LEU C 228 -14.92 -31.63 -33.00
N VAL D 2 19.99 27.03 33.78
CA VAL D 2 20.61 26.61 32.48
C VAL D 2 19.73 25.57 31.82
N ASP D 3 18.41 25.76 31.92
CA ASP D 3 17.43 24.85 31.33
C ASP D 3 17.14 25.28 29.89
N HIS D 4 17.47 24.42 28.94
CA HIS D 4 17.28 24.71 27.52
C HIS D 4 15.92 24.33 26.94
N GLY D 5 15.12 23.61 27.72
CA GLY D 5 13.81 23.21 27.25
C GLY D 5 13.68 21.77 26.78
N PHE D 6 14.38 20.86 27.44
CA PHE D 6 14.28 19.45 27.08
C PHE D 6 12.95 18.94 27.59
N LEU D 7 12.30 18.10 26.79
CA LEU D 7 11.00 17.56 27.17
C LEU D 7 10.99 16.04 27.15
N VAL D 8 10.23 15.46 28.07
CA VAL D 8 10.07 14.01 28.09
C VAL D 8 8.61 13.75 28.40
N THR D 9 7.98 12.90 27.63
CA THR D 9 6.59 12.57 27.82
C THR D 9 6.50 11.18 28.41
N ARG D 10 5.63 11.00 29.40
CA ARG D 10 5.48 9.71 30.05
C ARG D 10 4.02 9.28 29.94
N HIS D 11 3.78 7.98 29.81
CA HIS D 11 2.42 7.45 29.66
C HIS D 11 2.14 6.49 30.80
N SER D 12 1.03 6.70 31.48
CA SER D 12 0.70 5.82 32.59
C SER D 12 0.17 4.46 32.15
N GLN D 13 -0.44 4.41 30.98
CA GLN D 13 -1.06 3.19 30.50
C GLN D 13 -2.21 2.81 31.44
N THR D 14 -2.76 3.82 32.13
CA THR D 14 -3.92 3.65 33.02
C THR D 14 -4.74 4.94 32.91
N ILE D 15 -5.88 4.99 33.61
CA ILE D 15 -6.67 6.21 33.56
C ILE D 15 -6.18 7.27 34.53
N ASP D 16 -5.15 6.97 35.33
CA ASP D 16 -4.59 7.98 36.21
C ASP D 16 -3.44 8.70 35.50
N ASP D 17 -3.20 9.95 35.86
CA ASP D 17 -2.10 10.68 35.25
C ASP D 17 -0.77 10.13 35.79
N PRO D 18 0.23 9.95 34.91
CA PRO D 18 1.52 9.45 35.38
C PRO D 18 2.24 10.64 36.03
N GLN D 19 3.14 10.38 36.97
CA GLN D 19 3.88 11.48 37.58
C GLN D 19 5.11 11.77 36.74
N CYS D 20 5.57 13.00 36.72
CA CYS D 20 6.79 13.29 36.01
C CYS D 20 7.88 12.62 36.84
N PRO D 21 8.89 12.02 36.19
CA PRO D 21 9.97 11.36 36.92
C PRO D 21 10.82 12.33 37.73
N SER D 22 11.46 11.81 38.76
CA SER D 22 12.29 12.66 39.61
C SER D 22 13.31 13.42 38.78
N GLY D 23 13.46 14.70 39.12
CA GLY D 23 14.40 15.56 38.41
C GLY D 23 13.73 16.32 37.29
N THR D 24 12.46 16.01 37.01
CA THR D 24 11.76 16.72 35.94
C THR D 24 10.57 17.49 36.48
N LYS D 25 10.11 18.45 35.68
CA LYS D 25 9.00 19.32 36.07
C LYS D 25 7.78 19.09 35.20
N ILE D 26 6.62 18.90 35.82
CA ILE D 26 5.39 18.70 35.06
C ILE D 26 4.95 20.01 34.34
N LEU D 27 4.58 19.89 33.05
CA LEU D 27 4.09 21.05 32.29
C LEU D 27 2.58 20.87 32.14
N TYR D 28 2.14 19.69 31.69
CA TYR D 28 0.71 19.42 31.55
C TYR D 28 0.46 17.94 31.33
N HIS D 29 -0.81 17.54 31.38
CA HIS D 29 -1.18 16.14 31.19
C HIS D 29 -2.14 16.05 30.02
N GLY D 30 -2.43 14.82 29.61
CA GLY D 30 -3.35 14.63 28.49
C GLY D 30 -3.66 13.15 28.29
N TYR D 31 -4.12 12.82 27.07
CA TYR D 31 -4.45 11.45 26.69
C TYR D 31 -3.39 10.96 25.73
N SER D 32 -3.06 9.67 25.84
CA SER D 32 -2.01 9.03 25.03
C SER D 32 -2.37 8.69 23.57
N LEU D 33 -2.01 9.57 22.65
CA LEU D 33 -2.29 9.31 21.23
C LEU D 33 -1.13 8.52 20.62
N LEU D 34 -1.43 7.40 19.96
CA LEU D 34 -0.37 6.60 19.35
C LEU D 34 -0.24 6.98 17.86
N TYR D 35 -1.37 6.94 17.14
CA TYR D 35 -1.37 7.37 15.72
C TYR D 35 -2.78 7.54 15.18
N VAL D 36 -2.87 8.11 14.00
CA VAL D 36 -4.16 8.30 13.35
C VAL D 36 -4.06 7.74 11.94
N GLN D 37 -5.22 7.45 11.32
CA GLN D 37 -5.22 6.92 9.98
C GLN D 37 -6.29 7.70 9.25
N GLY D 38 -5.88 8.44 8.22
CA GLY D 38 -6.82 9.24 7.44
C GLY D 38 -6.66 8.88 5.97
N ASN D 39 -7.78 8.65 5.28
CA ASN D 39 -7.73 8.24 3.87
C ASN D 39 -6.81 7.05 3.70
N GLU D 40 -6.89 6.14 4.67
CA GLU D 40 -6.15 4.89 4.72
C GLU D 40 -4.66 5.00 4.98
N ARG D 41 -4.19 6.18 5.36
CA ARG D 41 -2.77 6.32 5.64
C ARG D 41 -2.54 6.61 7.10
N ALA D 42 -1.60 5.89 7.70
CA ALA D 42 -1.28 6.06 9.11
C ALA D 42 -0.20 7.12 9.30
N HIS D 43 -0.35 7.90 10.37
CA HIS D 43 0.64 8.90 10.74
C HIS D 43 0.71 8.84 12.27
N GLY D 44 1.87 8.49 12.79
CA GLY D 44 2.04 8.37 14.23
C GLY D 44 2.74 9.53 14.92
N GLN D 45 2.73 9.46 16.25
CA GLN D 45 3.37 10.47 17.09
C GLN D 45 4.31 9.68 17.97
N ASP D 46 5.58 10.05 18.02
CA ASP D 46 6.53 9.33 18.86
C ASP D 46 6.08 9.47 20.32
N LEU D 47 5.93 8.35 21.00
CA LEU D 47 5.46 8.36 22.38
C LEU D 47 6.35 9.09 23.37
N GLY D 48 7.58 9.39 22.96
CA GLY D 48 8.47 10.12 23.85
C GLY D 48 8.27 11.61 23.70
N THR D 49 7.47 12.02 22.72
CA THR D 49 7.26 13.45 22.47
C THR D 49 5.89 13.94 22.91
N ALA D 50 5.78 15.25 23.13
CA ALA D 50 4.55 15.87 23.58
C ALA D 50 3.42 15.68 22.55
N GLY D 51 3.78 15.37 21.31
CA GLY D 51 2.79 15.17 20.27
C GLY D 51 1.92 13.97 20.53
N SER D 52 2.39 13.04 21.39
CA SER D 52 1.62 11.86 21.72
C SER D 52 0.77 12.14 22.95
N CYS D 53 0.74 13.39 23.40
CA CYS D 53 -0.04 13.73 24.60
C CYS D 53 -1.00 14.87 24.31
N LEU D 54 -2.23 14.52 23.94
CA LEU D 54 -3.22 15.54 23.60
C LEU D 54 -4.15 15.88 24.78
N ARG D 55 -4.47 17.16 24.90
CA ARG D 55 -5.32 17.59 26.00
C ARG D 55 -6.73 17.02 25.92
N LYS D 56 -7.21 16.76 24.72
CA LYS D 56 -8.57 16.25 24.56
C LYS D 56 -8.64 14.94 23.78
N PHE D 57 -9.51 14.05 24.24
CA PHE D 57 -9.68 12.78 23.57
C PHE D 57 -10.88 12.86 22.65
N SER D 58 -10.84 12.06 21.58
CA SER D 58 -11.97 11.90 20.68
C SER D 58 -11.66 10.72 19.79
N THR D 59 -12.67 9.93 19.43
CA THR D 59 -12.42 8.82 18.52
C THR D 59 -12.05 9.43 17.16
N MET D 60 -12.42 10.70 16.94
CA MET D 60 -12.08 11.38 15.68
C MET D 60 -11.52 12.74 16.03
N PRO D 61 -10.21 12.80 16.32
CA PRO D 61 -9.55 14.03 16.69
C PRO D 61 -9.15 14.96 15.54
N PHE D 62 -9.46 14.55 14.31
CA PHE D 62 -9.09 15.37 13.16
C PHE D 62 -10.20 15.48 12.12
N LEU D 63 -10.02 16.39 11.17
CA LEU D 63 -10.95 16.56 10.05
C LEU D 63 -10.09 16.73 8.81
N PHE D 64 -10.67 16.65 7.61
CA PHE D 64 -9.85 16.86 6.42
C PHE D 64 -10.54 17.84 5.49
N CYS D 65 -9.73 18.52 4.70
CA CYS D 65 -10.20 19.57 3.78
C CYS D 65 -9.64 19.36 2.40
N ASN D 66 -10.33 19.90 1.40
CA ASN D 66 -9.90 19.74 0.02
C ASN D 66 -9.71 21.08 -0.68
N ILE D 67 -9.22 21.02 -1.90
CA ILE D 67 -8.96 22.24 -2.65
C ILE D 67 -10.24 23.01 -3.00
N ASN D 68 -11.39 22.39 -2.79
CA ASN D 68 -12.65 23.06 -3.09
C ASN D 68 -13.21 23.82 -1.87
N ASN D 69 -12.36 24.02 -0.88
CA ASN D 69 -12.74 24.70 0.36
C ASN D 69 -13.91 24.05 1.09
N VAL D 70 -13.86 22.72 1.17
CA VAL D 70 -14.86 21.95 1.88
C VAL D 70 -14.07 21.11 2.86
N CYS D 71 -14.51 21.06 4.11
CA CYS D 71 -13.86 20.22 5.10
C CYS D 71 -14.93 19.26 5.61
N ASN D 72 -14.52 18.04 5.93
CA ASN D 72 -15.41 17.03 6.43
C ASN D 72 -14.86 16.50 7.74
N PHE D 73 -15.72 16.46 8.75
CA PHE D 73 -15.35 15.96 10.06
C PHE D 73 -16.18 14.71 10.35
N ALA D 74 -15.51 13.61 10.68
CA ALA D 74 -16.20 12.35 11.00
C ALA D 74 -17.21 11.99 9.92
N SER D 75 -16.83 12.27 8.66
CA SER D 75 -17.72 12.03 7.55
C SER D 75 -17.18 11.10 6.48
N ARG D 76 -16.34 10.15 6.91
CA ARG D 76 -15.84 9.13 6.00
C ARG D 76 -15.58 7.84 6.79
N ASN D 77 -14.36 7.31 6.79
CA ASN D 77 -14.08 6.02 7.45
C ASN D 77 -12.67 6.06 8.00
N ASP D 78 -12.41 6.94 8.96
CA ASP D 78 -11.06 7.09 9.47
C ASP D 78 -10.88 6.55 10.90
N TYR D 79 -9.63 6.53 11.35
CA TYR D 79 -9.29 5.93 12.64
C TYR D 79 -8.37 6.77 13.52
N SER D 80 -8.40 6.47 14.83
CA SER D 80 -7.48 7.07 15.79
C SER D 80 -7.09 5.90 16.70
N TYR D 81 -5.84 5.90 17.15
CA TYR D 81 -5.32 4.83 17.99
C TYR D 81 -4.69 5.46 19.22
N TRP D 82 -5.00 4.89 20.38
CA TRP D 82 -4.56 5.46 21.64
C TRP D 82 -3.97 4.37 22.52
N LEU D 83 -2.94 4.70 23.31
CA LEU D 83 -2.40 3.71 24.23
C LEU D 83 -3.56 3.39 25.16
N SER D 84 -3.65 2.14 25.61
CA SER D 84 -4.77 1.78 26.43
C SER D 84 -4.38 1.37 27.85
N THR D 85 -5.40 1.10 28.63
CA THR D 85 -5.24 0.73 30.03
C THR D 85 -5.44 -0.77 30.16
N PRO D 86 -5.37 -1.30 31.40
CA PRO D 86 -5.56 -2.74 31.65
C PRO D 86 -7.03 -3.17 31.55
N GLU D 87 -7.94 -2.21 31.35
CA GLU D 87 -9.37 -2.51 31.29
C GLU D 87 -9.65 -3.66 30.33
N PRO D 88 -10.31 -4.73 30.81
CA PRO D 88 -10.60 -5.86 29.93
C PRO D 88 -11.62 -5.59 28.84
N MET D 89 -11.43 -6.26 27.71
CA MET D 89 -12.35 -6.15 26.59
C MET D 89 -13.68 -6.71 27.07
N PRO D 90 -14.79 -6.04 26.73
CA PRO D 90 -16.12 -6.51 27.14
C PRO D 90 -16.32 -7.97 26.71
N MET D 91 -17.06 -8.73 27.52
CA MET D 91 -17.31 -10.14 27.23
C MET D 91 -17.91 -10.35 25.83
N SER D 92 -18.75 -9.42 25.40
CA SER D 92 -19.37 -9.51 24.08
C SER D 92 -18.33 -9.40 22.99
N MET D 93 -17.22 -8.75 23.31
CA MET D 93 -16.15 -8.52 22.35
C MET D 93 -16.61 -7.57 21.23
N ALA D 94 -17.72 -6.87 21.46
CA ALA D 94 -18.24 -5.94 20.48
C ALA D 94 -17.68 -4.53 20.75
N PRO D 95 -17.73 -3.65 19.74
CA PRO D 95 -17.20 -2.29 19.88
C PRO D 95 -17.73 -1.51 21.11
N ILE D 96 -16.83 -0.74 21.72
CA ILE D 96 -17.10 0.07 22.88
C ILE D 96 -17.44 1.49 22.37
N THR D 97 -18.43 2.15 22.97
CA THR D 97 -18.80 3.48 22.51
C THR D 97 -19.09 4.45 23.64
N GLY D 98 -19.05 5.73 23.31
CA GLY D 98 -19.37 6.77 24.26
C GLY D 98 -18.58 6.79 25.55
N GLU D 99 -19.31 6.93 26.67
CA GLU D 99 -18.68 6.99 27.98
C GLU D 99 -17.96 5.70 28.32
N ASN D 100 -18.38 4.62 27.70
CA ASN D 100 -17.75 3.34 27.98
C ASN D 100 -16.31 3.29 27.51
N ILE D 101 -15.93 4.25 26.66
CA ILE D 101 -14.57 4.28 26.16
C ILE D 101 -13.60 4.81 27.24
N ARG D 102 -14.07 5.72 28.09
CA ARG D 102 -13.21 6.36 29.08
C ARG D 102 -12.25 5.46 29.87
N PRO D 103 -12.73 4.33 30.38
CA PRO D 103 -11.86 3.44 31.16
C PRO D 103 -10.68 2.83 30.37
N PHE D 104 -10.77 2.90 29.05
CA PHE D 104 -9.75 2.30 28.18
C PHE D 104 -8.58 3.16 27.72
N ILE D 105 -8.72 4.48 27.81
CA ILE D 105 -7.70 5.39 27.33
C ILE D 105 -6.64 5.80 28.34
N SER D 106 -5.38 5.56 27.98
CA SER D 106 -4.24 5.92 28.80
C SER D 106 -4.05 7.44 28.91
N ARG D 107 -3.39 7.86 30.00
CA ARG D 107 -3.11 9.27 30.25
C ARG D 107 -1.60 9.47 30.13
N CYS D 108 -1.19 10.72 29.96
CA CYS D 108 0.21 11.03 29.82
C CYS D 108 0.58 12.34 30.51
N ALA D 109 1.86 12.56 30.70
CA ALA D 109 2.35 13.78 31.30
C ALA D 109 3.48 14.29 30.40
N VAL D 110 3.49 15.60 30.14
CA VAL D 110 4.57 16.19 29.36
C VAL D 110 5.41 16.86 30.44
N CYS D 111 6.67 16.47 30.55
CA CYS D 111 7.56 16.98 31.57
C CYS D 111 8.79 17.68 30.99
N GLU D 112 9.29 18.71 31.69
CA GLU D 112 10.49 19.39 31.23
C GLU D 112 11.67 18.85 32.03
N ALA D 113 12.73 18.46 31.32
CA ALA D 113 13.92 17.91 31.93
C ALA D 113 15.05 18.94 31.89
N PRO D 114 15.93 18.93 32.91
CA PRO D 114 17.03 19.90 32.90
C PRO D 114 18.09 19.53 31.88
N ALA D 115 18.10 18.27 31.47
CA ALA D 115 19.08 17.81 30.49
C ALA D 115 18.45 16.86 29.48
N MET D 116 19.25 16.44 28.50
CA MET D 116 18.80 15.53 27.45
C MET D 116 18.30 14.21 28.04
N VAL D 117 17.23 13.67 27.49
CA VAL D 117 16.70 12.41 27.98
C VAL D 117 16.74 11.39 26.86
N MET D 118 17.05 10.14 27.19
CA MET D 118 17.11 9.11 26.15
C MET D 118 16.76 7.75 26.70
N ALA D 119 16.56 6.79 25.79
CA ALA D 119 16.26 5.44 26.20
C ALA D 119 17.44 4.60 25.74
N VAL D 120 17.72 3.54 26.48
CA VAL D 120 18.76 2.60 26.10
C VAL D 120 18.10 1.25 26.25
N HIS D 121 18.46 0.33 25.37
CA HIS D 121 17.89 -1.01 25.37
C HIS D 121 18.98 -2.02 25.60
N SER D 122 18.65 -3.09 26.30
CA SER D 122 19.64 -4.13 26.58
C SER D 122 19.66 -5.25 25.55
N GLN D 123 18.51 -5.52 24.96
CA GLN D 123 18.35 -6.62 24.01
C GLN D 123 18.52 -7.94 24.76
N THR D 124 18.25 -7.89 26.06
CA THR D 124 18.30 -9.08 26.92
C THR D 124 17.21 -8.87 27.95
N ILE D 125 16.98 -9.87 28.81
CA ILE D 125 15.96 -9.72 29.83
C ILE D 125 16.47 -8.90 31.00
N GLN D 126 17.70 -8.43 30.92
CA GLN D 126 18.28 -7.61 31.99
C GLN D 126 18.06 -6.11 31.71
N ILE D 127 17.90 -5.32 32.76
CA ILE D 127 17.72 -3.88 32.58
C ILE D 127 19.04 -3.27 32.16
N PRO D 128 19.06 -2.50 31.07
CA PRO D 128 20.34 -1.90 30.66
C PRO D 128 20.66 -0.76 31.58
N PRO D 129 21.92 -0.64 31.98
CA PRO D 129 22.27 0.48 32.88
C PRO D 129 22.31 1.79 32.11
N CYS D 130 22.06 2.90 32.80
CA CYS D 130 22.13 4.19 32.14
C CYS D 130 23.60 4.51 31.88
N PRO D 131 23.88 5.31 30.84
CA PRO D 131 25.27 5.65 30.57
C PRO D 131 25.91 6.31 31.80
N SER D 132 27.24 6.21 31.91
CA SER D 132 27.94 6.80 33.04
C SER D 132 27.62 8.29 33.06
N GLY D 133 27.22 8.80 34.22
CA GLY D 133 26.90 10.21 34.34
C GLY D 133 25.44 10.53 34.07
N TRP D 134 24.65 9.51 33.77
CA TRP D 134 23.22 9.69 33.51
C TRP D 134 22.43 9.02 34.62
N SER D 135 21.29 9.59 34.97
CA SER D 135 20.45 9.01 36.03
C SER D 135 19.16 8.43 35.45
N SER D 136 18.56 7.50 36.19
CA SER D 136 17.34 6.81 35.76
C SER D 136 16.02 7.54 35.95
N LEU D 137 15.17 7.52 34.93
CA LEU D 137 13.85 8.13 35.02
C LEU D 137 12.85 6.98 35.20
N TRP D 138 12.97 5.93 34.38
CA TRP D 138 12.12 4.76 34.52
C TRP D 138 12.68 3.61 33.71
N ILE D 139 12.17 2.41 34.00
CA ILE D 139 12.60 1.22 33.28
C ILE D 139 11.36 0.64 32.60
N GLY D 140 11.56 -0.17 31.57
CA GLY D 140 10.41 -0.73 30.87
C GLY D 140 10.78 -1.81 29.88
N TYR D 141 9.94 -1.93 28.85
CA TYR D 141 10.10 -2.94 27.80
C TYR D 141 10.27 -2.21 26.48
N SER D 142 11.09 -2.77 25.60
CA SER D 142 11.46 -2.20 24.32
C SER D 142 10.37 -2.31 23.26
N PHE D 143 9.60 -1.23 23.14
CA PHE D 143 8.48 -1.11 22.19
C PHE D 143 8.95 -0.38 20.93
N VAL D 144 8.91 -1.03 19.78
CA VAL D 144 9.43 -0.38 18.58
C VAL D 144 8.44 0.01 17.46
N MET D 145 7.45 -0.82 17.18
CA MET D 145 6.47 -0.42 16.16
C MET D 145 5.18 -1.19 16.32
N HIS D 146 4.19 -0.89 15.48
CA HIS D 146 2.91 -1.53 15.60
C HIS D 146 2.17 -1.37 14.28
N THR D 147 1.20 -2.25 14.06
CA THR D 147 0.37 -2.18 12.86
C THR D 147 -1.04 -2.61 13.26
N SER D 148 -2.03 -2.20 12.49
CA SER D 148 -3.39 -2.64 12.79
C SER D 148 -4.14 -2.72 11.48
N ALA D 149 -5.25 -2.01 11.37
CA ALA D 149 -6.05 -2.04 10.15
C ALA D 149 -5.21 -1.78 8.90
N GLY D 150 -5.35 -2.66 7.90
CA GLY D 150 -4.63 -2.51 6.63
C GLY D 150 -3.14 -2.68 6.79
N ALA D 151 -2.72 -3.22 7.93
CA ALA D 151 -1.30 -3.38 8.24
C ALA D 151 -0.60 -2.02 8.21
N GLU D 152 -1.35 -0.97 8.53
CA GLU D 152 -0.78 0.37 8.59
C GLU D 152 -0.39 0.56 10.05
N GLY D 153 0.52 1.49 10.31
CA GLY D 153 0.92 1.75 11.68
C GLY D 153 2.06 2.74 11.72
N SER D 154 2.86 2.67 12.77
CA SER D 154 3.98 3.58 12.90
C SER D 154 4.86 2.99 14.00
N GLY D 155 5.84 3.74 14.45
CA GLY D 155 6.71 3.19 15.47
C GLY D 155 7.45 4.21 16.29
N GLN D 156 8.39 3.72 17.09
CA GLN D 156 9.16 4.60 17.98
C GLN D 156 10.63 4.67 17.58
N ALA D 157 11.29 5.78 17.93
CA ALA D 157 12.71 5.96 17.67
C ALA D 157 13.35 5.19 18.83
N LEU D 158 14.31 4.33 18.53
CA LEU D 158 14.90 3.52 19.62
C LEU D 158 15.69 4.24 20.71
N ALA D 159 15.98 5.53 20.53
CA ALA D 159 16.67 6.27 21.58
C ALA D 159 15.68 7.23 22.25
N SER D 160 14.41 7.17 21.82
CA SER D 160 13.36 7.99 22.41
C SER D 160 12.74 7.28 23.60
N PRO D 161 12.35 8.04 24.64
CA PRO D 161 11.71 7.42 25.81
C PRO D 161 10.44 6.68 25.37
N GLY D 162 9.93 7.06 24.19
CA GLY D 162 8.73 6.40 23.69
C GLY D 162 8.91 4.94 23.36
N SER D 163 10.16 4.53 23.14
CA SER D 163 10.43 3.13 22.84
C SER D 163 10.54 2.32 24.13
N CYS D 164 10.30 2.95 25.27
CA CYS D 164 10.43 2.23 26.54
C CYS D 164 9.12 2.33 27.31
N LEU D 165 8.22 1.35 27.10
CA LEU D 165 6.93 1.34 27.78
C LEU D 165 7.10 0.68 29.14
N GLU D 166 6.59 1.33 30.18
CA GLU D 166 6.75 0.80 31.53
C GLU D 166 6.00 -0.47 31.84
N GLU D 167 4.85 -0.65 31.20
CA GLU D 167 4.07 -1.86 31.41
C GLU D 167 3.98 -2.63 30.11
N PHE D 168 4.43 -3.88 30.12
CA PHE D 168 4.33 -4.69 28.92
C PHE D 168 2.85 -5.06 28.76
N ARG D 169 2.35 -5.00 27.53
CA ARG D 169 0.95 -5.34 27.23
C ARG D 169 1.01 -5.99 25.85
N SER D 170 0.33 -7.09 25.65
CA SER D 170 0.33 -7.71 24.31
C SER D 170 -0.53 -6.83 23.39
N ALA D 171 -1.41 -6.04 23.99
CA ALA D 171 -2.29 -5.12 23.27
C ALA D 171 -2.17 -3.77 23.97
N PRO D 172 -1.08 -3.05 23.72
CA PRO D 172 -0.88 -1.76 24.36
C PRO D 172 -1.69 -0.59 23.83
N PHE D 173 -2.40 -0.81 22.74
CA PHE D 173 -3.19 0.26 22.16
C PHE D 173 -4.58 -0.20 21.69
N ILE D 174 -5.52 0.73 21.64
CA ILE D 174 -6.87 0.40 21.21
C ILE D 174 -7.17 1.16 19.92
N GLU D 175 -8.02 0.58 19.07
CA GLU D 175 -8.37 1.17 17.78
C GLU D 175 -9.73 1.83 17.84
N CYS D 176 -9.81 3.11 17.45
CA CYS D 176 -11.10 3.79 17.46
C CYS D 176 -11.43 4.27 16.06
N HIS D 177 -12.70 4.53 15.84
CA HIS D 177 -13.19 4.94 14.52
C HIS D 177 -13.96 6.24 14.57
N GLY D 178 -13.97 6.96 13.46
CA GLY D 178 -14.71 8.21 13.41
C GLY D 178 -16.17 8.04 13.81
N ARG D 179 -16.74 6.87 13.60
CA ARG D 179 -18.14 6.69 13.94
C ARG D 179 -18.38 6.62 15.44
N GLY D 180 -17.30 6.63 16.23
CA GLY D 180 -17.45 6.64 17.69
C GLY D 180 -17.21 5.33 18.43
N THR D 181 -16.78 4.31 17.71
CA THR D 181 -16.51 3.00 18.31
C THR D 181 -15.01 2.79 18.53
N CYS D 182 -14.67 1.90 19.47
CA CYS D 182 -13.27 1.53 19.68
C CYS D 182 -13.29 0.03 20.00
N ASN D 183 -12.22 -0.67 19.67
CA ASN D 183 -12.14 -2.08 20.01
C ASN D 183 -10.74 -2.57 19.79
N TYR D 184 -10.47 -3.78 20.28
CA TYR D 184 -9.21 -4.44 20.07
C TYR D 184 -9.51 -5.39 18.90
N TYR D 185 -8.57 -5.50 17.97
CA TYR D 185 -8.74 -6.42 16.84
C TYR D 185 -7.59 -7.42 16.81
N ALA D 186 -7.85 -8.59 16.25
CA ALA D 186 -6.85 -9.65 16.16
C ALA D 186 -5.59 -9.26 15.41
N ASN D 187 -5.69 -8.32 14.46
CA ASN D 187 -4.50 -7.91 13.71
C ASN D 187 -3.79 -6.69 14.29
N ALA D 188 -4.11 -6.33 15.54
CA ALA D 188 -3.45 -5.18 16.17
C ALA D 188 -2.16 -5.80 16.70
N TYR D 189 -1.08 -5.61 15.95
CA TYR D 189 0.19 -6.19 16.32
C TYR D 189 1.15 -5.19 16.96
N SER D 190 1.78 -5.60 18.05
CA SER D 190 2.76 -4.76 18.71
C SER D 190 4.11 -5.45 18.51
N PHE D 191 5.12 -4.68 18.08
CA PHE D 191 6.45 -5.22 17.81
C PHE D 191 7.41 -4.72 18.89
N TRP D 192 8.19 -5.64 19.44
CA TRP D 192 9.13 -5.29 20.50
C TRP D 192 10.54 -5.75 20.14
N LEU D 193 11.57 -5.09 20.68
CA LEU D 193 12.94 -5.58 20.41
C LEU D 193 13.01 -6.93 21.14
N ALA D 194 13.63 -7.91 20.50
CA ALA D 194 13.75 -9.23 21.07
C ALA D 194 15.09 -9.39 21.83
N THR D 195 15.17 -10.44 22.63
CA THR D 195 16.41 -10.71 23.35
C THR D 195 17.34 -11.41 22.36
N ILE D 196 18.55 -10.87 22.22
CA ILE D 196 19.55 -11.43 21.33
C ILE D 196 20.83 -11.73 22.11
N GLU D 197 21.31 -12.98 22.06
CA GLU D 197 22.56 -13.35 22.73
C GLU D 197 23.72 -12.93 21.83
N ARG D 198 24.75 -12.31 22.41
CA ARG D 198 25.91 -11.88 21.62
C ARG D 198 26.44 -13.00 20.73
N SER D 199 26.50 -14.22 21.26
CA SER D 199 27.03 -15.32 20.49
C SER D 199 26.14 -15.70 19.29
N GLU D 200 24.86 -15.34 19.36
CA GLU D 200 23.94 -15.67 18.29
C GLU D 200 23.63 -14.52 17.33
N MET D 201 24.33 -13.39 17.46
CA MET D 201 24.06 -12.26 16.59
C MET D 201 24.08 -12.63 15.11
N PHE D 202 25.08 -13.40 14.69
CA PHE D 202 25.18 -13.78 13.30
C PHE D 202 24.84 -15.24 13.04
N LYS D 203 23.85 -15.73 13.77
CA LYS D 203 23.39 -17.09 13.61
C LYS D 203 21.93 -16.97 13.17
N LYS D 204 21.43 -17.98 12.48
CA LYS D 204 20.03 -17.99 12.06
C LYS D 204 19.21 -17.94 13.35
N PRO D 205 18.24 -17.02 13.43
CA PRO D 205 17.45 -16.95 14.66
C PRO D 205 16.68 -18.23 14.99
N THR D 206 16.54 -18.52 16.27
CA THR D 206 15.79 -19.70 16.72
C THR D 206 14.35 -19.22 16.89
N PRO D 207 13.41 -19.77 16.10
CA PRO D 207 11.99 -19.38 16.21
C PRO D 207 11.43 -19.73 17.58
N SER D 208 10.50 -18.91 18.06
CA SER D 208 9.89 -19.12 19.35
C SER D 208 8.43 -18.64 19.37
N THR D 209 7.55 -19.45 19.94
CA THR D 209 6.13 -19.11 20.06
C THR D 209 5.87 -19.01 21.56
N LEU D 210 5.40 -17.85 22.00
CA LEU D 210 5.15 -17.62 23.41
C LEU D 210 3.68 -17.39 23.71
N LYS D 211 3.22 -17.95 24.83
CA LYS D 211 1.82 -17.80 25.24
C LYS D 211 1.72 -17.08 26.60
N ALA D 212 0.50 -16.76 27.01
CA ALA D 212 0.27 -16.03 28.25
C ALA D 212 1.14 -16.58 29.38
N GLY D 213 1.82 -15.66 30.07
CA GLY D 213 2.68 -16.07 31.16
C GLY D 213 4.15 -16.07 30.82
N GLU D 214 4.48 -16.30 29.55
CA GLU D 214 5.88 -16.34 29.12
C GLU D 214 6.19 -15.29 28.03
N LEU D 215 5.24 -14.40 27.77
CA LEU D 215 5.43 -13.41 26.72
C LEU D 215 6.69 -12.56 26.86
N ARG D 216 6.98 -12.11 28.07
CA ARG D 216 8.15 -11.27 28.28
C ARG D 216 9.50 -11.99 28.27
N THR D 217 9.50 -13.32 28.20
CA THR D 217 10.77 -14.03 28.22
C THR D 217 11.69 -13.70 27.05
N HIS D 218 11.15 -13.12 25.98
CA HIS D 218 12.01 -12.76 24.86
C HIS D 218 11.94 -11.28 24.55
N VAL D 219 11.39 -10.50 25.47
CA VAL D 219 11.28 -9.06 25.25
C VAL D 219 12.46 -8.31 25.87
N SER D 220 13.12 -7.51 25.05
CA SER D 220 14.25 -6.68 25.48
C SER D 220 13.77 -5.68 26.52
N ARG D 221 14.64 -5.33 27.47
CA ARG D 221 14.32 -4.35 28.50
C ARG D 221 15.00 -3.03 28.16
N CYS D 222 14.54 -1.97 28.80
CA CYS D 222 15.11 -0.65 28.55
C CYS D 222 15.04 0.22 29.79
N GLN D 223 15.81 1.29 29.76
CA GLN D 223 15.79 2.24 30.83
C GLN D 223 15.81 3.62 30.17
N VAL D 224 15.06 4.56 30.73
CA VAL D 224 15.04 5.92 30.21
C VAL D 224 15.93 6.70 31.16
N CYS D 225 16.88 7.44 30.59
CA CYS D 225 17.87 8.16 31.39
C CYS D 225 18.01 9.61 31.05
N MET D 226 18.50 10.36 32.02
CA MET D 226 18.69 11.79 31.84
C MET D 226 20.09 12.19 32.32
N ARG D 227 20.75 13.04 31.54
CA ARG D 227 22.08 13.53 31.88
C ARG D 227 22.04 14.25 33.21
N ARG D 228 22.90 13.81 34.13
CA ARG D 228 22.99 14.45 35.44
C ARG D 228 23.76 15.74 35.16
N THR D 229 23.24 16.86 35.60
CA THR D 229 23.90 18.14 35.36
C THR D 229 24.37 18.82 36.65
N ASP E 3 26.52 29.30 24.90
CA ASP E 3 26.07 29.93 23.63
C ASP E 3 25.44 28.89 22.71
N HIS E 4 24.64 28.01 23.29
CA HIS E 4 23.97 26.96 22.52
C HIS E 4 23.11 27.52 21.41
N GLY E 5 22.86 26.67 20.42
CA GLY E 5 22.04 27.07 19.29
C GLY E 5 21.15 25.92 18.87
N PHE E 6 19.89 26.24 18.68
CA PHE E 6 18.85 25.31 18.27
C PHE E 6 18.22 25.98 17.08
N LEU E 7 17.61 25.19 16.22
CA LEU E 7 17.02 25.78 15.04
C LEU E 7 15.51 25.85 15.09
N VAL E 8 14.96 26.87 14.47
CA VAL E 8 13.52 27.02 14.39
C VAL E 8 13.28 27.36 12.92
N THR E 9 12.32 26.67 12.30
CA THR E 9 12.00 26.89 10.90
C THR E 9 10.61 27.49 10.80
N ARG E 10 10.47 28.50 9.95
CA ARG E 10 9.20 29.18 9.80
C ARG E 10 8.85 29.28 8.33
N HIS E 11 7.57 29.11 8.01
CA HIS E 11 7.08 29.14 6.63
C HIS E 11 6.10 30.29 6.45
N SER E 12 6.36 31.14 5.46
CA SER E 12 5.47 32.29 5.22
C SER E 12 4.18 31.89 4.56
N GLN E 13 4.20 30.82 3.77
CA GLN E 13 3.02 30.40 3.02
C GLN E 13 2.67 31.50 2.00
N THR E 14 3.70 32.26 1.59
CA THR E 14 3.54 33.33 0.59
C THR E 14 4.85 33.39 -0.17
N ILE E 15 4.92 34.25 -1.20
CA ILE E 15 6.15 34.36 -1.98
C ILE E 15 7.22 35.16 -1.24
N ASP E 16 6.86 35.76 -0.11
CA ASP E 16 7.79 36.55 0.68
C ASP E 16 8.48 35.75 1.76
N ASP E 17 9.77 36.03 1.99
CA ASP E 17 10.51 35.33 3.03
C ASP E 17 9.87 35.66 4.37
N PRO E 18 9.76 34.67 5.25
CA PRO E 18 9.16 35.00 6.55
C PRO E 18 10.27 35.61 7.40
N GLN E 19 9.92 36.36 8.43
CA GLN E 19 10.93 36.95 9.31
C GLN E 19 11.13 35.98 10.46
N CYS E 20 12.35 35.93 10.98
CA CYS E 20 12.63 35.07 12.12
C CYS E 20 11.84 35.57 13.32
N PRO E 21 11.34 34.65 14.16
CA PRO E 21 10.58 35.13 15.31
C PRO E 21 11.49 35.84 16.32
N SER E 22 10.87 36.59 17.22
CA SER E 22 11.58 37.35 18.24
C SER E 22 12.58 36.48 19.01
N GLY E 23 13.80 36.98 19.18
CA GLY E 23 14.81 36.25 19.91
C GLY E 23 15.63 35.23 19.15
N THR E 24 15.41 35.12 17.84
CA THR E 24 16.16 34.16 17.03
C THR E 24 16.84 34.90 15.87
N LYS E 25 17.88 34.30 15.30
CA LYS E 25 18.61 34.94 14.22
C LYS E 25 18.60 34.13 12.93
N ILE E 26 18.47 34.84 11.82
CA ILE E 26 18.41 34.20 10.51
C ILE E 26 19.67 33.45 10.12
N LEU E 27 19.47 32.26 9.55
CA LEU E 27 20.59 31.46 9.05
C LEU E 27 20.46 31.47 7.54
N TYR E 28 19.26 31.19 7.02
CA TYR E 28 19.03 31.23 5.57
C TYR E 28 17.55 31.13 5.23
N HIS E 29 17.22 31.51 4.00
CA HIS E 29 15.85 31.44 3.51
C HIS E 29 15.79 30.43 2.37
N GLY E 30 14.64 29.81 2.17
CA GLY E 30 14.53 28.84 1.09
C GLY E 30 13.08 28.67 0.67
N TYR E 31 12.79 27.51 0.10
CA TYR E 31 11.45 27.17 -0.35
C TYR E 31 10.96 26.04 0.55
N SER E 32 9.65 26.08 0.83
CA SER E 32 9.02 25.13 1.74
C SER E 32 8.71 23.76 1.13
N LEU E 33 9.57 22.80 1.37
CA LEU E 33 9.35 21.45 0.87
C LEU E 33 8.47 20.70 1.89
N LEU E 34 7.36 20.13 1.44
CA LEU E 34 6.49 19.38 2.35
C LEU E 34 6.90 17.90 2.36
N TYR E 35 6.99 17.29 1.18
CA TYR E 35 7.44 15.91 1.06
C TYR E 35 7.77 15.56 -0.37
N VAL E 36 8.36 14.38 -0.55
CA VAL E 36 8.67 13.89 -1.89
C VAL E 36 8.09 12.50 -1.96
N GLN E 37 7.96 12.01 -3.18
CA GLN E 37 7.42 10.68 -3.39
C GLN E 37 8.30 10.07 -4.48
N GLY E 38 9.04 9.05 -4.10
CA GLY E 38 9.96 8.38 -5.02
C GLY E 38 9.62 6.91 -5.11
N ASN E 39 9.50 6.40 -6.33
CA ASN E 39 9.14 5.01 -6.56
C ASN E 39 7.89 4.67 -5.72
N GLU E 40 6.95 5.61 -5.67
CA GLU E 40 5.68 5.43 -4.98
C GLU E 40 5.73 5.40 -3.47
N ARG E 41 6.83 5.89 -2.89
CA ARG E 41 6.89 5.95 -1.45
C ARG E 41 7.03 7.41 -1.05
N ALA E 42 6.14 7.87 -0.17
CA ALA E 42 6.22 9.26 0.27
C ALA E 42 7.22 9.36 1.41
N HIS E 43 7.91 10.48 1.48
CA HIS E 43 8.88 10.71 2.56
C HIS E 43 8.84 12.21 2.81
N GLY E 44 8.43 12.59 4.02
CA GLY E 44 8.33 14.00 4.29
C GLY E 44 9.48 14.56 5.10
N GLN E 45 9.52 15.89 5.15
CA GLN E 45 10.52 16.60 5.93
C GLN E 45 9.64 17.39 6.89
N ASP E 46 9.72 17.09 8.17
CA ASP E 46 8.89 17.78 9.14
C ASP E 46 9.01 19.31 8.98
N LEU E 47 7.87 19.97 8.81
CA LEU E 47 7.84 21.42 8.61
C LEU E 47 8.49 22.24 9.72
N GLY E 48 8.72 21.62 10.87
CA GLY E 48 9.33 22.34 11.97
C GLY E 48 10.85 22.22 11.94
N THR E 49 11.38 21.48 10.96
CA THR E 49 12.82 21.25 10.82
C THR E 49 13.38 21.92 9.58
N ALA E 50 14.69 22.19 9.59
CA ALA E 50 15.37 22.83 8.46
C ALA E 50 15.25 22.01 7.18
N GLY E 51 15.04 20.70 7.32
CA GLY E 51 14.89 19.83 6.17
C GLY E 51 13.73 20.23 5.28
N SER E 52 12.78 20.99 5.81
CA SER E 52 11.63 21.42 5.02
C SER E 52 11.92 22.77 4.37
N CYS E 53 13.14 23.26 4.51
CA CYS E 53 13.50 24.56 3.91
C CYS E 53 14.70 24.35 2.98
N LEU E 54 14.44 24.26 1.69
CA LEU E 54 15.50 24.03 0.71
C LEU E 54 15.92 25.32 0.02
N ARG E 55 17.22 25.53 -0.07
CA ARG E 55 17.78 26.71 -0.71
C ARG E 55 17.33 26.83 -2.16
N LYS E 56 17.22 25.68 -2.82
CA LYS E 56 16.83 25.68 -4.22
C LYS E 56 15.58 24.86 -4.49
N PHE E 57 14.72 25.43 -5.33
CA PHE E 57 13.48 24.76 -5.72
C PHE E 57 13.65 23.98 -7.01
N SER E 58 12.97 22.85 -7.09
CA SER E 58 12.94 22.05 -8.30
C SER E 58 11.75 21.13 -8.17
N THR E 59 11.09 20.88 -9.30
CA THR E 59 9.96 19.97 -9.30
C THR E 59 10.51 18.57 -9.07
N MET E 60 11.81 18.38 -9.30
CA MET E 60 12.42 17.07 -9.07
C MET E 60 13.79 17.32 -8.46
N PRO E 61 13.83 17.56 -7.13
CA PRO E 61 15.04 17.83 -6.35
C PRO E 61 15.89 16.63 -5.96
N PHE E 62 15.60 15.48 -6.54
CA PHE E 62 16.36 14.26 -6.21
C PHE E 62 16.43 13.33 -7.41
N LEU E 63 17.28 12.32 -7.27
CA LEU E 63 17.49 11.31 -8.30
C LEU E 63 17.58 9.99 -7.56
N PHE E 64 17.55 8.88 -8.28
CA PHE E 64 17.68 7.58 -7.62
C PHE E 64 18.70 6.72 -8.34
N CYS E 65 19.31 5.80 -7.59
CA CYS E 65 20.34 4.94 -8.14
C CYS E 65 20.03 3.49 -7.90
N ASN E 66 20.40 2.65 -8.88
CA ASN E 66 20.13 1.22 -8.79
C ASN E 66 21.34 0.34 -8.46
N ILE E 67 21.07 -0.96 -8.37
CA ILE E 67 22.07 -1.94 -8.02
C ILE E 67 23.19 -2.07 -9.06
N ASN E 68 22.94 -1.60 -10.27
CA ASN E 68 23.96 -1.67 -11.32
C ASN E 68 24.81 -0.41 -11.35
N ASN E 69 24.70 0.40 -10.30
CA ASN E 69 25.44 1.64 -10.19
C ASN E 69 25.09 2.58 -11.33
N VAL E 70 23.79 2.63 -11.63
CA VAL E 70 23.26 3.51 -12.64
C VAL E 70 22.19 4.37 -11.97
N CYS E 71 22.24 5.68 -12.15
CA CYS E 71 21.25 6.55 -11.54
C CYS E 71 20.42 7.17 -12.63
N ASN E 72 19.17 7.48 -12.29
CA ASN E 72 18.28 8.09 -13.24
C ASN E 72 17.73 9.37 -12.63
N PHE E 73 17.69 10.42 -13.43
CA PHE E 73 17.16 11.69 -12.97
C PHE E 73 15.95 12.09 -13.78
N ALA E 74 14.83 12.25 -13.08
CA ALA E 74 13.57 12.69 -13.66
C ALA E 74 12.96 11.93 -14.83
N SER E 75 13.44 10.73 -15.11
CA SER E 75 12.90 9.96 -16.22
C SER E 75 11.61 9.22 -15.86
N ARG E 76 11.42 8.96 -14.58
CA ARG E 76 10.25 8.23 -14.16
C ARG E 76 9.06 9.09 -13.77
N ASN E 77 8.25 8.60 -12.84
CA ASN E 77 7.07 9.35 -12.43
C ASN E 77 7.05 9.60 -10.93
N ASP E 78 7.99 10.41 -10.48
CA ASP E 78 8.08 10.74 -9.06
C ASP E 78 7.54 12.13 -8.80
N TYR E 79 7.38 12.47 -7.52
CA TYR E 79 6.81 13.75 -7.14
C TYR E 79 7.57 14.51 -6.08
N SER E 80 7.28 15.80 -6.01
CA SER E 80 7.78 16.65 -4.94
C SER E 80 6.56 17.49 -4.58
N TYR E 81 6.39 17.79 -3.30
CA TYR E 81 5.25 18.60 -2.85
C TYR E 81 5.78 19.76 -2.02
N TRP E 82 5.19 20.94 -2.21
CA TRP E 82 5.67 22.12 -1.54
C TRP E 82 4.53 22.89 -0.91
N LEU E 83 4.78 23.54 0.23
CA LEU E 83 3.72 24.36 0.82
C LEU E 83 3.50 25.45 -0.21
N SER E 84 2.26 25.90 -0.34
CA SER E 84 1.95 26.90 -1.33
C SER E 84 1.48 28.23 -0.77
N THR E 85 1.31 29.18 -1.68
CA THR E 85 0.91 30.53 -1.37
C THR E 85 -0.58 30.72 -1.69
N PRO E 86 -1.10 31.93 -1.46
CA PRO E 86 -2.53 32.17 -1.74
C PRO E 86 -2.77 32.32 -3.24
N GLU E 87 -1.72 32.22 -4.04
CA GLU E 87 -1.86 32.37 -5.49
C GLU E 87 -3.00 31.51 -6.02
N PRO E 88 -4.00 32.14 -6.64
CA PRO E 88 -5.14 31.39 -7.17
C PRO E 88 -4.74 30.37 -8.23
N MET E 89 -5.39 29.22 -8.18
CA MET E 89 -5.15 28.16 -9.13
C MET E 89 -5.66 28.68 -10.47
N PRO E 90 -4.84 28.58 -11.54
CA PRO E 90 -5.20 29.04 -12.90
C PRO E 90 -6.62 28.64 -13.32
N MET E 91 -7.35 29.58 -13.91
CA MET E 91 -8.72 29.33 -14.33
C MET E 91 -8.83 28.10 -15.25
N SER E 92 -7.79 27.86 -16.05
CA SER E 92 -7.78 26.73 -16.97
C SER E 92 -7.70 25.41 -16.20
N MET E 93 -7.15 25.46 -14.99
CA MET E 93 -6.98 24.29 -14.15
C MET E 93 -5.96 23.32 -14.74
N ALA E 94 -5.22 23.80 -15.74
CA ALA E 94 -4.18 22.99 -16.37
C ALA E 94 -2.85 23.10 -15.60
N PRO E 95 -1.99 22.07 -15.71
CA PRO E 95 -0.71 22.09 -15.02
C PRO E 95 0.13 23.34 -15.30
N ILE E 96 0.83 23.79 -14.26
CA ILE E 96 1.69 24.97 -14.27
C ILE E 96 3.14 24.51 -14.51
N THR E 97 3.90 25.25 -15.33
CA THR E 97 5.29 24.88 -15.60
C THR E 97 6.29 26.02 -15.52
N GLY E 98 7.57 25.66 -15.46
CA GLY E 98 8.65 26.63 -15.42
C GLY E 98 8.51 27.80 -14.47
N GLU E 99 8.86 28.98 -14.95
CA GLU E 99 8.80 30.19 -14.15
C GLU E 99 7.40 30.48 -13.61
N ASN E 100 6.38 29.95 -14.26
CA ASN E 100 5.02 30.20 -13.79
C ASN E 100 4.74 29.51 -12.45
N ILE E 101 5.62 28.61 -12.06
CA ILE E 101 5.47 27.88 -10.80
C ILE E 101 5.85 28.72 -9.60
N ARG E 102 6.85 29.59 -9.78
CA ARG E 102 7.33 30.39 -8.66
C ARG E 102 6.30 31.08 -7.78
N PRO E 103 5.33 31.81 -8.35
CA PRO E 103 4.37 32.46 -7.45
C PRO E 103 3.55 31.52 -6.55
N PHE E 104 3.62 30.21 -6.79
CA PHE E 104 2.85 29.26 -5.99
C PHE E 104 3.61 28.65 -4.84
N ILE E 105 4.92 28.85 -4.81
CA ILE E 105 5.75 28.23 -3.78
C ILE E 105 6.03 29.05 -2.52
N SER E 106 5.68 28.48 -1.37
CA SER E 106 5.90 29.15 -0.11
C SER E 106 7.40 29.28 0.19
N ARG E 107 7.76 30.35 0.90
CA ARG E 107 9.14 30.60 1.30
C ARG E 107 9.31 30.24 2.78
N CYS E 108 10.55 30.06 3.22
CA CYS E 108 10.79 29.71 4.60
C CYS E 108 12.08 30.35 5.08
N ALA E 109 12.24 30.34 6.40
CA ALA E 109 13.42 30.89 7.04
C ALA E 109 13.84 29.87 8.07
N VAL E 110 15.15 29.67 8.19
CA VAL E 110 15.72 28.78 9.19
C VAL E 110 16.44 29.78 10.06
N CYS E 111 16.18 29.73 11.38
CA CYS E 111 16.75 30.68 12.31
C CYS E 111 17.39 29.97 13.48
N GLU E 112 18.42 30.58 14.07
CA GLU E 112 19.08 29.98 15.21
C GLU E 112 18.41 30.56 16.45
N ALA E 113 18.05 29.68 17.39
CA ALA E 113 17.38 30.09 18.61
C ALA E 113 18.24 29.79 19.83
N PRO E 114 18.06 30.56 20.89
CA PRO E 114 18.82 30.38 22.12
C PRO E 114 18.38 29.17 22.95
N ALA E 115 17.21 28.62 22.63
CA ALA E 115 16.69 27.48 23.38
C ALA E 115 15.72 26.68 22.53
N MET E 116 15.27 25.56 23.08
CA MET E 116 14.34 24.65 22.41
C MET E 116 12.99 25.30 22.15
N VAL E 117 12.32 24.81 21.11
CA VAL E 117 11.01 25.31 20.74
C VAL E 117 10.04 24.13 20.66
N MET E 118 8.76 24.39 20.82
CA MET E 118 7.76 23.32 20.79
C MET E 118 6.42 23.93 20.43
N ALA E 119 5.47 23.06 20.09
CA ALA E 119 4.12 23.51 19.78
C ALA E 119 3.15 22.90 20.80
N VAL E 120 2.08 23.63 21.11
CA VAL E 120 1.04 23.11 21.98
C VAL E 120 -0.25 23.34 21.18
N HIS E 121 -1.25 22.49 21.39
CA HIS E 121 -2.51 22.55 20.65
C HIS E 121 -3.65 22.61 21.63
N SER E 122 -4.64 23.46 21.37
CA SER E 122 -5.77 23.56 22.31
C SER E 122 -6.89 22.61 21.97
N GLN E 123 -7.00 22.26 20.69
CA GLN E 123 -8.10 21.44 20.21
C GLN E 123 -9.40 22.19 20.50
N THR E 124 -9.32 23.51 20.50
CA THR E 124 -10.48 24.38 20.67
C THR E 124 -10.22 25.59 19.77
N ILE E 125 -11.19 26.51 19.68
CA ILE E 125 -11.00 27.70 18.87
C ILE E 125 -10.16 28.75 19.61
N GLN E 126 -9.78 28.45 20.86
CA GLN E 126 -8.97 29.42 21.60
C GLN E 126 -7.49 29.03 21.54
N ILE E 127 -6.63 30.01 21.76
CA ILE E 127 -5.19 29.79 21.71
C ILE E 127 -4.69 29.10 22.96
N PRO E 128 -4.00 27.96 22.81
CA PRO E 128 -3.47 27.27 23.99
C PRO E 128 -2.32 28.10 24.56
N PRO E 129 -2.23 28.23 25.90
CA PRO E 129 -1.12 29.03 26.43
C PRO E 129 0.20 28.29 26.35
N CYS E 130 1.29 29.03 26.28
CA CYS E 130 2.61 28.41 26.26
C CYS E 130 2.84 27.77 27.63
N PRO E 131 3.53 26.62 27.66
CA PRO E 131 3.79 25.98 28.96
C PRO E 131 4.55 26.89 29.90
N SER E 132 4.54 26.51 31.17
CA SER E 132 5.23 27.22 32.25
C SER E 132 6.70 27.43 31.88
N GLY E 133 7.16 28.68 31.81
CA GLY E 133 8.55 28.95 31.50
C GLY E 133 8.92 29.11 30.02
N TRP E 134 7.91 29.06 29.16
CA TRP E 134 8.11 29.19 27.71
C TRP E 134 7.38 30.43 27.18
N SER E 135 7.92 31.08 26.15
CA SER E 135 7.25 32.26 25.60
C SER E 135 6.88 32.04 24.14
N SER E 136 5.86 32.77 23.70
CA SER E 136 5.34 32.64 22.36
C SER E 136 6.21 33.09 21.22
N LEU E 137 6.26 32.31 20.14
CA LEU E 137 6.98 32.72 18.92
C LEU E 137 5.88 33.08 17.90
N TRP E 138 4.84 32.25 17.84
CA TRP E 138 3.71 32.54 16.95
C TRP E 138 2.51 31.65 17.25
N ILE E 139 1.35 31.98 16.69
CA ILE E 139 0.16 31.17 16.90
C ILE E 139 -0.30 30.68 15.52
N GLY E 140 -1.09 29.62 15.51
CA GLY E 140 -1.52 29.09 14.25
C GLY E 140 -2.66 28.11 14.36
N TYR E 141 -2.70 27.19 13.38
CA TYR E 141 -3.71 26.15 13.24
C TYR E 141 -3.02 24.79 13.23
N SER E 142 -3.62 23.83 13.93
CA SER E 142 -3.06 22.48 14.08
C SER E 142 -3.11 21.61 12.82
N PHE E 143 -1.97 21.52 12.15
CA PHE E 143 -1.82 20.76 10.90
C PHE E 143 -1.23 19.38 11.24
N VAL E 144 -1.97 18.33 10.93
CA VAL E 144 -1.55 16.99 11.29
C VAL E 144 -0.91 16.15 10.21
N MET E 145 -1.58 15.98 9.07
CA MET E 145 -1.04 15.17 8.01
C MET E 145 -1.69 15.55 6.70
N HIS E 146 -1.32 14.85 5.65
CA HIS E 146 -1.86 15.16 4.32
C HIS E 146 -1.66 13.96 3.40
N THR E 147 -2.43 13.93 2.30
CA THR E 147 -2.26 12.87 1.32
C THR E 147 -2.49 13.49 -0.03
N SER E 148 -1.90 12.90 -1.06
CA SER E 148 -2.14 13.43 -2.39
C SER E 148 -2.12 12.26 -3.37
N ALA E 149 -1.27 12.31 -4.39
CA ALA E 149 -1.21 11.23 -5.40
C ALA E 149 -1.06 9.83 -4.79
N GLY E 150 -1.90 8.90 -5.25
CA GLY E 150 -1.85 7.54 -4.74
C GLY E 150 -2.21 7.43 -3.27
N ALA E 151 -2.78 8.50 -2.71
CA ALA E 151 -3.14 8.54 -1.29
C ALA E 151 -1.90 8.39 -0.40
N GLU E 152 -0.72 8.67 -0.96
CA GLU E 152 0.53 8.63 -0.18
C GLU E 152 0.63 10.00 0.49
N GLY E 153 1.38 10.11 1.57
CA GLY E 153 1.51 11.40 2.20
C GLY E 153 2.45 11.27 3.37
N SER E 154 2.39 12.26 4.25
CA SER E 154 3.23 12.28 5.42
C SER E 154 2.57 13.21 6.41
N GLY E 155 3.19 13.46 7.55
CA GLY E 155 2.57 14.32 8.52
C GLY E 155 3.57 15.06 9.36
N GLN E 156 3.07 15.74 10.39
CA GLN E 156 3.90 16.54 11.27
C GLN E 156 3.91 15.98 12.68
N ALA E 157 4.98 16.26 13.40
CA ALA E 157 5.08 15.84 14.80
C ALA E 157 4.26 16.94 15.52
N LEU E 158 3.25 16.54 16.30
CA LEU E 158 2.42 17.50 17.01
C LEU E 158 3.13 18.29 18.10
N ALA E 159 4.35 17.89 18.45
CA ALA E 159 5.11 18.67 19.44
C ALA E 159 6.01 19.66 18.69
N SER E 160 6.05 19.55 17.37
CA SER E 160 6.89 20.39 16.52
C SER E 160 6.21 21.62 15.95
N PRO E 161 6.96 22.70 15.72
CA PRO E 161 6.34 23.91 15.15
C PRO E 161 5.72 23.62 13.77
N GLY E 162 6.16 22.54 13.15
CA GLY E 162 5.66 22.17 11.83
C GLY E 162 4.18 21.82 11.83
N SER E 163 3.67 21.46 13.01
CA SER E 163 2.27 21.13 13.15
C SER E 163 1.44 22.39 13.44
N CYS E 164 2.07 23.55 13.42
CA CYS E 164 1.37 24.80 13.70
C CYS E 164 1.59 25.81 12.57
N LEU E 165 0.74 25.75 11.56
CA LEU E 165 0.83 26.66 10.41
C LEU E 165 0.14 27.96 10.75
N GLU E 166 0.78 29.07 10.40
CA GLU E 166 0.25 30.37 10.76
C GLU E 166 -0.98 30.76 9.96
N GLU E 167 -1.08 30.24 8.75
CA GLU E 167 -2.25 30.55 7.92
C GLU E 167 -3.00 29.27 7.59
N PHE E 168 -4.27 29.20 7.97
CA PHE E 168 -5.06 28.03 7.63
C PHE E 168 -5.28 28.07 6.12
N ARG E 169 -5.18 26.93 5.45
CA ARG E 169 -5.41 26.86 4.01
C ARG E 169 -6.10 25.54 3.77
N SER E 170 -7.21 25.57 3.05
CA SER E 170 -7.90 24.33 2.74
C SER E 170 -6.95 23.48 1.86
N ALA E 171 -6.15 24.16 1.03
CA ALA E 171 -5.18 23.53 0.13
C ALA E 171 -3.82 24.17 0.43
N PRO E 172 -3.14 23.70 1.49
CA PRO E 172 -1.84 24.24 1.88
C PRO E 172 -0.62 23.83 1.08
N PHE E 173 -0.77 22.89 0.17
CA PHE E 173 0.39 22.46 -0.61
C PHE E 173 0.05 22.18 -2.06
N ILE E 174 1.07 22.21 -2.90
CA ILE E 174 0.90 21.98 -4.32
C ILE E 174 1.71 20.74 -4.71
N GLU E 175 1.24 20.04 -5.74
CA GLU E 175 1.87 18.82 -6.23
C GLU E 175 2.67 19.06 -7.50
N CYS E 176 3.93 18.61 -7.51
CA CYS E 176 4.78 18.76 -8.69
C CYS E 176 5.29 17.41 -9.17
N HIS E 177 5.59 17.33 -10.46
CA HIS E 177 6.06 16.09 -11.07
C HIS E 177 7.46 16.24 -11.68
N GLY E 178 8.15 15.11 -11.82
CA GLY E 178 9.49 15.13 -12.39
C GLY E 178 9.51 15.73 -13.79
N ARG E 179 8.41 15.67 -14.52
CA ARG E 179 8.42 16.23 -15.87
C ARG E 179 8.42 17.76 -15.84
N GLY E 180 8.17 18.35 -14.67
CA GLY E 180 8.20 19.79 -14.56
C GLY E 180 6.88 20.50 -14.39
N THR E 181 5.80 19.74 -14.23
CA THR E 181 4.47 20.30 -14.05
C THR E 181 4.10 20.30 -12.57
N CYS E 182 3.23 21.23 -12.17
CA CYS E 182 2.72 21.29 -10.80
C CYS E 182 1.25 21.67 -10.92
N ASN E 183 0.44 21.28 -9.95
CA ASN E 183 -0.97 21.63 -9.99
C ASN E 183 -1.60 21.24 -8.67
N TYR E 184 -2.84 21.67 -8.50
CA TYR E 184 -3.63 21.32 -7.33
C TYR E 184 -4.56 20.24 -7.84
N TYR E 185 -4.67 19.13 -7.13
CA TYR E 185 -5.57 18.06 -7.57
C TYR E 185 -6.65 17.86 -6.51
N ALA E 186 -7.82 17.42 -6.95
CA ALA E 186 -8.96 17.23 -6.06
C ALA E 186 -8.73 16.28 -4.90
N ASN E 187 -7.77 15.37 -5.05
CA ASN E 187 -7.50 14.42 -3.97
C ASN E 187 -6.40 14.89 -3.03
N ALA E 188 -6.01 16.17 -3.12
CA ALA E 188 -4.99 16.70 -2.24
C ALA E 188 -5.72 17.01 -0.93
N TYR E 189 -5.52 16.18 0.09
CA TYR E 189 -6.21 16.34 1.37
C TYR E 189 -5.32 16.84 2.48
N SER E 190 -5.80 17.81 3.24
CA SER E 190 -5.04 18.31 4.37
C SER E 190 -5.83 17.91 5.62
N PHE E 191 -5.13 17.39 6.63
CA PHE E 191 -5.80 16.96 7.85
C PHE E 191 -5.37 17.87 9.00
N TRP E 192 -6.35 18.38 9.74
CA TRP E 192 -6.11 19.29 10.85
C TRP E 192 -6.76 18.76 12.12
N LEU E 193 -6.23 19.09 13.29
CA LEU E 193 -6.90 18.67 14.49
C LEU E 193 -8.22 19.45 14.55
N ALA E 194 -9.27 18.77 15.01
CA ALA E 194 -10.59 19.38 15.11
C ALA E 194 -10.78 19.98 16.49
N THR E 195 -11.78 20.85 16.63
CA THR E 195 -12.08 21.44 17.94
C THR E 195 -13.00 20.44 18.63
N ILE E 196 -12.77 20.20 19.91
CA ILE E 196 -13.56 19.22 20.65
C ILE E 196 -13.99 19.87 21.96
N GLU E 197 -15.29 19.86 22.25
CA GLU E 197 -15.78 20.40 23.53
C GLU E 197 -15.54 19.32 24.58
N ARG E 198 -15.45 19.69 25.86
CA ARG E 198 -15.22 18.70 26.90
C ARG E 198 -16.31 17.62 26.84
N SER E 199 -17.55 18.04 26.63
CA SER E 199 -18.67 17.11 26.57
C SER E 199 -18.69 16.22 25.35
N GLU E 200 -17.84 16.51 24.36
CA GLU E 200 -17.81 15.71 23.13
C GLU E 200 -16.73 14.63 23.12
N MET E 201 -15.81 14.69 24.08
CA MET E 201 -14.73 13.72 24.11
C MET E 201 -15.19 12.27 24.13
N PHE E 202 -16.07 11.92 25.06
CA PHE E 202 -16.56 10.56 25.19
C PHE E 202 -18.01 10.46 24.76
N LYS E 203 -18.25 11.00 23.56
CA LYS E 203 -19.57 11.02 22.93
C LYS E 203 -19.25 10.75 21.45
N LYS E 204 -20.18 10.11 20.75
CA LYS E 204 -19.98 9.85 19.34
C LYS E 204 -19.72 11.20 18.66
N PRO E 205 -18.68 11.28 17.83
CA PRO E 205 -18.42 12.56 17.16
C PRO E 205 -19.62 12.92 16.28
N THR E 206 -19.96 14.21 16.21
CA THR E 206 -21.08 14.67 15.38
C THR E 206 -20.51 15.01 13.99
N PRO E 207 -20.88 14.25 12.95
CA PRO E 207 -20.32 14.56 11.63
C PRO E 207 -20.73 15.96 11.16
N SER E 208 -19.87 16.60 10.40
CA SER E 208 -20.21 17.90 9.84
C SER E 208 -19.44 18.10 8.54
N THR E 209 -20.07 18.77 7.59
CA THR E 209 -19.41 19.05 6.32
C THR E 209 -19.44 20.57 6.31
N LEU E 210 -18.27 21.17 6.28
CA LEU E 210 -18.11 22.62 6.35
C LEU E 210 -17.73 23.24 5.02
N LYS E 211 -18.23 24.45 4.76
CA LYS E 211 -17.91 25.12 3.51
C LYS E 211 -17.24 26.47 3.73
N ALA E 212 -16.82 27.07 2.63
CA ALA E 212 -16.13 28.36 2.65
C ALA E 212 -16.73 29.30 3.67
N GLY E 213 -15.89 29.86 4.53
CA GLY E 213 -16.36 30.79 5.53
C GLY E 213 -16.58 30.18 6.90
N GLU E 214 -16.66 28.86 6.97
CA GLU E 214 -16.87 28.23 8.27
C GLU E 214 -15.84 27.13 8.53
N LEU E 215 -14.74 27.17 7.78
CA LEU E 215 -13.70 26.15 7.95
C LEU E 215 -12.80 26.44 9.14
N ARG E 216 -12.08 27.54 9.03
CA ARG E 216 -11.11 28.01 10.01
C ARG E 216 -11.60 28.00 11.46
N THR E 217 -12.90 28.20 11.66
CA THR E 217 -13.48 28.23 12.99
C THR E 217 -13.74 26.85 13.61
N HIS E 218 -13.44 25.79 12.88
CA HIS E 218 -13.64 24.44 13.40
C HIS E 218 -12.31 23.68 13.49
N VAL E 219 -11.23 24.45 13.34
CA VAL E 219 -9.90 23.88 13.38
C VAL E 219 -9.19 24.25 14.67
N SER E 220 -8.55 23.27 15.27
CA SER E 220 -7.79 23.45 16.49
C SER E 220 -6.73 24.54 16.35
N ARG E 221 -6.51 25.32 17.41
CA ARG E 221 -5.50 26.36 17.36
C ARG E 221 -4.24 25.87 18.07
N CYS E 222 -3.12 26.54 17.79
CA CYS E 222 -1.87 26.14 18.40
C CYS E 222 -0.98 27.33 18.64
N GLN E 223 0.05 27.10 19.45
CA GLN E 223 1.02 28.14 19.72
C GLN E 223 2.39 27.49 19.71
N VAL E 224 3.35 28.19 19.10
CA VAL E 224 4.74 27.73 19.05
C VAL E 224 5.43 28.56 20.12
N CYS E 225 6.12 27.87 21.01
CA CYS E 225 6.77 28.50 22.14
C CYS E 225 8.24 28.16 22.24
N MET E 226 9.01 29.07 22.83
CA MET E 226 10.44 28.87 23.05
C MET E 226 10.71 28.98 24.55
N ARG E 227 11.55 28.10 25.07
CA ARG E 227 11.87 28.11 26.47
C ARG E 227 12.64 29.41 26.81
N ARG E 228 12.28 30.06 27.91
CA ARG E 228 12.93 31.30 28.31
C ARG E 228 14.28 30.97 28.93
N THR E 229 15.27 31.80 28.66
CA THR E 229 16.61 31.58 29.21
C THR E 229 17.27 32.90 29.64
N ILE F 4 25.65 18.45 28.28
CA ILE F 4 24.17 18.48 28.50
C ILE F 4 23.52 17.18 28.02
N GLY F 5 24.18 16.48 27.09
CA GLY F 5 23.66 15.22 26.60
C GLY F 5 23.32 15.01 25.13
N TYR F 6 23.73 15.89 24.21
CA TYR F 6 23.42 15.67 22.80
C TYR F 6 24.14 14.39 22.38
N LEU F 7 23.51 13.63 21.52
CA LEU F 7 24.10 12.39 21.07
C LEU F 7 24.49 12.53 19.61
N LEU F 8 25.77 12.36 19.32
CA LEU F 8 26.25 12.42 17.94
C LEU F 8 26.39 10.97 17.48
N VAL F 9 25.75 10.64 16.37
CA VAL F 9 25.82 9.28 15.88
C VAL F 9 26.61 9.25 14.60
N LYS F 10 27.54 8.30 14.51
CA LYS F 10 28.36 8.17 13.31
C LYS F 10 28.27 6.77 12.76
N HIS F 11 28.10 6.67 11.45
CA HIS F 11 28.04 5.37 10.78
C HIS F 11 29.28 5.31 9.89
N SER F 12 30.08 4.26 10.06
CA SER F 12 31.33 4.14 9.32
C SER F 12 31.19 3.70 7.87
N GLN F 13 30.14 2.94 7.59
CA GLN F 13 29.95 2.39 6.24
C GLN F 13 31.11 1.42 5.96
N THR F 14 31.68 0.87 7.04
CA THR F 14 32.77 -0.12 6.94
C THR F 14 32.47 -1.09 8.07
N ASP F 15 33.21 -2.19 8.17
CA ASP F 15 32.95 -3.13 9.25
C ASP F 15 33.73 -2.77 10.51
N GLN F 16 34.20 -1.54 10.58
CA GLN F 16 34.93 -1.09 11.77
C GLN F 16 34.14 0.01 12.45
N GLU F 17 33.98 -0.09 13.77
CA GLU F 17 33.24 0.95 14.46
C GLU F 17 34.00 2.26 14.41
N PRO F 18 33.31 3.36 14.14
CA PRO F 18 33.97 4.65 14.06
C PRO F 18 34.41 5.14 15.44
N MET F 19 35.50 5.89 15.49
CA MET F 19 36.01 6.40 16.75
C MET F 19 35.27 7.71 17.02
N CYS F 20 34.92 7.97 18.28
CA CYS F 20 34.24 9.22 18.61
C CYS F 20 35.28 10.34 18.61
N PRO F 21 34.85 11.59 18.37
CA PRO F 21 35.75 12.74 18.36
C PRO F 21 36.33 12.87 19.77
N VAL F 22 37.56 13.38 19.90
CA VAL F 22 38.16 13.55 21.23
C VAL F 22 37.28 14.43 22.13
N GLY F 23 37.12 14.01 23.38
CA GLY F 23 36.32 14.78 24.31
C GLY F 23 34.87 14.32 24.39
N MET F 24 34.46 13.49 23.43
CA MET F 24 33.10 12.97 23.38
C MET F 24 33.10 11.50 23.76
N ASN F 25 32.63 11.19 24.98
CA ASN F 25 32.61 9.81 25.43
C ASN F 25 31.76 8.92 24.52
N LYS F 26 32.29 7.75 24.18
CA LYS F 26 31.55 6.82 23.35
C LYS F 26 30.58 6.09 24.27
N LEU F 27 29.28 6.31 24.08
CA LEU F 27 28.30 5.62 24.91
C LEU F 27 28.19 4.15 24.54
N TRP F 28 28.26 3.84 23.24
CA TRP F 28 28.27 2.47 22.77
C TRP F 28 28.52 2.45 21.28
N SER F 29 28.81 1.25 20.78
CA SER F 29 29.02 1.06 19.36
C SER F 29 28.07 -0.05 18.98
N GLY F 30 27.73 -0.13 17.71
CA GLY F 30 26.82 -1.17 17.30
C GLY F 30 26.80 -1.32 15.81
N TYR F 31 25.65 -1.76 15.30
CA TYR F 31 25.43 -1.98 13.88
C TYR F 31 24.40 -0.97 13.37
N SER F 32 24.67 -0.45 12.18
CA SER F 32 23.87 0.57 11.51
C SER F 32 22.51 0.06 11.05
N LEU F 33 21.49 0.30 11.87
CA LEU F 33 20.12 -0.14 11.59
C LEU F 33 19.38 0.89 10.74
N LEU F 34 18.87 0.49 9.59
CA LEU F 34 18.14 1.42 8.73
C LEU F 34 16.64 1.31 9.05
N TYR F 35 16.10 0.09 8.95
CA TYR F 35 14.71 -0.13 9.30
C TYR F 35 14.32 -1.59 9.50
N PHE F 36 13.20 -1.78 10.17
CA PHE F 36 12.62 -3.09 10.39
C PHE F 36 11.41 -3.13 9.46
N GLU F 37 11.02 -4.33 9.04
CA GLU F 37 9.84 -4.47 8.23
C GLU F 37 9.04 -5.59 8.87
N GLY F 38 7.94 -5.22 9.51
CA GLY F 38 7.06 -6.18 10.16
C GLY F 38 5.71 -6.09 9.45
N GLN F 39 5.15 -7.22 9.05
CA GLN F 39 3.87 -7.21 8.32
C GLN F 39 3.97 -6.32 7.08
N GLU F 40 5.14 -6.36 6.46
CA GLU F 40 5.41 -5.59 5.23
C GLU F 40 5.17 -4.11 5.36
N LYS F 41 5.45 -3.61 6.56
CA LYS F 41 5.32 -2.20 6.85
C LYS F 41 6.69 -1.80 7.41
N ALA F 42 7.34 -0.84 6.77
CA ALA F 42 8.64 -0.38 7.21
C ALA F 42 8.57 0.55 8.41
N HIS F 43 9.46 0.36 9.39
CA HIS F 43 9.56 1.31 10.49
C HIS F 43 11.04 1.64 10.58
N ASN F 44 11.37 2.87 10.19
CA ASN F 44 12.74 3.36 10.12
C ASN F 44 13.33 4.00 11.37
N GLN F 45 14.66 4.00 11.45
CA GLN F 45 15.37 4.66 12.53
C GLN F 45 16.15 5.75 11.78
N ASP F 46 16.10 6.97 12.31
CA ASP F 46 16.80 8.13 11.72
C ASP F 46 18.32 7.86 11.87
N LEU F 47 19.07 7.84 10.77
CA LEU F 47 20.50 7.54 10.86
C LEU F 47 21.29 8.54 11.71
N GLY F 48 20.71 9.71 11.95
CA GLY F 48 21.35 10.71 12.79
C GLY F 48 21.01 10.55 14.26
N LEU F 49 20.13 9.59 14.59
CA LEU F 49 19.74 9.37 15.99
C LEU F 49 20.30 8.07 16.55
N ALA F 50 20.49 8.02 17.86
CA ALA F 50 21.07 6.84 18.50
C ALA F 50 20.31 5.54 18.30
N GLY F 51 19.01 5.63 18.00
CA GLY F 51 18.23 4.44 17.78
C GLY F 51 18.69 3.69 16.53
N SER F 52 19.42 4.36 15.64
CA SER F 52 19.90 3.70 14.43
C SER F 52 21.19 2.93 14.70
N CYS F 53 21.65 2.92 15.95
CA CYS F 53 22.86 2.20 16.28
C CYS F 53 22.49 1.15 17.30
N LEU F 54 22.27 -0.06 16.80
CA LEU F 54 21.84 -1.16 17.67
C LEU F 54 23.06 -1.96 18.10
N ALA F 55 23.24 -2.09 19.41
CA ALA F 55 24.37 -2.81 19.99
C ALA F 55 24.54 -4.25 19.51
N ARG F 56 23.44 -4.98 19.39
CA ARG F 56 23.51 -6.37 18.95
C ARG F 56 22.78 -6.60 17.64
N PHE F 57 23.49 -7.16 16.68
CA PHE F 57 22.91 -7.45 15.38
C PHE F 57 22.15 -8.76 15.39
N SER F 58 21.22 -8.88 14.44
CA SER F 58 20.48 -10.12 14.22
C SER F 58 19.68 -9.91 12.96
N THR F 59 19.50 -10.96 12.17
CA THR F 59 18.69 -10.80 10.96
C THR F 59 17.24 -10.54 11.43
N MET F 60 16.92 -10.98 12.65
CA MET F 60 15.59 -10.71 13.23
C MET F 60 15.72 -10.20 14.64
N PRO F 61 15.90 -8.88 14.77
CA PRO F 61 16.04 -8.28 16.11
C PRO F 61 14.76 -7.94 16.85
N PHE F 62 13.60 -8.30 16.28
CA PHE F 62 12.35 -8.01 16.96
C PHE F 62 11.39 -9.17 16.91
N LEU F 63 10.33 -9.08 17.71
CA LEU F 63 9.26 -10.07 17.76
C LEU F 63 7.96 -9.28 17.76
N TYR F 64 6.83 -9.98 17.66
CA TYR F 64 5.56 -9.28 17.70
C TYR F 64 4.50 -10.08 18.45
N CYS F 65 3.51 -9.37 18.97
CA CYS F 65 2.41 -9.97 19.71
C CYS F 65 1.07 -9.38 19.27
N ASN F 66 -0.02 -10.08 19.60
CA ASN F 66 -1.35 -9.58 19.30
C ASN F 66 -2.17 -9.65 20.59
N PRO F 67 -3.40 -9.11 20.57
CA PRO F 67 -4.27 -9.10 21.76
C PRO F 67 -4.67 -10.46 22.34
N GLY F 68 -4.38 -11.56 21.65
CA GLY F 68 -4.74 -12.87 22.19
C GLY F 68 -3.65 -13.41 23.11
N ASP F 69 -2.68 -12.57 23.45
CA ASP F 69 -1.58 -12.98 24.33
C ASP F 69 -0.71 -14.07 23.73
N VAL F 70 -0.33 -13.87 22.48
CA VAL F 70 0.54 -14.78 21.77
C VAL F 70 1.61 -13.90 21.13
N CYS F 71 2.87 -14.27 21.31
CA CYS F 71 3.96 -13.51 20.68
C CYS F 71 4.76 -14.50 19.87
N TYR F 72 5.21 -14.05 18.69
CA TYR F 72 5.99 -14.87 17.80
C TYR F 72 7.35 -14.22 17.54
N TYR F 73 8.42 -14.98 17.78
CA TYR F 73 9.76 -14.49 17.47
C TYR F 73 10.29 -15.30 16.28
N ALA F 74 10.68 -14.60 15.22
CA ALA F 74 11.23 -15.22 14.03
C ALA F 74 10.36 -16.37 13.55
N SER F 75 9.04 -16.20 13.67
CA SER F 75 8.11 -17.24 13.28
C SER F 75 7.17 -16.87 12.15
N ARG F 76 7.58 -15.91 11.32
CA ARG F 76 6.76 -15.55 10.18
C ARG F 76 7.61 -15.20 8.96
N ASN F 77 7.51 -13.98 8.45
CA ASN F 77 8.25 -13.65 7.24
C ASN F 77 8.80 -12.22 7.23
N ASP F 78 9.16 -11.72 8.40
CA ASP F 78 9.67 -10.35 8.53
C ASP F 78 11.14 -10.16 8.19
N LYS F 79 11.54 -8.90 8.07
CA LYS F 79 12.89 -8.56 7.65
C LYS F 79 13.51 -7.40 8.42
N SER F 80 14.81 -7.21 8.22
CA SER F 80 15.54 -6.09 8.81
C SER F 80 16.47 -5.57 7.73
N TYR F 81 16.70 -4.26 7.72
CA TYR F 81 17.55 -3.61 6.74
C TYR F 81 18.62 -2.85 7.49
N TRP F 82 19.85 -2.92 6.99
CA TRP F 82 20.98 -2.28 7.63
C TRP F 82 21.80 -1.47 6.64
N LEU F 83 22.41 -0.39 7.13
CA LEU F 83 23.27 0.42 6.28
C LEU F 83 24.44 -0.51 5.91
N SER F 84 24.86 -0.44 4.65
CA SER F 84 25.89 -1.30 4.10
C SER F 84 27.32 -0.77 4.21
N THR F 85 28.30 -1.67 4.10
CA THR F 85 29.69 -1.25 4.08
C THR F 85 29.92 -0.96 2.61
N THR F 86 31.09 -0.45 2.27
CA THR F 86 31.39 -0.13 0.88
C THR F 86 31.97 -1.34 0.16
N ALA F 87 31.79 -2.50 0.77
CA ALA F 87 32.28 -3.76 0.21
C ALA F 87 31.60 -4.11 -1.10
N PRO F 88 32.34 -4.77 -2.02
CA PRO F 88 31.75 -5.15 -3.31
C PRO F 88 30.53 -6.03 -3.03
N LEU F 89 29.48 -5.87 -3.83
CA LEU F 89 28.25 -6.63 -3.64
C LEU F 89 28.38 -8.12 -3.93
N PRO F 90 27.86 -8.97 -3.03
CA PRO F 90 27.93 -10.42 -3.22
C PRO F 90 27.04 -10.85 -4.37
N MET F 91 27.30 -12.02 -4.93
CA MET F 91 26.54 -12.54 -6.04
C MET F 91 25.32 -13.32 -5.58
N MET F 92 25.40 -13.85 -4.36
CA MET F 92 24.31 -14.62 -3.79
C MET F 92 24.18 -14.17 -2.34
N PRO F 93 23.06 -14.51 -1.69
CA PRO F 93 22.85 -14.12 -0.29
C PRO F 93 23.99 -14.67 0.59
N VAL F 94 24.34 -13.91 1.64
CA VAL F 94 25.37 -14.33 2.58
C VAL F 94 24.70 -14.77 3.86
N ALA F 95 25.27 -15.77 4.51
CA ALA F 95 24.68 -16.30 5.74
C ALA F 95 25.58 -16.22 6.95
N GLU F 96 24.94 -16.09 8.10
CA GLU F 96 25.60 -16.03 9.39
C GLU F 96 26.91 -15.22 9.36
N ASP F 97 28.02 -15.82 9.76
CA ASP F 97 29.28 -15.09 9.78
C ASP F 97 29.66 -14.38 8.49
N GLU F 98 29.20 -14.88 7.34
CA GLU F 98 29.53 -14.22 6.08
C GLU F 98 28.82 -12.87 5.94
N ILE F 99 27.94 -12.57 6.89
CA ILE F 99 27.21 -11.29 6.86
C ILE F 99 28.05 -10.14 7.39
N LYS F 100 28.80 -10.41 8.46
CA LYS F 100 29.62 -9.39 9.13
C LYS F 100 30.29 -8.32 8.27
N PRO F 101 31.05 -8.72 7.24
CA PRO F 101 31.70 -7.71 6.40
C PRO F 101 30.79 -6.75 5.63
N TYR F 102 29.49 -7.04 5.60
CA TYR F 102 28.54 -6.21 4.87
C TYR F 102 27.75 -5.21 5.73
N ILE F 103 27.80 -5.37 7.04
CA ILE F 103 27.05 -4.47 7.92
C ILE F 103 27.86 -3.29 8.44
N SER F 104 27.41 -2.08 8.13
CA SER F 104 28.08 -0.87 8.61
C SER F 104 28.05 -0.84 10.15
N ARG F 105 29.08 -0.26 10.75
CA ARG F 105 29.15 -0.15 12.20
C ARG F 105 28.88 1.32 12.55
N CYS F 106 28.62 1.58 13.82
CA CYS F 106 28.31 2.94 14.26
C CYS F 106 28.72 3.12 15.70
N SER F 107 28.81 4.38 16.09
CA SER F 107 29.12 4.74 17.47
C SER F 107 28.23 5.91 17.84
N VAL F 108 27.81 5.90 19.09
CA VAL F 108 26.97 6.94 19.65
C VAL F 108 27.90 7.69 20.61
N CYS F 109 28.11 8.97 20.34
CA CYS F 109 29.00 9.80 21.12
C CYS F 109 28.27 10.92 21.87
N GLU F 110 28.60 11.09 23.15
CA GLU F 110 28.00 12.14 23.95
C GLU F 110 28.67 13.46 23.55
N ALA F 111 27.89 14.37 22.95
CA ALA F 111 28.43 15.64 22.49
C ALA F 111 28.02 16.80 23.37
N PRO F 112 28.76 17.92 23.29
CA PRO F 112 28.48 19.12 24.08
C PRO F 112 27.41 20.01 23.48
N ALA F 113 27.18 19.87 22.18
CA ALA F 113 26.20 20.69 21.50
C ALA F 113 25.51 19.87 20.41
N ILE F 114 24.45 20.43 19.83
CA ILE F 114 23.70 19.75 18.78
C ILE F 114 24.44 19.73 17.44
N ALA F 115 24.22 18.68 16.65
CA ALA F 115 24.82 18.58 15.33
C ALA F 115 23.69 18.65 14.32
N ILE F 116 23.92 19.31 13.19
CA ILE F 116 22.92 19.41 12.14
C ILE F 116 23.63 19.14 10.83
N ALA F 117 22.83 18.91 9.79
CA ALA F 117 23.39 18.69 8.47
C ALA F 117 22.89 19.85 7.62
N VAL F 118 23.72 20.28 6.67
CA VAL F 118 23.34 21.33 5.74
C VAL F 118 23.63 20.77 4.35
N HIS F 119 22.81 21.15 3.38
CA HIS F 119 22.92 20.64 2.03
C HIS F 119 23.00 21.78 1.03
N SER F 120 23.89 21.64 0.05
CA SER F 120 24.07 22.68 -0.95
C SER F 120 23.17 22.53 -2.17
N GLN F 121 22.77 21.30 -2.50
CA GLN F 121 21.99 21.08 -3.74
C GLN F 121 22.86 21.66 -4.86
N ASP F 122 24.18 21.52 -4.70
CA ASP F 122 25.15 22.06 -5.66
C ASP F 122 26.42 21.20 -5.58
N VAL F 123 27.32 21.33 -6.56
CA VAL F 123 28.55 20.54 -6.51
C VAL F 123 29.44 21.10 -5.38
N SER F 124 29.22 22.36 -5.04
CA SER F 124 30.00 23.00 -3.99
C SER F 124 29.59 22.50 -2.61
N ILE F 125 30.52 22.51 -1.67
CA ILE F 125 30.26 22.08 -0.30
C ILE F 125 29.52 23.21 0.40
N PRO F 126 28.39 22.92 1.05
CA PRO F 126 27.69 24.02 1.73
C PRO F 126 28.44 24.41 3.00
N HIS F 127 28.47 25.71 3.30
CA HIS F 127 29.15 26.19 4.50
C HIS F 127 28.37 25.92 5.78
N CYS F 128 29.07 25.67 6.87
CA CYS F 128 28.39 25.46 8.13
C CYS F 128 27.95 26.86 8.52
N PRO F 129 26.85 26.99 9.27
CA PRO F 129 26.45 28.34 9.63
C PRO F 129 27.50 29.02 10.52
N ALA F 130 27.49 30.35 10.54
CA ALA F 130 28.44 31.10 11.36
C ALA F 130 28.39 30.61 12.80
N GLY F 131 29.56 30.31 13.38
CA GLY F 131 29.61 29.85 14.75
C GLY F 131 29.49 28.35 14.92
N TRP F 132 29.48 27.61 13.81
CA TRP F 132 29.40 26.16 13.85
C TRP F 132 30.61 25.61 13.11
N ARG F 133 31.14 24.49 13.58
CA ARG F 133 32.29 23.88 12.96
C ARG F 133 31.88 22.58 12.26
N SER F 134 32.63 22.21 11.23
CA SER F 134 32.37 21.00 10.47
C SER F 134 32.86 19.76 11.16
N LEU F 135 32.06 18.70 11.15
CA LEU F 135 32.47 17.44 11.73
C LEU F 135 32.83 16.51 10.57
N TRP F 136 32.10 16.64 9.47
CA TRP F 136 32.38 15.86 8.26
C TRP F 136 31.63 16.39 7.05
N ILE F 137 32.05 15.91 5.89
CA ILE F 137 31.47 16.30 4.62
C ILE F 137 30.94 15.04 3.96
N GLY F 138 29.88 15.15 3.18
CA GLY F 138 29.35 13.95 2.56
C GLY F 138 28.39 14.24 1.41
N TYR F 139 27.58 13.24 1.11
CA TYR F 139 26.58 13.33 0.04
C TYR F 139 25.18 13.32 0.65
N SER F 140 24.28 14.08 0.05
CA SER F 140 22.90 14.23 0.53
C SER F 140 22.04 12.98 0.30
N PHE F 141 21.97 12.11 1.31
CA PHE F 141 21.20 10.87 1.24
C PHE F 141 19.76 11.20 1.70
N LEU F 142 18.80 11.06 0.79
CA LEU F 142 17.41 11.43 1.07
C LEU F 142 16.45 10.31 1.48
N MET F 143 16.37 9.27 0.68
CA MET F 143 15.48 8.18 1.00
C MET F 143 15.88 6.88 0.32
N HIS F 144 15.10 5.85 0.56
CA HIS F 144 15.37 4.56 -0.01
C HIS F 144 14.10 3.72 -0.12
N THR F 145 14.11 2.76 -1.05
CA THR F 145 13.00 1.82 -1.16
C THR F 145 13.60 0.46 -1.47
N ALA F 146 12.89 -0.60 -1.11
CA ALA F 146 13.38 -1.94 -1.38
C ALA F 146 12.19 -2.83 -1.76
N ALA F 147 11.89 -3.80 -0.91
CA ALA F 147 10.78 -4.73 -1.12
C ALA F 147 9.47 -3.95 -1.20
N GLY F 148 8.63 -4.28 -2.18
CA GLY F 148 7.36 -3.59 -2.33
C GLY F 148 7.55 -2.10 -2.51
N ASP F 149 6.73 -1.30 -1.84
CA ASP F 149 6.89 0.15 -1.91
C ASP F 149 7.38 0.60 -0.53
N GLU F 150 7.90 -0.36 0.25
CA GLU F 150 8.41 -0.04 1.58
C GLU F 150 9.82 0.54 1.49
N GLY F 151 10.21 1.27 2.53
CA GLY F 151 11.51 1.90 2.56
C GLY F 151 11.44 2.98 3.62
N GLY F 152 12.07 4.11 3.36
CA GLY F 152 12.07 5.18 4.34
C GLY F 152 12.95 6.31 3.88
N GLY F 153 13.28 7.21 4.79
CA GLY F 153 14.11 8.32 4.40
C GLY F 153 14.71 9.05 5.58
N GLN F 154 15.64 9.93 5.27
CA GLN F 154 16.33 10.70 6.28
C GLN F 154 15.83 12.12 6.41
N SER F 155 16.00 12.67 7.59
CA SER F 155 15.66 14.06 7.86
C SER F 155 16.86 14.85 7.33
N LEU F 156 16.62 15.85 6.50
CA LEU F 156 17.73 16.61 5.95
C LEU F 156 18.51 17.49 6.93
N VAL F 157 17.97 17.73 8.13
CA VAL F 157 18.71 18.53 9.09
C VAL F 157 19.46 17.58 10.04
N SER F 158 19.18 16.30 9.89
CA SER F 158 19.82 15.27 10.72
C SER F 158 21.14 14.82 10.06
N PRO F 159 22.17 14.52 10.88
CA PRO F 159 23.45 14.07 10.33
C PRO F 159 23.24 12.79 9.50
N GLY F 160 22.10 12.12 9.73
CA GLY F 160 21.78 10.90 9.01
C GLY F 160 21.62 11.05 7.51
N SER F 161 21.34 12.28 7.06
CA SER F 161 21.15 12.56 5.65
C SER F 161 22.48 12.91 4.97
N CYS F 162 23.57 12.82 5.72
CA CYS F 162 24.88 13.17 5.16
C CYS F 162 25.83 12.00 5.29
N LEU F 163 25.94 11.20 4.22
CA LEU F 163 26.80 10.02 4.25
C LEU F 163 28.14 10.37 3.62
N GLU F 164 29.22 10.00 4.30
CA GLU F 164 30.55 10.31 3.78
C GLU F 164 30.84 9.59 2.48
N ASP F 165 30.35 8.36 2.34
CA ASP F 165 30.57 7.59 1.14
C ASP F 165 29.31 7.40 0.31
N PHE F 166 29.35 7.83 -0.94
CA PHE F 166 28.20 7.64 -1.82
C PHE F 166 28.24 6.17 -2.23
N ARG F 167 27.09 5.52 -2.23
CA ARG F 167 26.99 4.12 -2.64
C ARG F 167 25.61 4.01 -3.31
N ALA F 168 25.56 3.48 -4.53
CA ALA F 168 24.29 3.35 -5.23
C ALA F 168 23.33 2.44 -4.48
N THR F 169 23.89 1.47 -3.75
CA THR F 169 23.08 0.53 -2.95
C THR F 169 23.71 0.55 -1.57
N PRO F 170 23.40 1.59 -0.79
CA PRO F 170 23.91 1.81 0.56
C PRO F 170 23.36 0.99 1.69
N PHE F 171 22.50 0.02 1.40
CA PHE F 171 21.94 -0.80 2.46
C PHE F 171 21.69 -2.23 2.00
N ILE F 172 21.52 -3.11 2.96
CA ILE F 172 21.33 -4.52 2.67
C ILE F 172 20.06 -5.04 3.34
N GLU F 173 19.48 -6.09 2.73
CA GLU F 173 18.25 -6.71 3.22
C GLU F 173 18.49 -8.05 3.89
N CYS F 174 18.03 -8.18 5.13
CA CYS F 174 18.19 -9.46 5.81
C CYS F 174 16.86 -10.19 6.00
N ASN F 175 16.86 -11.45 5.57
CA ASN F 175 15.73 -12.36 5.68
C ASN F 175 15.73 -12.83 7.13
N GLY F 176 14.78 -12.31 7.91
CA GLY F 176 14.71 -12.63 9.33
C GLY F 176 14.88 -14.09 9.70
N GLY F 177 14.02 -14.94 9.16
CA GLY F 177 14.05 -16.35 9.48
C GLY F 177 15.17 -17.18 8.89
N ARG F 178 15.63 -16.83 7.69
CA ARG F 178 16.70 -17.59 7.08
C ARG F 178 18.08 -17.22 7.63
N GLY F 179 18.18 -16.06 8.26
CA GLY F 179 19.46 -15.64 8.80
C GLY F 179 20.46 -15.32 7.69
N THR F 180 19.93 -14.87 6.57
CA THR F 180 20.74 -14.51 5.42
C THR F 180 20.43 -13.06 5.02
N CYS F 181 21.36 -12.43 4.30
CA CYS F 181 21.14 -11.06 3.84
C CYS F 181 21.60 -10.98 2.40
N HIS F 182 21.06 -10.02 1.64
CA HIS F 182 21.47 -9.91 0.26
C HIS F 182 21.06 -8.55 -0.32
N TYR F 183 21.58 -8.21 -1.49
CA TYR F 183 21.23 -6.96 -2.15
C TYR F 183 20.43 -7.37 -3.35
N TYR F 184 19.17 -6.94 -3.40
CA TYR F 184 18.29 -7.29 -4.50
C TYR F 184 18.16 -6.14 -5.49
N ALA F 185 17.85 -6.48 -6.74
CA ALA F 185 17.75 -5.48 -7.78
C ALA F 185 16.72 -4.38 -7.57
N ASN F 186 15.72 -4.61 -6.72
CA ASN F 186 14.73 -3.56 -6.52
C ASN F 186 15.13 -2.50 -5.51
N LYS F 187 16.32 -2.62 -4.94
CA LYS F 187 16.78 -1.61 -3.99
C LYS F 187 17.10 -0.31 -4.69
N TYR F 188 16.62 0.79 -4.14
CA TYR F 188 16.92 2.11 -4.69
C TYR F 188 17.36 3.05 -3.60
N SER F 189 18.32 3.92 -3.92
CA SER F 189 18.76 4.94 -2.99
C SER F 189 18.39 6.22 -3.70
N PHE F 190 17.94 7.22 -2.94
CA PHE F 190 17.56 8.51 -3.51
C PHE F 190 18.44 9.57 -2.88
N TRP F 191 18.89 10.50 -3.71
CA TRP F 191 19.78 11.55 -3.23
C TRP F 191 19.36 12.91 -3.76
N LEU F 192 19.61 13.96 -2.99
CA LEU F 192 19.31 15.31 -3.47
C LEU F 192 20.22 15.53 -4.66
N THR F 193 19.73 16.23 -5.67
CA THR F 193 20.52 16.50 -6.86
C THR F 193 21.24 17.84 -6.77
N THR F 194 22.24 18.03 -7.63
CA THR F 194 22.91 19.31 -7.67
C THR F 194 22.06 20.04 -8.68
N ILE F 195 21.82 21.33 -8.43
CA ILE F 195 21.02 22.14 -9.33
C ILE F 195 21.88 23.32 -9.77
N PRO F 196 22.19 23.39 -11.07
CA PRO F 196 23.02 24.48 -11.63
C PRO F 196 22.46 25.87 -11.37
N GLU F 197 21.14 26.03 -11.48
CA GLU F 197 20.52 27.33 -11.24
C GLU F 197 20.82 27.82 -9.82
N GLN F 198 20.71 29.14 -9.64
CA GLN F 198 20.97 29.76 -8.34
C GLN F 198 19.99 29.30 -7.25
N SER F 199 18.70 29.24 -7.58
CA SER F 199 17.71 28.81 -6.59
C SER F 199 16.39 28.25 -7.12
N PHE F 200 16.08 28.47 -8.39
CA PHE F 200 14.82 27.96 -8.95
C PHE F 200 15.11 27.23 -10.25
N GLN F 201 14.89 25.91 -10.25
CA GLN F 201 15.16 25.12 -11.45
C GLN F 201 13.95 25.01 -12.38
N GLY F 202 14.22 25.07 -13.69
CA GLY F 202 13.17 24.96 -14.68
C GLY F 202 12.81 23.50 -14.88
N SER F 203 12.02 23.19 -15.89
CA SER F 203 11.67 21.80 -16.12
C SER F 203 12.95 20.97 -16.13
N PRO F 204 13.06 20.02 -15.22
CA PRO F 204 14.26 19.19 -15.16
C PRO F 204 14.50 18.39 -16.44
N SER F 205 15.77 18.30 -16.82
CA SER F 205 16.15 17.57 -18.02
C SER F 205 16.52 16.15 -17.63
N ALA F 206 15.69 15.20 -18.03
CA ALA F 206 15.90 13.79 -17.70
C ALA F 206 17.29 13.32 -18.11
N ASP F 207 17.86 12.42 -17.32
CA ASP F 207 19.18 11.91 -17.62
C ASP F 207 19.45 10.58 -16.94
N THR F 208 20.40 9.84 -17.50
CA THR F 208 20.81 8.55 -16.99
C THR F 208 22.30 8.73 -16.72
N LEU F 209 22.71 8.48 -15.48
CA LEU F 209 24.10 8.65 -15.08
C LEU F 209 24.74 7.31 -14.77
N LYS F 210 25.92 7.07 -15.37
CA LYS F 210 26.63 5.82 -15.15
C LYS F 210 27.91 6.04 -14.37
N ALA F 211 28.43 4.96 -13.79
CA ALA F 211 29.65 5.01 -12.99
C ALA F 211 30.63 6.06 -13.49
N GLY F 212 31.10 6.91 -12.58
CA GLY F 212 32.04 7.95 -12.94
C GLY F 212 31.42 9.28 -13.32
N LEU F 213 30.15 9.27 -13.67
CA LEU F 213 29.46 10.50 -14.04
C LEU F 213 28.30 10.78 -13.08
N ILE F 214 28.32 10.09 -11.95
CA ILE F 214 27.27 10.22 -10.94
C ILE F 214 27.52 11.27 -9.87
N ARG F 215 28.58 11.09 -9.08
CA ARG F 215 28.88 11.99 -7.97
C ARG F 215 28.82 13.49 -8.26
N THR F 216 29.06 13.89 -9.51
CA THR F 216 28.99 15.31 -9.82
C THR F 216 27.56 15.82 -9.83
N HIS F 217 26.60 14.91 -9.83
CA HIS F 217 25.19 15.30 -9.83
C HIS F 217 24.51 15.09 -8.49
N ILE F 218 25.28 14.71 -7.47
CA ILE F 218 24.73 14.48 -6.15
C ILE F 218 25.03 15.68 -5.25
N SER F 219 24.00 16.20 -4.59
CA SER F 219 24.17 17.33 -3.69
C SER F 219 25.17 16.99 -2.59
N ARG F 220 25.93 17.99 -2.14
CA ARG F 220 26.89 17.75 -1.06
C ARG F 220 26.34 18.29 0.23
N CYS F 221 26.91 17.84 1.35
CA CYS F 221 26.46 18.27 2.67
C CYS F 221 27.63 18.30 3.64
N GLN F 222 27.40 18.94 4.78
CA GLN F 222 28.35 18.99 5.86
C GLN F 222 27.55 18.80 7.13
N VAL F 223 28.14 18.12 8.09
CA VAL F 223 27.52 17.95 9.38
C VAL F 223 28.29 18.95 10.22
N CYS F 224 27.55 19.81 10.91
CA CYS F 224 28.10 20.87 11.72
C CYS F 224 27.66 20.82 13.16
N MET F 225 28.54 21.30 14.04
CA MET F 225 28.22 21.33 15.45
C MET F 225 28.50 22.71 15.99
N LYS F 226 27.57 23.18 16.79
CA LYS F 226 27.65 24.50 17.40
C LYS F 226 28.89 24.63 18.28
N ASN F 227 29.65 25.70 18.05
CA ASN F 227 30.86 25.98 18.86
C ASN F 227 30.37 26.67 20.12
N LEU F 228 30.76 26.20 21.29
CA LEU F 228 30.27 26.85 22.50
C LEU F 228 31.18 27.95 23.03
C ACT G . -36.63 -1.29 0.25
O ACT G . -36.27 -0.75 -0.83
OXT ACT G . -36.64 -0.68 1.34
CH3 ACT G . -37.08 -2.75 0.26
C ACT H . -10.85 -9.58 14.82
O ACT H . -11.12 -10.54 14.06
OXT ACT H . -10.05 -8.68 14.50
CH3 ACT H . -11.53 -9.51 16.17
C ACT I . -0.67 -13.93 15.50
O ACT I . -0.37 -13.32 14.46
OXT ACT I . -1.46 -14.90 15.49
CH3 ACT I . -0.07 -13.49 16.82
C ACT J . 17.25 -10.03 -7.46
O ACT J . 18.24 -9.32 -7.73
OXT ACT J . 16.16 -9.53 -7.13
CH3 ACT J . 17.37 -11.54 -7.52
C ACT K . -20.35 -21.97 13.49
O ACT K . -19.71 -21.80 14.54
OXT ACT K . -21.53 -21.54 13.33
CH3 ACT K . -19.68 -22.74 12.35
C ACT L . -8.60 16.05 -10.07
O ACT L . -8.57 17.20 -9.58
OXT ACT L . -7.83 15.15 -9.68
CH3 ACT L . -9.59 15.74 -11.18
C ACT M . 16.81 2.09 -12.72
O ACT M . 17.20 1.02 -13.21
OXT ACT M . 15.74 2.18 -12.08
CH3 ACT M . 17.67 3.34 -12.89
C ACT N . -15.43 13.39 30.35
O ACT N . -14.52 12.56 30.69
OXT ACT N . -16.57 13.05 30.00
CH3 ACT N . -15.12 14.88 30.38
C ACT O . -13.86 15.28 -0.38
O ACT O . -13.13 16.17 0.11
OXT ACT O . -13.46 14.13 -0.60
CH3 ACT O . -15.31 15.63 -0.71
#